data_1JCV
# 
_entry.id   1JCV 
# 
_audit_conform.dict_name       mmcif_pdbx.dic 
_audit_conform.dict_version    5.399 
_audit_conform.dict_location   http://mmcif.pdb.org/dictionaries/ascii/mmcif_pdbx.dic 
# 
loop_
_database_2.database_id 
_database_2.database_code 
_database_2.pdbx_database_accession 
_database_2.pdbx_DOI 
PDB   1JCV         pdb_00001jcv 10.2210/pdb1jcv/pdb 
WWPDB D_1000174307 ?            ?                   
# 
loop_
_pdbx_audit_revision_history.ordinal 
_pdbx_audit_revision_history.data_content_type 
_pdbx_audit_revision_history.major_revision 
_pdbx_audit_revision_history.minor_revision 
_pdbx_audit_revision_history.revision_date 
1 'Structure model' 1 0 1996-03-08 
2 'Structure model' 1 1 2008-03-03 
3 'Structure model' 1 2 2011-07-13 
4 'Structure model' 1 3 2024-06-05 
5 'Structure model' 1 4 2024-11-20 
# 
_pdbx_audit_revision_details.ordinal             1 
_pdbx_audit_revision_details.revision_ordinal    1 
_pdbx_audit_revision_details.data_content_type   'Structure model' 
_pdbx_audit_revision_details.provider            repository 
_pdbx_audit_revision_details.type                'Initial release' 
_pdbx_audit_revision_details.description         ? 
_pdbx_audit_revision_details.details             ? 
# 
loop_
_pdbx_audit_revision_group.ordinal 
_pdbx_audit_revision_group.revision_ordinal 
_pdbx_audit_revision_group.data_content_type 
_pdbx_audit_revision_group.group 
1 2 'Structure model' 'Version format compliance' 
2 3 'Structure model' 'Version format compliance' 
3 4 'Structure model' 'Data collection'           
4 4 'Structure model' 'Database references'       
5 4 'Structure model' 'Derived calculations'      
6 4 'Structure model' Other                       
7 5 'Structure model' 'Structure summary'         
# 
loop_
_pdbx_audit_revision_category.ordinal 
_pdbx_audit_revision_category.revision_ordinal 
_pdbx_audit_revision_category.data_content_type 
_pdbx_audit_revision_category.category 
1 4 'Structure model' chem_comp_atom            
2 4 'Structure model' chem_comp_bond            
3 4 'Structure model' database_2                
4 4 'Structure model' pdbx_database_status      
5 4 'Structure model' pdbx_struct_conn_angle    
6 4 'Structure model' struct_conn               
7 4 'Structure model' struct_site               
8 5 'Structure model' pdbx_entry_details        
9 5 'Structure model' pdbx_modification_feature 
# 
loop_
_pdbx_audit_revision_item.ordinal 
_pdbx_audit_revision_item.revision_ordinal 
_pdbx_audit_revision_item.data_content_type 
_pdbx_audit_revision_item.item 
1  4 'Structure model' '_database_2.pdbx_DOI'                        
2  4 'Structure model' '_database_2.pdbx_database_accession'         
3  4 'Structure model' '_pdbx_database_status.process_site'          
4  4 'Structure model' '_pdbx_struct_conn_angle.ptnr1_auth_comp_id'  
5  4 'Structure model' '_pdbx_struct_conn_angle.ptnr1_auth_seq_id'   
6  4 'Structure model' '_pdbx_struct_conn_angle.ptnr1_label_atom_id' 
7  4 'Structure model' '_pdbx_struct_conn_angle.ptnr1_label_comp_id' 
8  4 'Structure model' '_pdbx_struct_conn_angle.ptnr1_label_seq_id'  
9  4 'Structure model' '_pdbx_struct_conn_angle.ptnr3_auth_comp_id'  
10 4 'Structure model' '_pdbx_struct_conn_angle.ptnr3_auth_seq_id'   
11 4 'Structure model' '_pdbx_struct_conn_angle.ptnr3_label_atom_id' 
12 4 'Structure model' '_pdbx_struct_conn_angle.ptnr3_label_comp_id' 
13 4 'Structure model' '_pdbx_struct_conn_angle.ptnr3_label_seq_id'  
14 4 'Structure model' '_pdbx_struct_conn_angle.value'               
15 4 'Structure model' '_struct_conn.pdbx_dist_value'                
16 4 'Structure model' '_struct_conn.ptnr1_auth_comp_id'             
17 4 'Structure model' '_struct_conn.ptnr1_auth_seq_id'              
18 4 'Structure model' '_struct_conn.ptnr1_label_asym_id'            
19 4 'Structure model' '_struct_conn.ptnr1_label_atom_id'            
20 4 'Structure model' '_struct_conn.ptnr1_label_comp_id'            
21 4 'Structure model' '_struct_conn.ptnr1_label_seq_id'             
22 4 'Structure model' '_struct_conn.ptnr2_auth_comp_id'             
23 4 'Structure model' '_struct_conn.ptnr2_auth_seq_id'              
24 4 'Structure model' '_struct_conn.ptnr2_label_asym_id'            
25 4 'Structure model' '_struct_conn.ptnr2_label_atom_id'            
26 4 'Structure model' '_struct_conn.ptnr2_label_comp_id'            
27 4 'Structure model' '_struct_conn.ptnr2_label_seq_id'             
28 4 'Structure model' '_struct_site.pdbx_auth_asym_id'              
29 4 'Structure model' '_struct_site.pdbx_auth_comp_id'              
30 4 'Structure model' '_struct_site.pdbx_auth_seq_id'               
# 
_pdbx_database_status.status_code                     REL 
_pdbx_database_status.entry_id                        1JCV 
_pdbx_database_status.recvd_initial_deposition_date   1995-12-07 
_pdbx_database_status.deposit_site                    ? 
_pdbx_database_status.process_site                    BNL 
_pdbx_database_status.status_code_sf                  REL 
_pdbx_database_status.status_code_mr                  ? 
_pdbx_database_status.SG_entry                        ? 
_pdbx_database_status.pdb_format_compatible           Y 
_pdbx_database_status.status_code_cs                  ? 
_pdbx_database_status.status_code_nmr_data            ? 
_pdbx_database_status.methods_development_category    ? 
# 
loop_
_audit_author.name 
_audit_author.pdbx_ordinal 
'Ogihara, N.L.'   1 
'Parge, H.E.'     2 
'Hart, P.J.'      3 
'Weiss, M.S.'     4 
'Valentine, J.S.' 5 
'Eisenberg, D.S.' 6 
'Tainer, J.A.'    7 
# 
_citation.id                        primary 
_citation.title                     
'Unusual trigonal-planar copper configuration revealed in the atomic structure of yeast copper-zinc superoxide dismutase.' 
_citation.journal_abbrev            Biochemistry 
_citation.journal_volume            35 
_citation.page_first                2316 
_citation.page_last                 2321 
_citation.year                      1996 
_citation.journal_id_ASTM           BICHAW 
_citation.country                   US 
_citation.journal_id_ISSN           0006-2960 
_citation.journal_id_CSD            0033 
_citation.book_publisher            ? 
_citation.pdbx_database_id_PubMed   8652572 
_citation.pdbx_database_id_DOI      10.1021/bi951930b 
# 
loop_
_citation_author.citation_id 
_citation_author.name 
_citation_author.ordinal 
_citation_author.identifier_ORCID 
primary 'Ogihara, N.L.'   1  ? 
primary 'Parge, H.E.'     2  ? 
primary 'Hart, P.J.'      3  ? 
primary 'Weiss, M.S.'     4  ? 
primary 'Goto, J.J.'      5  ? 
primary 'Crane, B.R.'     6  ? 
primary 'Tsang, J.'       7  ? 
primary 'Slater, K.'      8  ? 
primary 'Roe, J.A.'       9  ? 
primary 'Valentine, J.S.' 10 ? 
primary 'Eisenberg, D.'   11 ? 
primary 'Tainer, J.A.'    12 ? 
# 
loop_
_entity.id 
_entity.type 
_entity.src_method 
_entity.pdbx_description 
_entity.formula_weight 
_entity.pdbx_number_of_molecules 
_entity.pdbx_ec 
_entity.pdbx_mutation 
_entity.pdbx_fragment 
_entity.details 
1 polymer     nat 'CU/ZN SUPEROXIDE DISMUTASE' 15743.389 1   1.15.1.1 ? ? 
'LOW (93K) TEMPERATURE STRUCTURE WITH THE COPPER-IMIDAZOLATE BRIDGE BROKEN' 
2 non-polymer syn 'COPPER (II) ION'            63.546    1   ?        ? ? ? 
3 non-polymer syn 'ZINC ION'                   65.409    1   ?        ? ? ? 
4 water       nat water                        18.015    183 ?        ? ? ? 
# 
_entity_name_com.entity_id   1 
_entity_name_com.name        'YEAST CU/ZN SOD' 
# 
_entity_poly.entity_id                      1 
_entity_poly.type                           'polypeptide(L)' 
_entity_poly.nstd_linkage                   no 
_entity_poly.nstd_monomer                   no 
_entity_poly.pdbx_seq_one_letter_code       
;VQAVAVLKGDAGVSGVVKFEQASESEPTTVSYEIAGNSPNAERGFHIHEFGDATNGCVSAGPHFNPFKKTHGAPTDEVRH
VGDMGNVKTDENGVAKGSFKDSLIKLIGPTSVVGRSVVIHAGQDDLGKGDTEESLKTGNAGPRPACGVIGLTN
;
_entity_poly.pdbx_seq_one_letter_code_can   
;VQAVAVLKGDAGVSGVVKFEQASESEPTTVSYEIAGNSPNAERGFHIHEFGDATNGCVSAGPHFNPFKKTHGAPTDEVRH
VGDMGNVKTDENGVAKGSFKDSLIKLIGPTSVVGRSVVIHAGQDDLGKGDTEESLKTGNAGPRPACGVIGLTN
;
_entity_poly.pdbx_strand_id                 A 
_entity_poly.pdbx_target_identifier         ? 
# 
loop_
_pdbx_entity_nonpoly.entity_id 
_pdbx_entity_nonpoly.name 
_pdbx_entity_nonpoly.comp_id 
2 'COPPER (II) ION' CU  
3 'ZINC ION'        ZN  
4 water             HOH 
# 
loop_
_entity_poly_seq.entity_id 
_entity_poly_seq.num 
_entity_poly_seq.mon_id 
_entity_poly_seq.hetero 
1 1   VAL n 
1 2   GLN n 
1 3   ALA n 
1 4   VAL n 
1 5   ALA n 
1 6   VAL n 
1 7   LEU n 
1 8   LYS n 
1 9   GLY n 
1 10  ASP n 
1 11  ALA n 
1 12  GLY n 
1 13  VAL n 
1 14  SER n 
1 15  GLY n 
1 16  VAL n 
1 17  VAL n 
1 18  LYS n 
1 19  PHE n 
1 20  GLU n 
1 21  GLN n 
1 22  ALA n 
1 23  SER n 
1 24  GLU n 
1 25  SER n 
1 26  GLU n 
1 27  PRO n 
1 28  THR n 
1 29  THR n 
1 30  VAL n 
1 31  SER n 
1 32  TYR n 
1 33  GLU n 
1 34  ILE n 
1 35  ALA n 
1 36  GLY n 
1 37  ASN n 
1 38  SER n 
1 39  PRO n 
1 40  ASN n 
1 41  ALA n 
1 42  GLU n 
1 43  ARG n 
1 44  GLY n 
1 45  PHE n 
1 46  HIS n 
1 47  ILE n 
1 48  HIS n 
1 49  GLU n 
1 50  PHE n 
1 51  GLY n 
1 52  ASP n 
1 53  ALA n 
1 54  THR n 
1 55  ASN n 
1 56  GLY n 
1 57  CYS n 
1 58  VAL n 
1 59  SER n 
1 60  ALA n 
1 61  GLY n 
1 62  PRO n 
1 63  HIS n 
1 64  PHE n 
1 65  ASN n 
1 66  PRO n 
1 67  PHE n 
1 68  LYS n 
1 69  LYS n 
1 70  THR n 
1 71  HIS n 
1 72  GLY n 
1 73  ALA n 
1 74  PRO n 
1 75  THR n 
1 76  ASP n 
1 77  GLU n 
1 78  VAL n 
1 79  ARG n 
1 80  HIS n 
1 81  VAL n 
1 82  GLY n 
1 83  ASP n 
1 84  MET n 
1 85  GLY n 
1 86  ASN n 
1 87  VAL n 
1 88  LYS n 
1 89  THR n 
1 90  ASP n 
1 91  GLU n 
1 92  ASN n 
1 93  GLY n 
1 94  VAL n 
1 95  ALA n 
1 96  LYS n 
1 97  GLY n 
1 98  SER n 
1 99  PHE n 
1 100 LYS n 
1 101 ASP n 
1 102 SER n 
1 103 LEU n 
1 104 ILE n 
1 105 LYS n 
1 106 LEU n 
1 107 ILE n 
1 108 GLY n 
1 109 PRO n 
1 110 THR n 
1 111 SER n 
1 112 VAL n 
1 113 VAL n 
1 114 GLY n 
1 115 ARG n 
1 116 SER n 
1 117 VAL n 
1 118 VAL n 
1 119 ILE n 
1 120 HIS n 
1 121 ALA n 
1 122 GLY n 
1 123 GLN n 
1 124 ASP n 
1 125 ASP n 
1 126 LEU n 
1 127 GLY n 
1 128 LYS n 
1 129 GLY n 
1 130 ASP n 
1 131 THR n 
1 132 GLU n 
1 133 GLU n 
1 134 SER n 
1 135 LEU n 
1 136 LYS n 
1 137 THR n 
1 138 GLY n 
1 139 ASN n 
1 140 ALA n 
1 141 GLY n 
1 142 PRO n 
1 143 ARG n 
1 144 PRO n 
1 145 ALA n 
1 146 CYS n 
1 147 GLY n 
1 148 VAL n 
1 149 ILE n 
1 150 GLY n 
1 151 LEU n 
1 152 THR n 
1 153 ASN n 
# 
_entity_src_nat.entity_id                  1 
_entity_src_nat.pdbx_src_id                1 
_entity_src_nat.pdbx_alt_source_flag       sample 
_entity_src_nat.pdbx_beg_seq_num           ? 
_entity_src_nat.pdbx_end_seq_num           ? 
_entity_src_nat.common_name                
;baker's yeast
;
_entity_src_nat.pdbx_organism_scientific   'Saccharomyces cerevisiae' 
_entity_src_nat.pdbx_ncbi_taxonomy_id      4932 
_entity_src_nat.genus                      Saccharomyces 
_entity_src_nat.species                    ? 
_entity_src_nat.strain                     ? 
_entity_src_nat.tissue                     ? 
_entity_src_nat.tissue_fraction            ? 
_entity_src_nat.pdbx_secretion             ? 
_entity_src_nat.pdbx_fragment              ? 
_entity_src_nat.pdbx_variant               ? 
_entity_src_nat.pdbx_cell_line             ? 
_entity_src_nat.pdbx_atcc                  ? 
_entity_src_nat.pdbx_cellular_location     ? 
_entity_src_nat.pdbx_organ                 ? 
_entity_src_nat.pdbx_organelle             ? 
_entity_src_nat.pdbx_cell                  ? 
_entity_src_nat.pdbx_plasmid_name          ? 
_entity_src_nat.pdbx_plasmid_details       ? 
_entity_src_nat.details                    ? 
# 
loop_
_chem_comp.id 
_chem_comp.type 
_chem_comp.mon_nstd_flag 
_chem_comp.name 
_chem_comp.pdbx_synonyms 
_chem_comp.formula 
_chem_comp.formula_weight 
ALA 'L-peptide linking' y ALANINE           ? 'C3 H7 N O2'     89.093  
ARG 'L-peptide linking' y ARGININE          ? 'C6 H15 N4 O2 1' 175.209 
ASN 'L-peptide linking' y ASPARAGINE        ? 'C4 H8 N2 O3'    132.118 
ASP 'L-peptide linking' y 'ASPARTIC ACID'   ? 'C4 H7 N O4'     133.103 
CU  non-polymer         . 'COPPER (II) ION' ? 'Cu 2'           63.546  
CYS 'L-peptide linking' y CYSTEINE          ? 'C3 H7 N O2 S'   121.158 
GLN 'L-peptide linking' y GLUTAMINE         ? 'C5 H10 N2 O3'   146.144 
GLU 'L-peptide linking' y 'GLUTAMIC ACID'   ? 'C5 H9 N O4'     147.129 
GLY 'peptide linking'   y GLYCINE           ? 'C2 H5 N O2'     75.067  
HIS 'L-peptide linking' y HISTIDINE         ? 'C6 H10 N3 O2 1' 156.162 
HOH non-polymer         . WATER             ? 'H2 O'           18.015  
ILE 'L-peptide linking' y ISOLEUCINE        ? 'C6 H13 N O2'    131.173 
LEU 'L-peptide linking' y LEUCINE           ? 'C6 H13 N O2'    131.173 
LYS 'L-peptide linking' y LYSINE            ? 'C6 H15 N2 O2 1' 147.195 
MET 'L-peptide linking' y METHIONINE        ? 'C5 H11 N O2 S'  149.211 
PHE 'L-peptide linking' y PHENYLALANINE     ? 'C9 H11 N O2'    165.189 
PRO 'L-peptide linking' y PROLINE           ? 'C5 H9 N O2'     115.130 
SER 'L-peptide linking' y SERINE            ? 'C3 H7 N O3'     105.093 
THR 'L-peptide linking' y THREONINE         ? 'C4 H9 N O3'     119.119 
TYR 'L-peptide linking' y TYROSINE          ? 'C9 H11 N O3'    181.189 
VAL 'L-peptide linking' y VALINE            ? 'C5 H11 N O2'    117.146 
ZN  non-polymer         . 'ZINC ION'        ? 'Zn 2'           65.409  
# 
loop_
_pdbx_poly_seq_scheme.asym_id 
_pdbx_poly_seq_scheme.entity_id 
_pdbx_poly_seq_scheme.seq_id 
_pdbx_poly_seq_scheme.mon_id 
_pdbx_poly_seq_scheme.ndb_seq_num 
_pdbx_poly_seq_scheme.pdb_seq_num 
_pdbx_poly_seq_scheme.auth_seq_num 
_pdbx_poly_seq_scheme.pdb_mon_id 
_pdbx_poly_seq_scheme.auth_mon_id 
_pdbx_poly_seq_scheme.pdb_strand_id 
_pdbx_poly_seq_scheme.pdb_ins_code 
_pdbx_poly_seq_scheme.hetero 
A 1 1   VAL 1   1   1   VAL VAL A . n 
A 1 2   GLN 2   2   2   GLN GLN A . n 
A 1 3   ALA 3   3   3   ALA ALA A . n 
A 1 4   VAL 4   4   4   VAL VAL A . n 
A 1 5   ALA 5   5   5   ALA ALA A . n 
A 1 6   VAL 6   6   6   VAL VAL A . n 
A 1 7   LEU 7   7   7   LEU LEU A . n 
A 1 8   LYS 8   8   8   LYS LYS A . n 
A 1 9   GLY 9   9   9   GLY GLY A . n 
A 1 10  ASP 10  10  10  ASP ASP A . n 
A 1 11  ALA 11  11  11  ALA ALA A . n 
A 1 12  GLY 12  12  12  GLY GLY A . n 
A 1 13  VAL 13  13  13  VAL VAL A . n 
A 1 14  SER 14  14  14  SER SER A . n 
A 1 15  GLY 15  15  15  GLY GLY A . n 
A 1 16  VAL 16  16  16  VAL VAL A . n 
A 1 17  VAL 17  17  17  VAL VAL A . n 
A 1 18  LYS 18  18  18  LYS LYS A . n 
A 1 19  PHE 19  19  19  PHE PHE A . n 
A 1 20  GLU 20  20  20  GLU GLU A . n 
A 1 21  GLN 21  21  21  GLN GLN A . n 
A 1 22  ALA 22  22  22  ALA ALA A . n 
A 1 23  SER 23  23  23  SER SER A . n 
A 1 24  GLU 24  24  24  GLU GLU A . n 
A 1 25  SER 25  25  25  SER SER A . n 
A 1 26  GLU 26  26  26  GLU GLU A . n 
A 1 27  PRO 27  27  27  PRO PRO A . n 
A 1 28  THR 28  28  28  THR THR A . n 
A 1 29  THR 29  29  29  THR THR A . n 
A 1 30  VAL 30  30  30  VAL VAL A . n 
A 1 31  SER 31  31  31  SER SER A . n 
A 1 32  TYR 32  32  32  TYR TYR A . n 
A 1 33  GLU 33  33  33  GLU GLU A . n 
A 1 34  ILE 34  34  34  ILE ILE A . n 
A 1 35  ALA 35  35  35  ALA ALA A . n 
A 1 36  GLY 36  36  36  GLY GLY A . n 
A 1 37  ASN 37  37  37  ASN ASN A . n 
A 1 38  SER 38  38  38  SER SER A . n 
A 1 39  PRO 39  39  39  PRO PRO A . n 
A 1 40  ASN 40  40  40  ASN ASN A . n 
A 1 41  ALA 41  41  41  ALA ALA A . n 
A 1 42  GLU 42  42  42  GLU GLU A . n 
A 1 43  ARG 43  43  43  ARG ARG A . n 
A 1 44  GLY 44  44  44  GLY GLY A . n 
A 1 45  PHE 45  45  45  PHE PHE A . n 
A 1 46  HIS 46  46  46  HIS HIS A . n 
A 1 47  ILE 47  47  47  ILE ILE A . n 
A 1 48  HIS 48  48  48  HIS HIS A . n 
A 1 49  GLU 49  49  49  GLU GLU A . n 
A 1 50  PHE 50  50  50  PHE PHE A . n 
A 1 51  GLY 51  51  51  GLY GLY A . n 
A 1 52  ASP 52  52  52  ASP ASP A . n 
A 1 53  ALA 53  53  53  ALA ALA A . n 
A 1 54  THR 54  54  54  THR THR A . n 
A 1 55  ASN 55  55  55  ASN ASN A . n 
A 1 56  GLY 56  56  56  GLY GLY A . n 
A 1 57  CYS 57  57  57  CYS CYS A . n 
A 1 58  VAL 58  58  58  VAL VAL A . n 
A 1 59  SER 59  59  59  SER SER A . n 
A 1 60  ALA 60  60  60  ALA ALA A . n 
A 1 61  GLY 61  61  61  GLY GLY A . n 
A 1 62  PRO 62  62  62  PRO PRO A . n 
A 1 63  HIS 63  63  63  HIS HIS A . n 
A 1 64  PHE 64  64  64  PHE PHE A . n 
A 1 65  ASN 65  65  65  ASN ASN A . n 
A 1 66  PRO 66  66  66  PRO PRO A . n 
A 1 67  PHE 67  67  67  PHE PHE A . n 
A 1 68  LYS 68  68  68  LYS LYS A . n 
A 1 69  LYS 69  69  69  LYS LYS A . n 
A 1 70  THR 70  70  70  THR THR A . n 
A 1 71  HIS 71  71  71  HIS HIS A . n 
A 1 72  GLY 72  72  72  GLY GLY A . n 
A 1 73  ALA 73  73  73  ALA ALA A . n 
A 1 74  PRO 74  74  74  PRO PRO A . n 
A 1 75  THR 75  75  75  THR THR A . n 
A 1 76  ASP 76  76  76  ASP ASP A . n 
A 1 77  GLU 77  77  77  GLU GLU A . n 
A 1 78  VAL 78  78  78  VAL VAL A . n 
A 1 79  ARG 79  79  79  ARG ARG A . n 
A 1 80  HIS 80  80  80  HIS HIS A . n 
A 1 81  VAL 81  81  81  VAL VAL A . n 
A 1 82  GLY 82  82  82  GLY GLY A . n 
A 1 83  ASP 83  83  83  ASP ASP A . n 
A 1 84  MET 84  84  84  MET MET A . n 
A 1 85  GLY 85  85  85  GLY GLY A . n 
A 1 86  ASN 86  86  86  ASN ASN A . n 
A 1 87  VAL 87  87  87  VAL VAL A . n 
A 1 88  LYS 88  88  88  LYS LYS A . n 
A 1 89  THR 89  89  89  THR THR A . n 
A 1 90  ASP 90  90  90  ASP ASP A . n 
A 1 91  GLU 91  91  91  GLU GLU A . n 
A 1 92  ASN 92  92  92  ASN ASN A . n 
A 1 93  GLY 93  93  93  GLY GLY A . n 
A 1 94  VAL 94  94  94  VAL VAL A . n 
A 1 95  ALA 95  95  95  ALA ALA A . n 
A 1 96  LYS 96  96  96  LYS LYS A . n 
A 1 97  GLY 97  97  97  GLY GLY A . n 
A 1 98  SER 98  98  98  SER SER A . n 
A 1 99  PHE 99  99  99  PHE PHE A . n 
A 1 100 LYS 100 100 100 LYS LYS A . n 
A 1 101 ASP 101 101 101 ASP ASP A . n 
A 1 102 SER 102 102 102 SER SER A . n 
A 1 103 LEU 103 103 103 LEU LEU A . n 
A 1 104 ILE 104 104 104 ILE ILE A . n 
A 1 105 LYS 105 105 105 LYS LYS A . n 
A 1 106 LEU 106 106 106 LEU LEU A . n 
A 1 107 ILE 107 107 107 ILE ILE A . n 
A 1 108 GLY 108 108 108 GLY GLY A . n 
A 1 109 PRO 109 109 109 PRO PRO A . n 
A 1 110 THR 110 110 110 THR THR A . n 
A 1 111 SER 111 111 111 SER SER A . n 
A 1 112 VAL 112 112 112 VAL VAL A . n 
A 1 113 VAL 113 113 113 VAL VAL A . n 
A 1 114 GLY 114 114 114 GLY GLY A . n 
A 1 115 ARG 115 115 115 ARG ARG A . n 
A 1 116 SER 116 116 116 SER SER A . n 
A 1 117 VAL 117 117 117 VAL VAL A . n 
A 1 118 VAL 118 118 118 VAL VAL A . n 
A 1 119 ILE 119 119 119 ILE ILE A . n 
A 1 120 HIS 120 120 120 HIS HIS A . n 
A 1 121 ALA 121 121 121 ALA ALA A . n 
A 1 122 GLY 122 122 122 GLY GLY A . n 
A 1 123 GLN 123 123 123 GLN GLN A . n 
A 1 124 ASP 124 124 124 ASP ASP A . n 
A 1 125 ASP 125 125 125 ASP ASP A . n 
A 1 126 LEU 126 126 126 LEU LEU A . n 
A 1 127 GLY 127 127 127 GLY GLY A . n 
A 1 128 LYS 128 128 128 LYS LYS A . n 
A 1 129 GLY 129 129 129 GLY GLY A . n 
A 1 130 ASP 130 130 130 ASP ASP A . n 
A 1 131 THR 131 131 131 THR THR A . n 
A 1 132 GLU 132 132 132 GLU GLU A . n 
A 1 133 GLU 133 133 133 GLU GLU A . n 
A 1 134 SER 134 134 134 SER SER A . n 
A 1 135 LEU 135 135 135 LEU LEU A . n 
A 1 136 LYS 136 136 136 LYS LYS A . n 
A 1 137 THR 137 137 137 THR THR A . n 
A 1 138 GLY 138 138 138 GLY GLY A . n 
A 1 139 ASN 139 139 139 ASN ASN A . n 
A 1 140 ALA 140 140 140 ALA ALA A . n 
A 1 141 GLY 141 141 141 GLY GLY A . n 
A 1 142 PRO 142 142 142 PRO PRO A . n 
A 1 143 ARG 143 143 143 ARG ARG A . n 
A 1 144 PRO 144 144 144 PRO PRO A . n 
A 1 145 ALA 145 145 145 ALA ALA A . n 
A 1 146 CYS 146 146 146 CYS CYS A . n 
A 1 147 GLY 147 147 147 GLY GLY A . n 
A 1 148 VAL 148 148 148 VAL VAL A . n 
A 1 149 ILE 149 149 149 ILE ILE A . n 
A 1 150 GLY 150 150 150 GLY GLY A . n 
A 1 151 LEU 151 151 151 LEU LEU A . n 
A 1 152 THR 152 152 152 THR THR A . n 
A 1 153 ASN 153 153 153 ASN ASN A . n 
# 
loop_
_pdbx_nonpoly_scheme.asym_id 
_pdbx_nonpoly_scheme.entity_id 
_pdbx_nonpoly_scheme.mon_id 
_pdbx_nonpoly_scheme.ndb_seq_num 
_pdbx_nonpoly_scheme.pdb_seq_num 
_pdbx_nonpoly_scheme.auth_seq_num 
_pdbx_nonpoly_scheme.pdb_mon_id 
_pdbx_nonpoly_scheme.auth_mon_id 
_pdbx_nonpoly_scheme.pdb_strand_id 
_pdbx_nonpoly_scheme.pdb_ins_code 
B 2 CU  1   154 154 CU  CU  A . 
C 3 ZN  1   155 155 ZN  ZN  A . 
D 4 HOH 1   201 201 HOH HOH A . 
D 4 HOH 2   202 202 HOH HOH A . 
D 4 HOH 3   203 203 HOH HOH A . 
D 4 HOH 4   204 204 HOH HOH A . 
D 4 HOH 5   205 205 HOH HOH A . 
D 4 HOH 6   206 206 HOH HOH A . 
D 4 HOH 7   207 207 HOH HOH A . 
D 4 HOH 8   208 208 HOH HOH A . 
D 4 HOH 9   209 209 HOH HOH A . 
D 4 HOH 10  210 210 HOH HOH A . 
D 4 HOH 11  211 211 HOH HOH A . 
D 4 HOH 12  212 212 HOH HOH A . 
D 4 HOH 13  213 213 HOH HOH A . 
D 4 HOH 14  214 214 HOH HOH A . 
D 4 HOH 15  215 215 HOH HOH A . 
D 4 HOH 16  216 216 HOH HOH A . 
D 4 HOH 17  217 217 HOH HOH A . 
D 4 HOH 18  218 218 HOH HOH A . 
D 4 HOH 19  219 219 HOH HOH A . 
D 4 HOH 20  220 220 HOH HOH A . 
D 4 HOH 21  221 221 HOH HOH A . 
D 4 HOH 22  222 222 HOH HOH A . 
D 4 HOH 23  223 223 HOH HOH A . 
D 4 HOH 24  224 224 HOH HOH A . 
D 4 HOH 25  225 225 HOH HOH A . 
D 4 HOH 26  226 226 HOH HOH A . 
D 4 HOH 27  227 227 HOH HOH A . 
D 4 HOH 28  228 228 HOH HOH A . 
D 4 HOH 29  229 229 HOH HOH A . 
D 4 HOH 30  230 230 HOH HOH A . 
D 4 HOH 31  231 231 HOH HOH A . 
D 4 HOH 32  233 233 HOH HOH A . 
D 4 HOH 33  234 234 HOH HOH A . 
D 4 HOH 34  237 237 HOH HOH A . 
D 4 HOH 35  239 239 HOH HOH A . 
D 4 HOH 36  241 241 HOH HOH A . 
D 4 HOH 37  243 243 HOH HOH A . 
D 4 HOH 38  244 244 HOH HOH A . 
D 4 HOH 39  245 245 HOH HOH A . 
D 4 HOH 40  246 246 HOH HOH A . 
D 4 HOH 41  247 247 HOH HOH A . 
D 4 HOH 42  248 248 HOH HOH A . 
D 4 HOH 43  249 249 HOH HOH A . 
D 4 HOH 44  250 250 HOH HOH A . 
D 4 HOH 45  251 251 HOH HOH A . 
D 4 HOH 46  252 252 HOH HOH A . 
D 4 HOH 47  253 253 HOH HOH A . 
D 4 HOH 48  254 254 HOH HOH A . 
D 4 HOH 49  256 256 HOH HOH A . 
D 4 HOH 50  257 257 HOH HOH A . 
D 4 HOH 51  258 258 HOH HOH A . 
D 4 HOH 52  259 259 HOH HOH A . 
D 4 HOH 53  260 260 HOH HOH A . 
D 4 HOH 54  261 261 HOH HOH A . 
D 4 HOH 55  262 262 HOH HOH A . 
D 4 HOH 56  263 263 HOH HOH A . 
D 4 HOH 57  264 264 HOH HOH A . 
D 4 HOH 58  265 265 HOH HOH A . 
D 4 HOH 59  266 266 HOH HOH A . 
D 4 HOH 60  267 267 HOH HOH A . 
D 4 HOH 61  268 268 HOH HOH A . 
D 4 HOH 62  269 269 HOH HOH A . 
D 4 HOH 63  270 270 HOH HOH A . 
D 4 HOH 64  271 271 HOH HOH A . 
D 4 HOH 65  272 272 HOH HOH A . 
D 4 HOH 66  274 274 HOH HOH A . 
D 4 HOH 67  275 275 HOH HOH A . 
D 4 HOH 68  277 277 HOH HOH A . 
D 4 HOH 69  278 278 HOH HOH A . 
D 4 HOH 70  279 279 HOH HOH A . 
D 4 HOH 71  280 280 HOH HOH A . 
D 4 HOH 72  281 281 HOH HOH A . 
D 4 HOH 73  282 282 HOH HOH A . 
D 4 HOH 74  283 283 HOH HOH A . 
D 4 HOH 75  284 284 HOH HOH A . 
D 4 HOH 76  285 285 HOH HOH A . 
D 4 HOH 77  286 286 HOH HOH A . 
D 4 HOH 78  287 287 HOH HOH A . 
D 4 HOH 79  288 288 HOH HOH A . 
D 4 HOH 80  289 289 HOH HOH A . 
D 4 HOH 81  290 290 HOH HOH A . 
D 4 HOH 82  291 291 HOH HOH A . 
D 4 HOH 83  292 292 HOH HOH A . 
D 4 HOH 84  293 293 HOH HOH A . 
D 4 HOH 85  294 294 HOH HOH A . 
D 4 HOH 86  295 295 HOH HOH A . 
D 4 HOH 87  296 296 HOH HOH A . 
D 4 HOH 88  297 297 HOH HOH A . 
D 4 HOH 89  300 300 HOH HOH A . 
D 4 HOH 90  301 301 HOH HOH A . 
D 4 HOH 91  302 302 HOH HOH A . 
D 4 HOH 92  304 304 HOH HOH A . 
D 4 HOH 93  305 305 HOH HOH A . 
D 4 HOH 94  306 306 HOH HOH A . 
D 4 HOH 95  308 308 HOH HOH A . 
D 4 HOH 96  310 310 HOH HOH A . 
D 4 HOH 97  311 311 HOH HOH A . 
D 4 HOH 98  313 313 HOH HOH A . 
D 4 HOH 99  314 314 HOH HOH A . 
D 4 HOH 100 315 315 HOH HOH A . 
D 4 HOH 101 316 316 HOH HOH A . 
D 4 HOH 102 317 317 HOH HOH A . 
D 4 HOH 103 318 318 HOH HOH A . 
D 4 HOH 104 319 319 HOH HOH A . 
D 4 HOH 105 320 320 HOH HOH A . 
D 4 HOH 106 322 322 HOH HOH A . 
D 4 HOH 107 324 324 HOH HOH A . 
D 4 HOH 108 325 325 HOH HOH A . 
D 4 HOH 109 326 326 HOH HOH A . 
D 4 HOH 110 327 327 HOH HOH A . 
D 4 HOH 111 328 328 HOH HOH A . 
D 4 HOH 112 329 329 HOH HOH A . 
D 4 HOH 113 330 330 HOH HOH A . 
D 4 HOH 114 331 331 HOH HOH A . 
D 4 HOH 115 332 332 HOH HOH A . 
D 4 HOH 116 334 334 HOH HOH A . 
D 4 HOH 117 335 335 HOH HOH A . 
D 4 HOH 118 402 402 HOH HOH A . 
D 4 HOH 119 403 403 HOH HOH A . 
D 4 HOH 120 405 405 HOH HOH A . 
D 4 HOH 121 406 406 HOH HOH A . 
D 4 HOH 122 407 407 HOH HOH A . 
D 4 HOH 123 408 408 HOH HOH A . 
D 4 HOH 124 409 409 HOH HOH A . 
D 4 HOH 125 410 410 HOH HOH A . 
D 4 HOH 126 411 411 HOH HOH A . 
D 4 HOH 127 412 412 HOH HOH A . 
D 4 HOH 128 413 413 HOH HOH A . 
D 4 HOH 129 414 414 HOH HOH A . 
D 4 HOH 130 415 415 HOH HOH A . 
D 4 HOH 131 416 416 HOH HOH A . 
D 4 HOH 132 417 417 HOH HOH A . 
D 4 HOH 133 418 418 HOH HOH A . 
D 4 HOH 134 419 419 HOH HOH A . 
D 4 HOH 135 420 420 HOH HOH A . 
D 4 HOH 136 421 421 HOH HOH A . 
D 4 HOH 137 422 422 HOH HOH A . 
D 4 HOH 138 423 423 HOH HOH A . 
D 4 HOH 139 424 424 HOH HOH A . 
D 4 HOH 140 425 425 HOH HOH A . 
D 4 HOH 141 426 426 HOH HOH A . 
D 4 HOH 142 427 427 HOH HOH A . 
D 4 HOH 143 428 428 HOH HOH A . 
D 4 HOH 144 429 429 HOH HOH A . 
D 4 HOH 145 430 430 HOH HOH A . 
D 4 HOH 146 431 431 HOH HOH A . 
D 4 HOH 147 432 432 HOH HOH A . 
D 4 HOH 148 433 433 HOH HOH A . 
D 4 HOH 149 435 435 HOH HOH A . 
D 4 HOH 150 436 436 HOH HOH A . 
D 4 HOH 151 437 437 HOH HOH A . 
D 4 HOH 152 438 438 HOH HOH A . 
D 4 HOH 153 439 439 HOH HOH A . 
D 4 HOH 154 440 440 HOH HOH A . 
D 4 HOH 155 441 441 HOH HOH A . 
D 4 HOH 156 442 442 HOH HOH A . 
D 4 HOH 157 443 443 HOH HOH A . 
D 4 HOH 158 444 444 HOH HOH A . 
D 4 HOH 159 445 445 HOH HOH A . 
D 4 HOH 160 446 446 HOH HOH A . 
D 4 HOH 161 447 447 HOH HOH A . 
D 4 HOH 162 448 448 HOH HOH A . 
D 4 HOH 163 449 449 HOH HOH A . 
D 4 HOH 164 450 450 HOH HOH A . 
D 4 HOH 165 451 451 HOH HOH A . 
D 4 HOH 166 452 452 HOH HOH A . 
D 4 HOH 167 453 453 HOH HOH A . 
D 4 HOH 168 454 454 HOH HOH A . 
D 4 HOH 169 455 455 HOH HOH A . 
D 4 HOH 170 456 456 HOH HOH A . 
D 4 HOH 171 457 457 HOH HOH A . 
D 4 HOH 172 458 458 HOH HOH A . 
D 4 HOH 173 459 459 HOH HOH A . 
D 4 HOH 174 460 460 HOH HOH A . 
D 4 HOH 175 461 461 HOH HOH A . 
D 4 HOH 176 462 462 HOH HOH A . 
D 4 HOH 177 463 463 HOH HOH A . 
D 4 HOH 178 464 464 HOH HOH A . 
D 4 HOH 179 465 465 HOH HOH A . 
D 4 HOH 180 466 466 HOH HOH A . 
D 4 HOH 181 467 467 HOH HOH A . 
D 4 HOH 182 468 468 HOH HOH A . 
D 4 HOH 183 469 469 HOH HOH A . 
# 
loop_
_software.name 
_software.classification 
_software.version 
_software.citation_id 
_software.pdbx_ordinal 
R-AXIS    'data collection' SOFTWARE ? 1 
X-PLOR    'model building'  3.1      ? 2 
SHELXL93  refinement        .        ? 3 
X-PLOR    refinement        3.1      ? 4 
R-AXIS    'data reduction'  .        ? 5 
X-PLOR    phasing           3.1      ? 6 
SHELXL-93 refinement        .        ? 7 
# 
_cell.entry_id           1JCV 
_cell.length_a           118.390 
_cell.length_b           118.390 
_cell.length_c           73.500 
_cell.angle_alpha        90.00 
_cell.angle_beta         90.00 
_cell.angle_gamma        120.00 
_cell.Z_PDB              18 
_cell.pdbx_unique_axis   ? 
_cell.length_a_esd       ? 
_cell.length_b_esd       ? 
_cell.length_c_esd       ? 
_cell.angle_alpha_esd    ? 
_cell.angle_beta_esd     ? 
_cell.angle_gamma_esd    ? 
# 
_symmetry.entry_id                         1JCV 
_symmetry.space_group_name_H-M             'H 3 2' 
_symmetry.pdbx_full_space_group_name_H-M   ? 
_symmetry.cell_setting                     ? 
_symmetry.Int_Tables_number                155 
_symmetry.space_group_name_Hall            ? 
# 
_exptl.entry_id          1JCV 
_exptl.method            'X-RAY DIFFRACTION' 
_exptl.crystals_number   1 
# 
_exptl_crystal.id                    1 
_exptl_crystal.density_meas          ? 
_exptl_crystal.density_Matthews      3.15 
_exptl_crystal.density_percent_sol   60.91 
_exptl_crystal.description           ? 
_exptl_crystal.F_000                 ? 
_exptl_crystal.preparation           ? 
# 
_diffrn.id                     1 
_diffrn.ambient_temp           93 
_diffrn.ambient_temp_details   ? 
_diffrn.crystal_id             1 
# 
_diffrn_detector.diffrn_id              1 
_diffrn_detector.detector               'IMAGE PLATE' 
_diffrn_detector.type                   'RIGAKU RAXIS IIC' 
_diffrn_detector.pdbx_collection_date   1993-05-12 
_diffrn_detector.details                COLLIMATOR 
# 
_diffrn_radiation.diffrn_id                        1 
_diffrn_radiation.wavelength_id                    1 
_diffrn_radiation.pdbx_monochromatic_or_laue_m_l   M 
_diffrn_radiation.monochromator                    'GRAPHITE CRYSTAL' 
_diffrn_radiation.pdbx_diffrn_protocol             ? 
_diffrn_radiation.pdbx_scattering_type             x-ray 
# 
_diffrn_radiation_wavelength.id           1 
_diffrn_radiation_wavelength.wavelength   1.5418 
_diffrn_radiation_wavelength.wt           1.0 
# 
_diffrn_source.diffrn_id                   1 
_diffrn_source.source                      'ROTATING ANODE' 
_diffrn_source.type                        'RIGAKU RU200' 
_diffrn_source.pdbx_synchrotron_site       ? 
_diffrn_source.pdbx_synchrotron_beamline   ? 
_diffrn_source.pdbx_wavelength             ? 
_diffrn_source.pdbx_wavelength_list        1.5418 
# 
_reflns.entry_id                     1JCV 
_reflns.observed_criterion_sigma_I   ? 
_reflns.observed_criterion_sigma_F   ? 
_reflns.d_resolution_low             ? 
_reflns.d_resolution_high            ? 
_reflns.number_obs                   ? 
_reflns.number_all                   ? 
_reflns.percent_possible_obs         ? 
_reflns.pdbx_Rmerge_I_obs            0.093 
_reflns.pdbx_Rsym_value              ? 
_reflns.pdbx_netI_over_sigmaI        ? 
_reflns.B_iso_Wilson_estimate        ? 
_reflns.pdbx_redundancy              3.5 
_reflns.R_free_details               ? 
_reflns.limit_h_max                  ? 
_reflns.limit_h_min                  ? 
_reflns.limit_k_max                  ? 
_reflns.limit_k_min                  ? 
_reflns.limit_l_max                  ? 
_reflns.limit_l_min                  ? 
_reflns.observed_criterion_F_max     ? 
_reflns.observed_criterion_F_min     ? 
_reflns.pdbx_chi_squared             ? 
_reflns.pdbx_scaling_rejects         ? 
_reflns.pdbx_diffrn_id               1 
_reflns.pdbx_ordinal                 1 
# 
_refine.entry_id                                 1JCV 
_refine.ls_number_reflns_obs                     25275 
_refine.ls_number_reflns_all                     ? 
_refine.pdbx_ls_sigma_I                          ? 
_refine.pdbx_ls_sigma_F                          0. 
_refine.pdbx_data_cutoff_high_absF               ? 
_refine.pdbx_data_cutoff_low_absF                ? 
_refine.pdbx_data_cutoff_high_rms_absF           ? 
_refine.ls_d_res_low                             10.0 
_refine.ls_d_res_high                            1.55 
_refine.ls_percent_reflns_obs                    ? 
_refine.ls_R_factor_obs                          ? 
_refine.ls_R_factor_all                          0.19 
_refine.ls_R_factor_R_work                       ? 
_refine.ls_R_factor_R_free                       ? 
_refine.ls_R_factor_R_free_error                 ? 
_refine.ls_R_factor_R_free_error_details         ? 
_refine.ls_percent_reflns_R_free                 ? 
_refine.ls_number_reflns_R_free                  ? 
_refine.ls_number_parameters                     ? 
_refine.ls_number_restraints                     ? 
_refine.occupancy_min                            ? 
_refine.occupancy_max                            ? 
_refine.B_iso_mean                               ? 
_refine.aniso_B[1][1]                            ? 
_refine.aniso_B[2][2]                            ? 
_refine.aniso_B[3][3]                            ? 
_refine.aniso_B[1][2]                            ? 
_refine.aniso_B[1][3]                            ? 
_refine.aniso_B[2][3]                            ? 
_refine.solvent_model_details                    ? 
_refine.solvent_model_param_ksol                 ? 
_refine.solvent_model_param_bsol                 ? 
_refine.pdbx_ls_cross_valid_method               ? 
_refine.details                                  ? 
_refine.pdbx_starting_model                      ? 
_refine.pdbx_method_to_determine_struct          ? 
_refine.pdbx_isotropic_thermal_model             ? 
_refine.pdbx_stereochemistry_target_values       ? 
_refine.pdbx_stereochem_target_val_spec_case     ? 
_refine.pdbx_R_Free_selection_details            ? 
_refine.pdbx_overall_ESU_R                       ? 
_refine.pdbx_overall_ESU_R_Free                  ? 
_refine.overall_SU_ML                            ? 
_refine.overall_SU_B                             ? 
_refine.pdbx_refine_id                           'X-RAY DIFFRACTION' 
_refine.ls_redundancy_reflns_obs                 ? 
_refine.pdbx_overall_phase_error                 ? 
_refine.B_iso_min                                ? 
_refine.B_iso_max                                ? 
_refine.correlation_coeff_Fo_to_Fc               ? 
_refine.correlation_coeff_Fo_to_Fc_free          ? 
_refine.pdbx_solvent_vdw_probe_radii             ? 
_refine.pdbx_solvent_ion_probe_radii             ? 
_refine.pdbx_solvent_shrinkage_radii             ? 
_refine.overall_SU_R_Cruickshank_DPI             ? 
_refine.overall_SU_R_free                        ? 
_refine.ls_wR_factor_R_free                      ? 
_refine.ls_wR_factor_R_work                      ? 
_refine.overall_FOM_free_R_set                   ? 
_refine.overall_FOM_work_R_set                   ? 
_refine.pdbx_diffrn_id                           1 
_refine.pdbx_TLS_residual_ADP_flag               ? 
_refine.pdbx_overall_SU_R_free_Cruickshank_DPI   ? 
_refine.pdbx_overall_SU_R_Blow_DPI               ? 
_refine.pdbx_overall_SU_R_free_Blow_DPI          ? 
# 
_refine_hist.pdbx_refine_id                   'X-RAY DIFFRACTION' 
_refine_hist.cycle_id                         LAST 
_refine_hist.pdbx_number_atoms_protein        1106 
_refine_hist.pdbx_number_atoms_nucleic_acid   0 
_refine_hist.pdbx_number_atoms_ligand         2 
_refine_hist.number_atoms_solvent             183 
_refine_hist.number_atoms_total               1291 
_refine_hist.d_res_high                       1.55 
_refine_hist.d_res_low                        10.0 
# 
loop_
_refine_ls_restr.type 
_refine_ls_restr.dev_ideal 
_refine_ls_restr.dev_ideal_target 
_refine_ls_restr.weight 
_refine_ls_restr.number 
_refine_ls_restr.pdbx_refine_id 
_refine_ls_restr.pdbx_restraint_function 
o_bond_d                0.011 ? ? ? 'X-RAY DIFFRACTION' ? 
o_bond_d_na             ?     ? ? ? 'X-RAY DIFFRACTION' ? 
o_bond_d_prot           ?     ? ? ? 'X-RAY DIFFRACTION' ? 
o_angle_d               ?     ? ? ? 'X-RAY DIFFRACTION' ? 
o_angle_d_na            ?     ? ? ? 'X-RAY DIFFRACTION' ? 
o_angle_d_prot          ?     ? ? ? 'X-RAY DIFFRACTION' ? 
o_angle_deg             1.9   ? ? ? 'X-RAY DIFFRACTION' ? 
o_angle_deg_na          ?     ? ? ? 'X-RAY DIFFRACTION' ? 
o_angle_deg_prot        ?     ? ? ? 'X-RAY DIFFRACTION' ? 
o_dihedral_angle_d      ?     ? ? ? 'X-RAY DIFFRACTION' ? 
o_dihedral_angle_d_na   ?     ? ? ? 'X-RAY DIFFRACTION' ? 
o_dihedral_angle_d_prot ?     ? ? ? 'X-RAY DIFFRACTION' ? 
o_improper_angle_d      ?     ? ? ? 'X-RAY DIFFRACTION' ? 
o_improper_angle_d_na   ?     ? ? ? 'X-RAY DIFFRACTION' ? 
o_improper_angle_d_prot ?     ? ? ? 'X-RAY DIFFRACTION' ? 
o_mcbond_it             ?     ? ? ? 'X-RAY DIFFRACTION' ? 
o_mcangle_it            ?     ? ? ? 'X-RAY DIFFRACTION' ? 
o_scbond_it             ?     ? ? ? 'X-RAY DIFFRACTION' ? 
o_scangle_it            ?     ? ? ? 'X-RAY DIFFRACTION' ? 
# 
_struct.entry_id                  1JCV 
_struct.title                     'REDUCED BRIDGE-BROKEN YEAST CU/ZN SUPEROXIDE DISMUTASE LOW TEMPERATURE (-180C) STRUCTURE' 
_struct.pdbx_model_details        ? 
_struct.pdbx_CASP_flag            ? 
_struct.pdbx_model_type_details   ? 
# 
_struct_keywords.entry_id        1JCV 
_struct_keywords.pdbx_keywords   'OXIDOREDUCTASE (SUPEROXIDE ACCEPTOR)' 
_struct_keywords.text            'OXIDOREDUCTASE, OXIDOREDUCTASE (SUPEROXIDE ACCEPTOR)' 
# 
loop_
_struct_asym.id 
_struct_asym.pdbx_blank_PDB_chainid_flag 
_struct_asym.pdbx_modified 
_struct_asym.entity_id 
_struct_asym.details 
A N N 1 ? 
B N N 2 ? 
C N N 3 ? 
D N N 4 ? 
# 
_struct_ref.id                         1 
_struct_ref.db_name                    UNP 
_struct_ref.db_code                    SODC_YEAST 
_struct_ref.entity_id                  1 
_struct_ref.pdbx_db_accession          P00445 
_struct_ref.pdbx_align_begin           1 
_struct_ref.pdbx_seq_one_letter_code   
;VQAVAVLKGDAGVSGVVKFEQASESEPTTVSYEIAGNSPNAERGFHIHEFGDATNGCVSAGPHFNPFKKTHGAPTDEVRH
VGDMGNVKTDENGVAKGSFKDSLIKLIGPTSVVGRSVVIHAGQDDLGKGDTEESLKTGNAGPRPACGVIGLTN
;
_struct_ref.pdbx_db_isoform            ? 
# 
_struct_ref_seq.align_id                      1 
_struct_ref_seq.ref_id                        1 
_struct_ref_seq.pdbx_PDB_id_code              1JCV 
_struct_ref_seq.pdbx_strand_id                A 
_struct_ref_seq.seq_align_beg                 1 
_struct_ref_seq.pdbx_seq_align_beg_ins_code   ? 
_struct_ref_seq.seq_align_end                 153 
_struct_ref_seq.pdbx_seq_align_end_ins_code   ? 
_struct_ref_seq.pdbx_db_accession             P00445 
_struct_ref_seq.db_align_beg                  1 
_struct_ref_seq.pdbx_db_align_beg_ins_code    ? 
_struct_ref_seq.db_align_end                  153 
_struct_ref_seq.pdbx_db_align_end_ins_code    ? 
_struct_ref_seq.pdbx_auth_seq_align_beg       1 
_struct_ref_seq.pdbx_auth_seq_align_end       153 
# 
_pdbx_struct_assembly.id                   1 
_pdbx_struct_assembly.details              author_defined_assembly 
_pdbx_struct_assembly.method_details       ? 
_pdbx_struct_assembly.oligomeric_details   dimeric 
_pdbx_struct_assembly.oligomeric_count     2 
# 
_pdbx_struct_assembly_gen.assembly_id       1 
_pdbx_struct_assembly_gen.oper_expression   1,2 
_pdbx_struct_assembly_gen.asym_id_list      A,B,C,D 
# 
loop_
_pdbx_struct_oper_list.id 
_pdbx_struct_oper_list.type 
_pdbx_struct_oper_list.name 
_pdbx_struct_oper_list.symmetry_operation 
_pdbx_struct_oper_list.matrix[1][1] 
_pdbx_struct_oper_list.matrix[1][2] 
_pdbx_struct_oper_list.matrix[1][3] 
_pdbx_struct_oper_list.vector[1] 
_pdbx_struct_oper_list.matrix[2][1] 
_pdbx_struct_oper_list.matrix[2][2] 
_pdbx_struct_oper_list.matrix[2][3] 
_pdbx_struct_oper_list.vector[2] 
_pdbx_struct_oper_list.matrix[3][1] 
_pdbx_struct_oper_list.matrix[3][2] 
_pdbx_struct_oper_list.matrix[3][3] 
_pdbx_struct_oper_list.vector[3] 
1 'identity operation'         1_555 x,y,z    1.0000000000 0.0000000000  0.0000000000  0.0000000000  0.0000000000  1.0000000000  0.0000000000 0.0000000000  0.0000000000  0.0000000000 1.0000000000  0.0000000000  
2 'crystal symmetry operation' 4_556 y,x,-z+1 0.1369041506 -0.0643625664 -0.9884911298 17.5130497510 -0.0643625664 -0.9963562980 0.0559605891 10.6920580343 -0.9884911298 0.0559605891 -0.1405478526 19.4462955489 
# 
_struct_biol.id        1 
_struct_biol.details   ? 
# 
loop_
_struct_conf.conf_type_id 
_struct_conf.id 
_struct_conf.pdbx_PDB_helix_id 
_struct_conf.beg_label_comp_id 
_struct_conf.beg_label_asym_id 
_struct_conf.beg_label_seq_id 
_struct_conf.pdbx_beg_PDB_ins_code 
_struct_conf.end_label_comp_id 
_struct_conf.end_label_asym_id 
_struct_conf.end_label_seq_id 
_struct_conf.pdbx_end_PDB_ins_code 
_struct_conf.beg_auth_comp_id 
_struct_conf.beg_auth_asym_id 
_struct_conf.beg_auth_seq_id 
_struct_conf.end_auth_comp_id 
_struct_conf.end_auth_asym_id 
_struct_conf.end_auth_seq_id 
_struct_conf.pdbx_PDB_helix_class 
_struct_conf.details 
_struct_conf.pdbx_PDB_helix_length 
HELX_P HELX_P1 1 VAL A 58  ? ALA A 60  ? VAL A 58  ALA A 60  5 ? 3 
HELX_P HELX_P2 2 SER A 134 ? THR A 137 ? SER A 134 THR A 137 1 ? 4 
# 
_struct_conf_type.id          HELX_P 
_struct_conf_type.criteria    ? 
_struct_conf_type.reference   ? 
# 
loop_
_struct_conn.id 
_struct_conn.conn_type_id 
_struct_conn.pdbx_leaving_atom_flag 
_struct_conn.pdbx_PDB_id 
_struct_conn.ptnr1_label_asym_id 
_struct_conn.ptnr1_label_comp_id 
_struct_conn.ptnr1_label_seq_id 
_struct_conn.ptnr1_label_atom_id 
_struct_conn.pdbx_ptnr1_label_alt_id 
_struct_conn.pdbx_ptnr1_PDB_ins_code 
_struct_conn.pdbx_ptnr1_standard_comp_id 
_struct_conn.ptnr1_symmetry 
_struct_conn.ptnr2_label_asym_id 
_struct_conn.ptnr2_label_comp_id 
_struct_conn.ptnr2_label_seq_id 
_struct_conn.ptnr2_label_atom_id 
_struct_conn.pdbx_ptnr2_label_alt_id 
_struct_conn.pdbx_ptnr2_PDB_ins_code 
_struct_conn.ptnr1_auth_asym_id 
_struct_conn.ptnr1_auth_comp_id 
_struct_conn.ptnr1_auth_seq_id 
_struct_conn.ptnr2_auth_asym_id 
_struct_conn.ptnr2_auth_comp_id 
_struct_conn.ptnr2_auth_seq_id 
_struct_conn.ptnr2_symmetry 
_struct_conn.pdbx_ptnr3_label_atom_id 
_struct_conn.pdbx_ptnr3_label_seq_id 
_struct_conn.pdbx_ptnr3_label_comp_id 
_struct_conn.pdbx_ptnr3_label_asym_id 
_struct_conn.pdbx_ptnr3_label_alt_id 
_struct_conn.pdbx_ptnr3_PDB_ins_code 
_struct_conn.details 
_struct_conn.pdbx_dist_value 
_struct_conn.pdbx_value_order 
_struct_conn.pdbx_role 
disulf1 disulf ? ? A CYS 57  SG  ? ? ? 1_555 A CYS 146 SG ? ? A CYS 57  A CYS 146 1_555 ? ? ? ? ? ? ? 2.035 ? ? 
metalc1 metalc ? ? A HIS 46  ND1 ? ? ? 1_555 B CU  .   CU ? ? A HIS 46  A CU  154 1_555 ? ? ? ? ? ? ? 2.111 ? ? 
metalc2 metalc ? ? A HIS 48  NE2 ? ? ? 1_555 B CU  .   CU ? ? A HIS 48  A CU  154 1_555 ? ? ? ? ? ? ? 2.067 ? ? 
metalc3 metalc ? ? A HIS 63  ND1 ? ? ? 1_555 C ZN  .   ZN ? ? A HIS 63  A ZN  155 1_555 ? ? ? ? ? ? ? 2.035 ? ? 
metalc4 metalc ? ? A HIS 71  ND1 ? ? ? 1_555 C ZN  .   ZN ? ? A HIS 71  A ZN  155 1_555 ? ? ? ? ? ? ? 2.100 ? ? 
metalc5 metalc ? ? A HIS 80  ND1 ? ? ? 1_555 C ZN  .   ZN ? ? A HIS 80  A ZN  155 1_555 ? ? ? ? ? ? ? 2.171 ? ? 
metalc6 metalc ? ? A ASP 83  OD1 ? ? ? 1_555 C ZN  .   ZN ? ? A ASP 83  A ZN  155 1_555 ? ? ? ? ? ? ? 1.917 ? ? 
metalc7 metalc ? ? A HIS 120 NE2 ? ? ? 1_555 B CU  .   CU ? ? A HIS 120 A CU  154 1_555 ? ? ? ? ? ? ? 2.112 ? ? 
# 
loop_
_struct_conn_type.id 
_struct_conn_type.criteria 
_struct_conn_type.reference 
disulf ? ? 
metalc ? ? 
# 
loop_
_pdbx_struct_conn_angle.id 
_pdbx_struct_conn_angle.ptnr1_label_atom_id 
_pdbx_struct_conn_angle.ptnr1_label_alt_id 
_pdbx_struct_conn_angle.ptnr1_label_asym_id 
_pdbx_struct_conn_angle.ptnr1_label_comp_id 
_pdbx_struct_conn_angle.ptnr1_label_seq_id 
_pdbx_struct_conn_angle.ptnr1_auth_atom_id 
_pdbx_struct_conn_angle.ptnr1_auth_asym_id 
_pdbx_struct_conn_angle.ptnr1_auth_comp_id 
_pdbx_struct_conn_angle.ptnr1_auth_seq_id 
_pdbx_struct_conn_angle.ptnr1_PDB_ins_code 
_pdbx_struct_conn_angle.ptnr1_symmetry 
_pdbx_struct_conn_angle.ptnr2_label_atom_id 
_pdbx_struct_conn_angle.ptnr2_label_alt_id 
_pdbx_struct_conn_angle.ptnr2_label_asym_id 
_pdbx_struct_conn_angle.ptnr2_label_comp_id 
_pdbx_struct_conn_angle.ptnr2_label_seq_id 
_pdbx_struct_conn_angle.ptnr2_auth_atom_id 
_pdbx_struct_conn_angle.ptnr2_auth_asym_id 
_pdbx_struct_conn_angle.ptnr2_auth_comp_id 
_pdbx_struct_conn_angle.ptnr2_auth_seq_id 
_pdbx_struct_conn_angle.ptnr2_PDB_ins_code 
_pdbx_struct_conn_angle.ptnr2_symmetry 
_pdbx_struct_conn_angle.ptnr3_label_atom_id 
_pdbx_struct_conn_angle.ptnr3_label_alt_id 
_pdbx_struct_conn_angle.ptnr3_label_asym_id 
_pdbx_struct_conn_angle.ptnr3_label_comp_id 
_pdbx_struct_conn_angle.ptnr3_label_seq_id 
_pdbx_struct_conn_angle.ptnr3_auth_atom_id 
_pdbx_struct_conn_angle.ptnr3_auth_asym_id 
_pdbx_struct_conn_angle.ptnr3_auth_comp_id 
_pdbx_struct_conn_angle.ptnr3_auth_seq_id 
_pdbx_struct_conn_angle.ptnr3_PDB_ins_code 
_pdbx_struct_conn_angle.ptnr3_symmetry 
_pdbx_struct_conn_angle.value 
_pdbx_struct_conn_angle.value_esd 
1 ND1 ? A HIS 46 ? A HIS 46 ? 1_555 CU ? B CU . ? A CU 154 ? 1_555 NE2 ? A HIS 48  ? A HIS 48  ? 1_555 139.1 ? 
2 ND1 ? A HIS 46 ? A HIS 46 ? 1_555 CU ? B CU . ? A CU 154 ? 1_555 NE2 ? A HIS 120 ? A HIS 120 ? 1_555 102.3 ? 
3 NE2 ? A HIS 48 ? A HIS 48 ? 1_555 CU ? B CU . ? A CU 154 ? 1_555 NE2 ? A HIS 120 ? A HIS 120 ? 1_555 118.5 ? 
4 ND1 ? A HIS 63 ? A HIS 63 ? 1_555 ZN ? C ZN . ? A ZN 155 ? 1_555 ND1 ? A HIS 71  ? A HIS 71  ? 1_555 103.2 ? 
5 ND1 ? A HIS 63 ? A HIS 63 ? 1_555 ZN ? C ZN . ? A ZN 155 ? 1_555 ND1 ? A HIS 80  ? A HIS 80  ? 1_555 109.2 ? 
6 ND1 ? A HIS 71 ? A HIS 71 ? 1_555 ZN ? C ZN . ? A ZN 155 ? 1_555 ND1 ? A HIS 80  ? A HIS 80  ? 1_555 121.9 ? 
7 ND1 ? A HIS 63 ? A HIS 63 ? 1_555 ZN ? C ZN . ? A ZN 155 ? 1_555 OD1 ? A ASP 83  ? A ASP 83  ? 1_555 108.9 ? 
8 ND1 ? A HIS 71 ? A HIS 71 ? 1_555 ZN ? C ZN . ? A ZN 155 ? 1_555 OD1 ? A ASP 83  ? A ASP 83  ? 1_555 98.4  ? 
9 ND1 ? A HIS 80 ? A HIS 80 ? 1_555 ZN ? C ZN . ? A ZN 155 ? 1_555 OD1 ? A ASP 83  ? A ASP 83  ? 1_555 114.0 ? 
# 
_pdbx_modification_feature.ordinal                            1 
_pdbx_modification_feature.label_comp_id                      CYS 
_pdbx_modification_feature.label_asym_id                      A 
_pdbx_modification_feature.label_seq_id                       57 
_pdbx_modification_feature.label_alt_id                       ? 
_pdbx_modification_feature.modified_residue_label_comp_id     CYS 
_pdbx_modification_feature.modified_residue_label_asym_id     A 
_pdbx_modification_feature.modified_residue_label_seq_id      146 
_pdbx_modification_feature.modified_residue_label_alt_id      ? 
_pdbx_modification_feature.auth_comp_id                       CYS 
_pdbx_modification_feature.auth_asym_id                       A 
_pdbx_modification_feature.auth_seq_id                        57 
_pdbx_modification_feature.PDB_ins_code                       ? 
_pdbx_modification_feature.symmetry                           1_555 
_pdbx_modification_feature.modified_residue_auth_comp_id      CYS 
_pdbx_modification_feature.modified_residue_auth_asym_id      A 
_pdbx_modification_feature.modified_residue_auth_seq_id       146 
_pdbx_modification_feature.modified_residue_PDB_ins_code      ? 
_pdbx_modification_feature.modified_residue_symmetry          1_555 
_pdbx_modification_feature.comp_id_linking_atom               SG 
_pdbx_modification_feature.modified_residue_id_linking_atom   SG 
_pdbx_modification_feature.modified_residue_id                . 
_pdbx_modification_feature.ref_pcm_id                         . 
_pdbx_modification_feature.ref_comp_id                        . 
_pdbx_modification_feature.type                               None 
_pdbx_modification_feature.category                           'Disulfide bridge' 
# 
loop_
_struct_sheet.id 
_struct_sheet.type 
_struct_sheet.number_strands 
_struct_sheet.details 
A ? 5 ? 
B ? 2 ? 
C ? 3 ? 
# 
loop_
_struct_sheet_order.sheet_id 
_struct_sheet_order.range_id_1 
_struct_sheet_order.range_id_2 
_struct_sheet_order.offset 
_struct_sheet_order.sense 
A 1 2 ? anti-parallel 
A 2 3 ? anti-parallel 
A 3 4 ? anti-parallel 
A 4 5 ? anti-parallel 
B 1 2 ? anti-parallel 
C 1 2 ? anti-parallel 
C 2 3 ? anti-parallel 
# 
loop_
_struct_sheet_range.sheet_id 
_struct_sheet_range.id 
_struct_sheet_range.beg_label_comp_id 
_struct_sheet_range.beg_label_asym_id 
_struct_sheet_range.beg_label_seq_id 
_struct_sheet_range.pdbx_beg_PDB_ins_code 
_struct_sheet_range.end_label_comp_id 
_struct_sheet_range.end_label_asym_id 
_struct_sheet_range.end_label_seq_id 
_struct_sheet_range.pdbx_end_PDB_ins_code 
_struct_sheet_range.beg_auth_comp_id 
_struct_sheet_range.beg_auth_asym_id 
_struct_sheet_range.beg_auth_seq_id 
_struct_sheet_range.end_auth_comp_id 
_struct_sheet_range.end_auth_asym_id 
_struct_sheet_range.end_auth_seq_id 
A 1 ILE A 149 ? THR A 152 ? ILE A 149 THR A 152 
A 2 GLN A 2   ? LEU A 7   ? GLN A 2   LEU A 7   
A 3 SER A 14  ? GLU A 20  ? SER A 14  GLU A 20  
A 4 THR A 28  ? ALA A 35  ? THR A 28  ALA A 35  
A 5 ALA A 95  ? ASP A 101 ? ALA A 95  ASP A 101 
B 1 GLU A 42  ? GLY A 44  ? GLU A 42  GLY A 44  
B 2 ASN A 86  ? LYS A 88  ? ASN A 86  LYS A 88  
C 1 PHE A 45  ? HIS A 48  ? PHE A 45  HIS A 48  
C 2 SER A 116 ? ILE A 119 ? SER A 116 ILE A 119 
C 3 ALA A 145 ? VAL A 148 ? ALA A 145 VAL A 148 
# 
loop_
_pdbx_struct_sheet_hbond.sheet_id 
_pdbx_struct_sheet_hbond.range_id_1 
_pdbx_struct_sheet_hbond.range_id_2 
_pdbx_struct_sheet_hbond.range_1_label_atom_id 
_pdbx_struct_sheet_hbond.range_1_label_comp_id 
_pdbx_struct_sheet_hbond.range_1_label_asym_id 
_pdbx_struct_sheet_hbond.range_1_label_seq_id 
_pdbx_struct_sheet_hbond.range_1_PDB_ins_code 
_pdbx_struct_sheet_hbond.range_1_auth_atom_id 
_pdbx_struct_sheet_hbond.range_1_auth_comp_id 
_pdbx_struct_sheet_hbond.range_1_auth_asym_id 
_pdbx_struct_sheet_hbond.range_1_auth_seq_id 
_pdbx_struct_sheet_hbond.range_2_label_atom_id 
_pdbx_struct_sheet_hbond.range_2_label_comp_id 
_pdbx_struct_sheet_hbond.range_2_label_asym_id 
_pdbx_struct_sheet_hbond.range_2_label_seq_id 
_pdbx_struct_sheet_hbond.range_2_PDB_ins_code 
_pdbx_struct_sheet_hbond.range_2_auth_atom_id 
_pdbx_struct_sheet_hbond.range_2_auth_comp_id 
_pdbx_struct_sheet_hbond.range_2_auth_asym_id 
_pdbx_struct_sheet_hbond.range_2_auth_seq_id 
A 1 2 O GLY A 150 ? O GLY A 150 N VAL A 4   ? N VAL A 4   
A 2 3 O ALA A 3   ? O ALA A 3   N PHE A 19  ? N PHE A 19  
A 3 4 O SER A 14  ? O SER A 14  N ALA A 35  ? N ALA A 35  
A 4 5 O THR A 28  ? O THR A 28  N ASP A 101 ? N ASP A 101 
B 1 2 O ARG A 43  ? O ARG A 43  N VAL A 87  ? N VAL A 87  
C 1 2 O HIS A 46  ? O HIS A 46  N VAL A 118 ? N VAL A 118 
C 2 3 O VAL A 117 ? O VAL A 117 N GLY A 147 ? N GLY A 147 
# 
loop_
_struct_site.id 
_struct_site.pdbx_evidence_code 
_struct_site.pdbx_auth_asym_id 
_struct_site.pdbx_auth_comp_id 
_struct_site.pdbx_auth_seq_id 
_struct_site.pdbx_auth_ins_code 
_struct_site.pdbx_num_residues 
_struct_site.details 
CU  Unknown  ? ?  ?   ? 4 ?                                   
ZN  Unknown  ? ?  ?   ? 5 ?                                   
AC1 Software A CU 154 ? 4 'BINDING SITE FOR RESIDUE CU A 154' 
AC2 Software A ZN 155 ? 4 'BINDING SITE FOR RESIDUE ZN A 155' 
# 
loop_
_struct_site_gen.id 
_struct_site_gen.site_id 
_struct_site_gen.pdbx_num_res 
_struct_site_gen.label_comp_id 
_struct_site_gen.label_asym_id 
_struct_site_gen.label_seq_id 
_struct_site_gen.pdbx_auth_ins_code 
_struct_site_gen.auth_comp_id 
_struct_site_gen.auth_asym_id 
_struct_site_gen.auth_seq_id 
_struct_site_gen.label_atom_id 
_struct_site_gen.label_alt_id 
_struct_site_gen.symmetry 
_struct_site_gen.details 
1  CU  4 CU  B .   ? CU  A 154 . ? 1_555 ? 
2  CU  4 HIS A 46  ? HIS A 46  . ? 1_555 ? 
3  CU  4 HIS A 48  ? HIS A 48  . ? 1_555 ? 
4  CU  4 HIS A 120 ? HIS A 120 . ? 1_555 ? 
5  ZN  5 ZN  C .   ? ZN  A 155 . ? 1_555 ? 
6  ZN  5 HIS A 63  ? HIS A 63  . ? 1_555 ? 
7  ZN  5 HIS A 71  ? HIS A 71  . ? 1_555 ? 
8  ZN  5 HIS A 80  ? HIS A 80  . ? 1_555 ? 
9  ZN  5 ASP A 83  ? ASP A 83  . ? 1_555 ? 
10 AC1 4 HIS A 46  ? HIS A 46  . ? 1_555 ? 
11 AC1 4 HIS A 48  ? HIS A 48  . ? 1_555 ? 
12 AC1 4 HIS A 63  ? HIS A 63  . ? 1_555 ? 
13 AC1 4 HIS A 120 ? HIS A 120 . ? 1_555 ? 
14 AC2 4 HIS A 63  ? HIS A 63  . ? 1_555 ? 
15 AC2 4 HIS A 71  ? HIS A 71  . ? 1_555 ? 
16 AC2 4 HIS A 80  ? HIS A 80  . ? 1_555 ? 
17 AC2 4 ASP A 83  ? ASP A 83  . ? 1_555 ? 
# 
_pdbx_entry_details.entry_id                   1JCV 
_pdbx_entry_details.compound_details           ? 
_pdbx_entry_details.source_details             ? 
_pdbx_entry_details.nonpolymer_details         ? 
_pdbx_entry_details.sequence_details           ? 
_pdbx_entry_details.has_ligand_of_interest     ? 
_pdbx_entry_details.has_protein_modification   Y 
# 
_pdbx_validate_torsion.id              1 
_pdbx_validate_torsion.PDB_model_num   1 
_pdbx_validate_torsion.auth_comp_id    ARG 
_pdbx_validate_torsion.auth_asym_id    A 
_pdbx_validate_torsion.auth_seq_id     115 
_pdbx_validate_torsion.PDB_ins_code    ? 
_pdbx_validate_torsion.label_alt_id    ? 
_pdbx_validate_torsion.phi             -101.87 
_pdbx_validate_torsion.psi             -158.95 
# 
loop_
_chem_comp_atom.comp_id 
_chem_comp_atom.atom_id 
_chem_comp_atom.type_symbol 
_chem_comp_atom.pdbx_aromatic_flag 
_chem_comp_atom.pdbx_stereo_config 
_chem_comp_atom.pdbx_ordinal 
ALA N    N  N N 1   
ALA CA   C  N S 2   
ALA C    C  N N 3   
ALA O    O  N N 4   
ALA CB   C  N N 5   
ALA OXT  O  N N 6   
ALA H    H  N N 7   
ALA H2   H  N N 8   
ALA HA   H  N N 9   
ALA HB1  H  N N 10  
ALA HB2  H  N N 11  
ALA HB3  H  N N 12  
ALA HXT  H  N N 13  
ARG N    N  N N 14  
ARG CA   C  N S 15  
ARG C    C  N N 16  
ARG O    O  N N 17  
ARG CB   C  N N 18  
ARG CG   C  N N 19  
ARG CD   C  N N 20  
ARG NE   N  N N 21  
ARG CZ   C  N N 22  
ARG NH1  N  N N 23  
ARG NH2  N  N N 24  
ARG OXT  O  N N 25  
ARG H    H  N N 26  
ARG H2   H  N N 27  
ARG HA   H  N N 28  
ARG HB2  H  N N 29  
ARG HB3  H  N N 30  
ARG HG2  H  N N 31  
ARG HG3  H  N N 32  
ARG HD2  H  N N 33  
ARG HD3  H  N N 34  
ARG HE   H  N N 35  
ARG HH11 H  N N 36  
ARG HH12 H  N N 37  
ARG HH21 H  N N 38  
ARG HH22 H  N N 39  
ARG HXT  H  N N 40  
ASN N    N  N N 41  
ASN CA   C  N S 42  
ASN C    C  N N 43  
ASN O    O  N N 44  
ASN CB   C  N N 45  
ASN CG   C  N N 46  
ASN OD1  O  N N 47  
ASN ND2  N  N N 48  
ASN OXT  O  N N 49  
ASN H    H  N N 50  
ASN H2   H  N N 51  
ASN HA   H  N N 52  
ASN HB2  H  N N 53  
ASN HB3  H  N N 54  
ASN HD21 H  N N 55  
ASN HD22 H  N N 56  
ASN HXT  H  N N 57  
ASP N    N  N N 58  
ASP CA   C  N S 59  
ASP C    C  N N 60  
ASP O    O  N N 61  
ASP CB   C  N N 62  
ASP CG   C  N N 63  
ASP OD1  O  N N 64  
ASP OD2  O  N N 65  
ASP OXT  O  N N 66  
ASP H    H  N N 67  
ASP H2   H  N N 68  
ASP HA   H  N N 69  
ASP HB2  H  N N 70  
ASP HB3  H  N N 71  
ASP HD2  H  N N 72  
ASP HXT  H  N N 73  
CU  CU   CU N N 74  
CYS N    N  N N 75  
CYS CA   C  N R 76  
CYS C    C  N N 77  
CYS O    O  N N 78  
CYS CB   C  N N 79  
CYS SG   S  N N 80  
CYS OXT  O  N N 81  
CYS H    H  N N 82  
CYS H2   H  N N 83  
CYS HA   H  N N 84  
CYS HB2  H  N N 85  
CYS HB3  H  N N 86  
CYS HG   H  N N 87  
CYS HXT  H  N N 88  
GLN N    N  N N 89  
GLN CA   C  N S 90  
GLN C    C  N N 91  
GLN O    O  N N 92  
GLN CB   C  N N 93  
GLN CG   C  N N 94  
GLN CD   C  N N 95  
GLN OE1  O  N N 96  
GLN NE2  N  N N 97  
GLN OXT  O  N N 98  
GLN H    H  N N 99  
GLN H2   H  N N 100 
GLN HA   H  N N 101 
GLN HB2  H  N N 102 
GLN HB3  H  N N 103 
GLN HG2  H  N N 104 
GLN HG3  H  N N 105 
GLN HE21 H  N N 106 
GLN HE22 H  N N 107 
GLN HXT  H  N N 108 
GLU N    N  N N 109 
GLU CA   C  N S 110 
GLU C    C  N N 111 
GLU O    O  N N 112 
GLU CB   C  N N 113 
GLU CG   C  N N 114 
GLU CD   C  N N 115 
GLU OE1  O  N N 116 
GLU OE2  O  N N 117 
GLU OXT  O  N N 118 
GLU H    H  N N 119 
GLU H2   H  N N 120 
GLU HA   H  N N 121 
GLU HB2  H  N N 122 
GLU HB3  H  N N 123 
GLU HG2  H  N N 124 
GLU HG3  H  N N 125 
GLU HE2  H  N N 126 
GLU HXT  H  N N 127 
GLY N    N  N N 128 
GLY CA   C  N N 129 
GLY C    C  N N 130 
GLY O    O  N N 131 
GLY OXT  O  N N 132 
GLY H    H  N N 133 
GLY H2   H  N N 134 
GLY HA2  H  N N 135 
GLY HA3  H  N N 136 
GLY HXT  H  N N 137 
HIS N    N  N N 138 
HIS CA   C  N S 139 
HIS C    C  N N 140 
HIS O    O  N N 141 
HIS CB   C  N N 142 
HIS CG   C  Y N 143 
HIS ND1  N  Y N 144 
HIS CD2  C  Y N 145 
HIS CE1  C  Y N 146 
HIS NE2  N  Y N 147 
HIS OXT  O  N N 148 
HIS H    H  N N 149 
HIS H2   H  N N 150 
HIS HA   H  N N 151 
HIS HB2  H  N N 152 
HIS HB3  H  N N 153 
HIS HD1  H  N N 154 
HIS HD2  H  N N 155 
HIS HE1  H  N N 156 
HIS HE2  H  N N 157 
HIS HXT  H  N N 158 
HOH O    O  N N 159 
HOH H1   H  N N 160 
HOH H2   H  N N 161 
ILE N    N  N N 162 
ILE CA   C  N S 163 
ILE C    C  N N 164 
ILE O    O  N N 165 
ILE CB   C  N S 166 
ILE CG1  C  N N 167 
ILE CG2  C  N N 168 
ILE CD1  C  N N 169 
ILE OXT  O  N N 170 
ILE H    H  N N 171 
ILE H2   H  N N 172 
ILE HA   H  N N 173 
ILE HB   H  N N 174 
ILE HG12 H  N N 175 
ILE HG13 H  N N 176 
ILE HG21 H  N N 177 
ILE HG22 H  N N 178 
ILE HG23 H  N N 179 
ILE HD11 H  N N 180 
ILE HD12 H  N N 181 
ILE HD13 H  N N 182 
ILE HXT  H  N N 183 
LEU N    N  N N 184 
LEU CA   C  N S 185 
LEU C    C  N N 186 
LEU O    O  N N 187 
LEU CB   C  N N 188 
LEU CG   C  N N 189 
LEU CD1  C  N N 190 
LEU CD2  C  N N 191 
LEU OXT  O  N N 192 
LEU H    H  N N 193 
LEU H2   H  N N 194 
LEU HA   H  N N 195 
LEU HB2  H  N N 196 
LEU HB3  H  N N 197 
LEU HG   H  N N 198 
LEU HD11 H  N N 199 
LEU HD12 H  N N 200 
LEU HD13 H  N N 201 
LEU HD21 H  N N 202 
LEU HD22 H  N N 203 
LEU HD23 H  N N 204 
LEU HXT  H  N N 205 
LYS N    N  N N 206 
LYS CA   C  N S 207 
LYS C    C  N N 208 
LYS O    O  N N 209 
LYS CB   C  N N 210 
LYS CG   C  N N 211 
LYS CD   C  N N 212 
LYS CE   C  N N 213 
LYS NZ   N  N N 214 
LYS OXT  O  N N 215 
LYS H    H  N N 216 
LYS H2   H  N N 217 
LYS HA   H  N N 218 
LYS HB2  H  N N 219 
LYS HB3  H  N N 220 
LYS HG2  H  N N 221 
LYS HG3  H  N N 222 
LYS HD2  H  N N 223 
LYS HD3  H  N N 224 
LYS HE2  H  N N 225 
LYS HE3  H  N N 226 
LYS HZ1  H  N N 227 
LYS HZ2  H  N N 228 
LYS HZ3  H  N N 229 
LYS HXT  H  N N 230 
MET N    N  N N 231 
MET CA   C  N S 232 
MET C    C  N N 233 
MET O    O  N N 234 
MET CB   C  N N 235 
MET CG   C  N N 236 
MET SD   S  N N 237 
MET CE   C  N N 238 
MET OXT  O  N N 239 
MET H    H  N N 240 
MET H2   H  N N 241 
MET HA   H  N N 242 
MET HB2  H  N N 243 
MET HB3  H  N N 244 
MET HG2  H  N N 245 
MET HG3  H  N N 246 
MET HE1  H  N N 247 
MET HE2  H  N N 248 
MET HE3  H  N N 249 
MET HXT  H  N N 250 
PHE N    N  N N 251 
PHE CA   C  N S 252 
PHE C    C  N N 253 
PHE O    O  N N 254 
PHE CB   C  N N 255 
PHE CG   C  Y N 256 
PHE CD1  C  Y N 257 
PHE CD2  C  Y N 258 
PHE CE1  C  Y N 259 
PHE CE2  C  Y N 260 
PHE CZ   C  Y N 261 
PHE OXT  O  N N 262 
PHE H    H  N N 263 
PHE H2   H  N N 264 
PHE HA   H  N N 265 
PHE HB2  H  N N 266 
PHE HB3  H  N N 267 
PHE HD1  H  N N 268 
PHE HD2  H  N N 269 
PHE HE1  H  N N 270 
PHE HE2  H  N N 271 
PHE HZ   H  N N 272 
PHE HXT  H  N N 273 
PRO N    N  N N 274 
PRO CA   C  N S 275 
PRO C    C  N N 276 
PRO O    O  N N 277 
PRO CB   C  N N 278 
PRO CG   C  N N 279 
PRO CD   C  N N 280 
PRO OXT  O  N N 281 
PRO H    H  N N 282 
PRO HA   H  N N 283 
PRO HB2  H  N N 284 
PRO HB3  H  N N 285 
PRO HG2  H  N N 286 
PRO HG3  H  N N 287 
PRO HD2  H  N N 288 
PRO HD3  H  N N 289 
PRO HXT  H  N N 290 
SER N    N  N N 291 
SER CA   C  N S 292 
SER C    C  N N 293 
SER O    O  N N 294 
SER CB   C  N N 295 
SER OG   O  N N 296 
SER OXT  O  N N 297 
SER H    H  N N 298 
SER H2   H  N N 299 
SER HA   H  N N 300 
SER HB2  H  N N 301 
SER HB3  H  N N 302 
SER HG   H  N N 303 
SER HXT  H  N N 304 
THR N    N  N N 305 
THR CA   C  N S 306 
THR C    C  N N 307 
THR O    O  N N 308 
THR CB   C  N R 309 
THR OG1  O  N N 310 
THR CG2  C  N N 311 
THR OXT  O  N N 312 
THR H    H  N N 313 
THR H2   H  N N 314 
THR HA   H  N N 315 
THR HB   H  N N 316 
THR HG1  H  N N 317 
THR HG21 H  N N 318 
THR HG22 H  N N 319 
THR HG23 H  N N 320 
THR HXT  H  N N 321 
TYR N    N  N N 322 
TYR CA   C  N S 323 
TYR C    C  N N 324 
TYR O    O  N N 325 
TYR CB   C  N N 326 
TYR CG   C  Y N 327 
TYR CD1  C  Y N 328 
TYR CD2  C  Y N 329 
TYR CE1  C  Y N 330 
TYR CE2  C  Y N 331 
TYR CZ   C  Y N 332 
TYR OH   O  N N 333 
TYR OXT  O  N N 334 
TYR H    H  N N 335 
TYR H2   H  N N 336 
TYR HA   H  N N 337 
TYR HB2  H  N N 338 
TYR HB3  H  N N 339 
TYR HD1  H  N N 340 
TYR HD2  H  N N 341 
TYR HE1  H  N N 342 
TYR HE2  H  N N 343 
TYR HH   H  N N 344 
TYR HXT  H  N N 345 
VAL N    N  N N 346 
VAL CA   C  N S 347 
VAL C    C  N N 348 
VAL O    O  N N 349 
VAL CB   C  N N 350 
VAL CG1  C  N N 351 
VAL CG2  C  N N 352 
VAL OXT  O  N N 353 
VAL H    H  N N 354 
VAL H2   H  N N 355 
VAL HA   H  N N 356 
VAL HB   H  N N 357 
VAL HG11 H  N N 358 
VAL HG12 H  N N 359 
VAL HG13 H  N N 360 
VAL HG21 H  N N 361 
VAL HG22 H  N N 362 
VAL HG23 H  N N 363 
VAL HXT  H  N N 364 
ZN  ZN   ZN N N 365 
# 
loop_
_chem_comp_bond.comp_id 
_chem_comp_bond.atom_id_1 
_chem_comp_bond.atom_id_2 
_chem_comp_bond.value_order 
_chem_comp_bond.pdbx_aromatic_flag 
_chem_comp_bond.pdbx_stereo_config 
_chem_comp_bond.pdbx_ordinal 
ALA N   CA   sing N N 1   
ALA N   H    sing N N 2   
ALA N   H2   sing N N 3   
ALA CA  C    sing N N 4   
ALA CA  CB   sing N N 5   
ALA CA  HA   sing N N 6   
ALA C   O    doub N N 7   
ALA C   OXT  sing N N 8   
ALA CB  HB1  sing N N 9   
ALA CB  HB2  sing N N 10  
ALA CB  HB3  sing N N 11  
ALA OXT HXT  sing N N 12  
ARG N   CA   sing N N 13  
ARG N   H    sing N N 14  
ARG N   H2   sing N N 15  
ARG CA  C    sing N N 16  
ARG CA  CB   sing N N 17  
ARG CA  HA   sing N N 18  
ARG C   O    doub N N 19  
ARG C   OXT  sing N N 20  
ARG CB  CG   sing N N 21  
ARG CB  HB2  sing N N 22  
ARG CB  HB3  sing N N 23  
ARG CG  CD   sing N N 24  
ARG CG  HG2  sing N N 25  
ARG CG  HG3  sing N N 26  
ARG CD  NE   sing N N 27  
ARG CD  HD2  sing N N 28  
ARG CD  HD3  sing N N 29  
ARG NE  CZ   sing N N 30  
ARG NE  HE   sing N N 31  
ARG CZ  NH1  sing N N 32  
ARG CZ  NH2  doub N N 33  
ARG NH1 HH11 sing N N 34  
ARG NH1 HH12 sing N N 35  
ARG NH2 HH21 sing N N 36  
ARG NH2 HH22 sing N N 37  
ARG OXT HXT  sing N N 38  
ASN N   CA   sing N N 39  
ASN N   H    sing N N 40  
ASN N   H2   sing N N 41  
ASN CA  C    sing N N 42  
ASN CA  CB   sing N N 43  
ASN CA  HA   sing N N 44  
ASN C   O    doub N N 45  
ASN C   OXT  sing N N 46  
ASN CB  CG   sing N N 47  
ASN CB  HB2  sing N N 48  
ASN CB  HB3  sing N N 49  
ASN CG  OD1  doub N N 50  
ASN CG  ND2  sing N N 51  
ASN ND2 HD21 sing N N 52  
ASN ND2 HD22 sing N N 53  
ASN OXT HXT  sing N N 54  
ASP N   CA   sing N N 55  
ASP N   H    sing N N 56  
ASP N   H2   sing N N 57  
ASP CA  C    sing N N 58  
ASP CA  CB   sing N N 59  
ASP CA  HA   sing N N 60  
ASP C   O    doub N N 61  
ASP C   OXT  sing N N 62  
ASP CB  CG   sing N N 63  
ASP CB  HB2  sing N N 64  
ASP CB  HB3  sing N N 65  
ASP CG  OD1  doub N N 66  
ASP CG  OD2  sing N N 67  
ASP OD2 HD2  sing N N 68  
ASP OXT HXT  sing N N 69  
CYS N   CA   sing N N 70  
CYS N   H    sing N N 71  
CYS N   H2   sing N N 72  
CYS CA  C    sing N N 73  
CYS CA  CB   sing N N 74  
CYS CA  HA   sing N N 75  
CYS C   O    doub N N 76  
CYS C   OXT  sing N N 77  
CYS CB  SG   sing N N 78  
CYS CB  HB2  sing N N 79  
CYS CB  HB3  sing N N 80  
CYS SG  HG   sing N N 81  
CYS OXT HXT  sing N N 82  
GLN N   CA   sing N N 83  
GLN N   H    sing N N 84  
GLN N   H2   sing N N 85  
GLN CA  C    sing N N 86  
GLN CA  CB   sing N N 87  
GLN CA  HA   sing N N 88  
GLN C   O    doub N N 89  
GLN C   OXT  sing N N 90  
GLN CB  CG   sing N N 91  
GLN CB  HB2  sing N N 92  
GLN CB  HB3  sing N N 93  
GLN CG  CD   sing N N 94  
GLN CG  HG2  sing N N 95  
GLN CG  HG3  sing N N 96  
GLN CD  OE1  doub N N 97  
GLN CD  NE2  sing N N 98  
GLN NE2 HE21 sing N N 99  
GLN NE2 HE22 sing N N 100 
GLN OXT HXT  sing N N 101 
GLU N   CA   sing N N 102 
GLU N   H    sing N N 103 
GLU N   H2   sing N N 104 
GLU CA  C    sing N N 105 
GLU CA  CB   sing N N 106 
GLU CA  HA   sing N N 107 
GLU C   O    doub N N 108 
GLU C   OXT  sing N N 109 
GLU CB  CG   sing N N 110 
GLU CB  HB2  sing N N 111 
GLU CB  HB3  sing N N 112 
GLU CG  CD   sing N N 113 
GLU CG  HG2  sing N N 114 
GLU CG  HG3  sing N N 115 
GLU CD  OE1  doub N N 116 
GLU CD  OE2  sing N N 117 
GLU OE2 HE2  sing N N 118 
GLU OXT HXT  sing N N 119 
GLY N   CA   sing N N 120 
GLY N   H    sing N N 121 
GLY N   H2   sing N N 122 
GLY CA  C    sing N N 123 
GLY CA  HA2  sing N N 124 
GLY CA  HA3  sing N N 125 
GLY C   O    doub N N 126 
GLY C   OXT  sing N N 127 
GLY OXT HXT  sing N N 128 
HIS N   CA   sing N N 129 
HIS N   H    sing N N 130 
HIS N   H2   sing N N 131 
HIS CA  C    sing N N 132 
HIS CA  CB   sing N N 133 
HIS CA  HA   sing N N 134 
HIS C   O    doub N N 135 
HIS C   OXT  sing N N 136 
HIS CB  CG   sing N N 137 
HIS CB  HB2  sing N N 138 
HIS CB  HB3  sing N N 139 
HIS CG  ND1  sing Y N 140 
HIS CG  CD2  doub Y N 141 
HIS ND1 CE1  doub Y N 142 
HIS ND1 HD1  sing N N 143 
HIS CD2 NE2  sing Y N 144 
HIS CD2 HD2  sing N N 145 
HIS CE1 NE2  sing Y N 146 
HIS CE1 HE1  sing N N 147 
HIS NE2 HE2  sing N N 148 
HIS OXT HXT  sing N N 149 
HOH O   H1   sing N N 150 
HOH O   H2   sing N N 151 
ILE N   CA   sing N N 152 
ILE N   H    sing N N 153 
ILE N   H2   sing N N 154 
ILE CA  C    sing N N 155 
ILE CA  CB   sing N N 156 
ILE CA  HA   sing N N 157 
ILE C   O    doub N N 158 
ILE C   OXT  sing N N 159 
ILE CB  CG1  sing N N 160 
ILE CB  CG2  sing N N 161 
ILE CB  HB   sing N N 162 
ILE CG1 CD1  sing N N 163 
ILE CG1 HG12 sing N N 164 
ILE CG1 HG13 sing N N 165 
ILE CG2 HG21 sing N N 166 
ILE CG2 HG22 sing N N 167 
ILE CG2 HG23 sing N N 168 
ILE CD1 HD11 sing N N 169 
ILE CD1 HD12 sing N N 170 
ILE CD1 HD13 sing N N 171 
ILE OXT HXT  sing N N 172 
LEU N   CA   sing N N 173 
LEU N   H    sing N N 174 
LEU N   H2   sing N N 175 
LEU CA  C    sing N N 176 
LEU CA  CB   sing N N 177 
LEU CA  HA   sing N N 178 
LEU C   O    doub N N 179 
LEU C   OXT  sing N N 180 
LEU CB  CG   sing N N 181 
LEU CB  HB2  sing N N 182 
LEU CB  HB3  sing N N 183 
LEU CG  CD1  sing N N 184 
LEU CG  CD2  sing N N 185 
LEU CG  HG   sing N N 186 
LEU CD1 HD11 sing N N 187 
LEU CD1 HD12 sing N N 188 
LEU CD1 HD13 sing N N 189 
LEU CD2 HD21 sing N N 190 
LEU CD2 HD22 sing N N 191 
LEU CD2 HD23 sing N N 192 
LEU OXT HXT  sing N N 193 
LYS N   CA   sing N N 194 
LYS N   H    sing N N 195 
LYS N   H2   sing N N 196 
LYS CA  C    sing N N 197 
LYS CA  CB   sing N N 198 
LYS CA  HA   sing N N 199 
LYS C   O    doub N N 200 
LYS C   OXT  sing N N 201 
LYS CB  CG   sing N N 202 
LYS CB  HB2  sing N N 203 
LYS CB  HB3  sing N N 204 
LYS CG  CD   sing N N 205 
LYS CG  HG2  sing N N 206 
LYS CG  HG3  sing N N 207 
LYS CD  CE   sing N N 208 
LYS CD  HD2  sing N N 209 
LYS CD  HD3  sing N N 210 
LYS CE  NZ   sing N N 211 
LYS CE  HE2  sing N N 212 
LYS CE  HE3  sing N N 213 
LYS NZ  HZ1  sing N N 214 
LYS NZ  HZ2  sing N N 215 
LYS NZ  HZ3  sing N N 216 
LYS OXT HXT  sing N N 217 
MET N   CA   sing N N 218 
MET N   H    sing N N 219 
MET N   H2   sing N N 220 
MET CA  C    sing N N 221 
MET CA  CB   sing N N 222 
MET CA  HA   sing N N 223 
MET C   O    doub N N 224 
MET C   OXT  sing N N 225 
MET CB  CG   sing N N 226 
MET CB  HB2  sing N N 227 
MET CB  HB3  sing N N 228 
MET CG  SD   sing N N 229 
MET CG  HG2  sing N N 230 
MET CG  HG3  sing N N 231 
MET SD  CE   sing N N 232 
MET CE  HE1  sing N N 233 
MET CE  HE2  sing N N 234 
MET CE  HE3  sing N N 235 
MET OXT HXT  sing N N 236 
PHE N   CA   sing N N 237 
PHE N   H    sing N N 238 
PHE N   H2   sing N N 239 
PHE CA  C    sing N N 240 
PHE CA  CB   sing N N 241 
PHE CA  HA   sing N N 242 
PHE C   O    doub N N 243 
PHE C   OXT  sing N N 244 
PHE CB  CG   sing N N 245 
PHE CB  HB2  sing N N 246 
PHE CB  HB3  sing N N 247 
PHE CG  CD1  doub Y N 248 
PHE CG  CD2  sing Y N 249 
PHE CD1 CE1  sing Y N 250 
PHE CD1 HD1  sing N N 251 
PHE CD2 CE2  doub Y N 252 
PHE CD2 HD2  sing N N 253 
PHE CE1 CZ   doub Y N 254 
PHE CE1 HE1  sing N N 255 
PHE CE2 CZ   sing Y N 256 
PHE CE2 HE2  sing N N 257 
PHE CZ  HZ   sing N N 258 
PHE OXT HXT  sing N N 259 
PRO N   CA   sing N N 260 
PRO N   CD   sing N N 261 
PRO N   H    sing N N 262 
PRO CA  C    sing N N 263 
PRO CA  CB   sing N N 264 
PRO CA  HA   sing N N 265 
PRO C   O    doub N N 266 
PRO C   OXT  sing N N 267 
PRO CB  CG   sing N N 268 
PRO CB  HB2  sing N N 269 
PRO CB  HB3  sing N N 270 
PRO CG  CD   sing N N 271 
PRO CG  HG2  sing N N 272 
PRO CG  HG3  sing N N 273 
PRO CD  HD2  sing N N 274 
PRO CD  HD3  sing N N 275 
PRO OXT HXT  sing N N 276 
SER N   CA   sing N N 277 
SER N   H    sing N N 278 
SER N   H2   sing N N 279 
SER CA  C    sing N N 280 
SER CA  CB   sing N N 281 
SER CA  HA   sing N N 282 
SER C   O    doub N N 283 
SER C   OXT  sing N N 284 
SER CB  OG   sing N N 285 
SER CB  HB2  sing N N 286 
SER CB  HB3  sing N N 287 
SER OG  HG   sing N N 288 
SER OXT HXT  sing N N 289 
THR N   CA   sing N N 290 
THR N   H    sing N N 291 
THR N   H2   sing N N 292 
THR CA  C    sing N N 293 
THR CA  CB   sing N N 294 
THR CA  HA   sing N N 295 
THR C   O    doub N N 296 
THR C   OXT  sing N N 297 
THR CB  OG1  sing N N 298 
THR CB  CG2  sing N N 299 
THR CB  HB   sing N N 300 
THR OG1 HG1  sing N N 301 
THR CG2 HG21 sing N N 302 
THR CG2 HG22 sing N N 303 
THR CG2 HG23 sing N N 304 
THR OXT HXT  sing N N 305 
TYR N   CA   sing N N 306 
TYR N   H    sing N N 307 
TYR N   H2   sing N N 308 
TYR CA  C    sing N N 309 
TYR CA  CB   sing N N 310 
TYR CA  HA   sing N N 311 
TYR C   O    doub N N 312 
TYR C   OXT  sing N N 313 
TYR CB  CG   sing N N 314 
TYR CB  HB2  sing N N 315 
TYR CB  HB3  sing N N 316 
TYR CG  CD1  doub Y N 317 
TYR CG  CD2  sing Y N 318 
TYR CD1 CE1  sing Y N 319 
TYR CD1 HD1  sing N N 320 
TYR CD2 CE2  doub Y N 321 
TYR CD2 HD2  sing N N 322 
TYR CE1 CZ   doub Y N 323 
TYR CE1 HE1  sing N N 324 
TYR CE2 CZ   sing Y N 325 
TYR CE2 HE2  sing N N 326 
TYR CZ  OH   sing N N 327 
TYR OH  HH   sing N N 328 
TYR OXT HXT  sing N N 329 
VAL N   CA   sing N N 330 
VAL N   H    sing N N 331 
VAL N   H2   sing N N 332 
VAL CA  C    sing N N 333 
VAL CA  CB   sing N N 334 
VAL CA  HA   sing N N 335 
VAL C   O    doub N N 336 
VAL C   OXT  sing N N 337 
VAL CB  CG1  sing N N 338 
VAL CB  CG2  sing N N 339 
VAL CB  HB   sing N N 340 
VAL CG1 HG11 sing N N 341 
VAL CG1 HG12 sing N N 342 
VAL CG1 HG13 sing N N 343 
VAL CG2 HG21 sing N N 344 
VAL CG2 HG22 sing N N 345 
VAL CG2 HG23 sing N N 346 
VAL OXT HXT  sing N N 347 
# 
_atom_sites.entry_id                    1JCV 
_atom_sites.fract_transf_matrix[1][1]   -0.00792318 
_atom_sites.fract_transf_matrix[1][2]   0.00449994 
_atom_sites.fract_transf_matrix[1][3]   0.00348005 
_atom_sites.fract_transf_matrix[2][1]   -0.00481387 
_atom_sites.fract_transf_matrix[2][2]   -0.00377861 
_atom_sites.fract_transf_matrix[2][3]   0.00759406 
_atom_sites.fract_transf_matrix[3][1]   0.00781495 
_atom_sites.fract_transf_matrix[3][2]   0.00716991 
_atom_sites.fract_transf_matrix[3][3]   0.00852145 
_atom_sites.fract_transf_vector[1]      0.184145 
_atom_sites.fract_transf_vector[2]      0.161159 
_atom_sites.fract_transf_vector[3]      0.310366 
# 
loop_
_atom_type.symbol 
C  
CU 
N  
O  
S  
ZN 
# 
loop_
_atom_site.group_PDB 
_atom_site.id 
_atom_site.type_symbol 
_atom_site.label_atom_id 
_atom_site.label_alt_id 
_atom_site.label_comp_id 
_atom_site.label_asym_id 
_atom_site.label_entity_id 
_atom_site.label_seq_id 
_atom_site.pdbx_PDB_ins_code 
_atom_site.Cartn_x 
_atom_site.Cartn_y 
_atom_site.Cartn_z 
_atom_site.occupancy 
_atom_site.B_iso_or_equiv 
_atom_site.pdbx_formal_charge 
_atom_site.auth_seq_id 
_atom_site.auth_comp_id 
_atom_site.auth_asym_id 
_atom_site.auth_atom_id 
_atom_site.pdbx_PDB_model_num 
ATOM   1    N  N   . VAL A 1 1   ? -4.965  15.325  10.562  1.00 12.29 ? 1   VAL A N   1 
ATOM   2    C  CA  . VAL A 1 1   ? -3.684  14.611  10.782  1.00 12.73 ? 1   VAL A CA  1 
ATOM   3    C  C   . VAL A 1 1   ? -3.036  14.278  9.432   1.00 11.99 ? 1   VAL A C   1 
ATOM   4    O  O   . VAL A 1 1   ? -3.736  13.932  8.473   1.00 11.51 ? 1   VAL A O   1 
ATOM   5    C  CB  . VAL A 1 1   ? -3.947  13.308  11.569  1.00 13.97 ? 1   VAL A CB  1 
ATOM   6    C  CG1 . VAL A 1 1   ? -2.647  12.544  11.821  1.00 14.00 ? 1   VAL A CG1 1 
ATOM   7    C  CG2 . VAL A 1 1   ? -4.676  13.636  12.866  1.00 15.05 ? 1   VAL A CG2 1 
ATOM   8    N  N   . GLN A 1 2   ? -1.722  14.443  9.336   1.00 10.81 ? 2   GLN A N   1 
ATOM   9    C  CA  . GLN A 1 2   ? -1.009  14.120  8.108   1.00 11.26 ? 2   GLN A CA  1 
ATOM   10   C  C   . GLN A 1 2   ? 0.126   13.147  8.355   1.00 10.14 ? 2   GLN A C   1 
ATOM   11   O  O   . GLN A 1 2   ? 0.788   13.200  9.396   1.00 10.10 ? 2   GLN A O   1 
ATOM   12   C  CB  . GLN A 1 2   ? -0.464  15.376  7.438   1.00 13.19 ? 2   GLN A CB  1 
ATOM   13   C  CG  . GLN A 1 2   ? -1.563  16.219  6.866   1.00 16.80 ? 2   GLN A CG  1 
ATOM   14   C  CD  . GLN A 1 2   ? -1.033  17.386  6.105   1.00 21.31 ? 2   GLN A CD  1 
ATOM   15   O  OE1 . GLN A 1 2   ? -0.679  18.412  6.694   1.00 23.75 ? 2   GLN A OE1 1 
ATOM   16   N  NE2 . GLN A 1 2   ? -0.969  17.252  4.787   1.00 22.20 ? 2   GLN A NE2 1 
ATOM   17   N  N   . ALA A 1 3   ? 0.355   12.276  7.381   1.00 10.27 ? 3   ALA A N   1 
ATOM   18   C  CA  . ALA A 1 3   ? 1.415   11.282  7.462   1.00 10.61 ? 3   ALA A CA  1 
ATOM   19   C  C   . ALA A 1 3   ? 2.019   11.132  6.062   1.00 10.95 ? 3   ALA A C   1 
ATOM   20   O  O   . ALA A 1 3   ? 1.420   11.560  5.068   1.00 10.11 ? 3   ALA A O   1 
ATOM   21   C  CB  . ALA A 1 3   ? 0.872   9.941   7.992   1.00 10.13 ? 3   ALA A CB  1 
ATOM   22   N  N   . VAL A 1 4   ? 3.197   10.522  5.990   1.00 10.79 ? 4   VAL A N   1 
ATOM   23   C  CA  . VAL A 1 4   ? 3.894   10.359  4.726   1.00 10.53 ? 4   VAL A CA  1 
ATOM   24   C  C   . VAL A 1 4   ? 4.881   9.187   4.765   1.00 10.95 ? 4   VAL A C   1 
ATOM   25   O  O   . VAL A 1 4   ? 5.458   8.869   5.809   1.00 10.75 ? 4   VAL A O   1 
ATOM   26   C  CB  . VAL A 1 4   ? 4.664   11.671  4.377   1.00 10.48 ? 4   VAL A CB  1 
ATOM   27   C  CG1 . VAL A 1 4   ? 5.734   11.959  5.445   1.00 10.21 ? 4   VAL A CG1 1 
ATOM   28   C  CG2 . VAL A 1 4   ? 5.269   11.601  2.975   1.00 11.07 ? 4   VAL A CG2 1 
ATOM   29   N  N   . ALA A 1 5   ? 5.021   8.517   3.631   1.00 10.63 ? 5   ALA A N   1 
ATOM   30   C  CA  . ALA A 1 5   ? 5.957   7.411   3.490   1.00 11.16 ? 5   ALA A CA  1 
ATOM   31   C  C   . ALA A 1 5   ? 6.812   7.698   2.245   1.00 11.48 ? 5   ALA A C   1 
ATOM   32   O  O   . ALA A 1 5   ? 6.285   8.084   1.199   1.00 12.40 ? 5   ALA A O   1 
ATOM   33   C  CB  . ALA A 1 5   ? 5.199   6.089   3.334   1.00 10.65 ? 5   ALA A CB  1 
ATOM   34   N  N   . VAL A 1 6   ? 8.129   7.607   2.392   1.00 11.45 ? 6   VAL A N   1 
ATOM   35   C  CA  . VAL A 1 6   ? 9.054   7.812   1.278   1.00 11.58 ? 6   VAL A CA  1 
ATOM   36   C  C   . VAL A 1 6   ? 9.482   6.414   0.835   1.00 11.16 ? 6   VAL A C   1 
ATOM   37   O  O   . VAL A 1 6   ? 10.108  5.665   1.599   1.00 10.58 ? 6   VAL A O   1 
ATOM   38   C  CB  . VAL A 1 6   ? 10.275  8.653   1.725   1.00 12.89 ? 6   VAL A CB  1 
ATOM   39   C  CG1 . VAL A 1 6   ? 11.271  8.794   0.590   1.00 13.23 ? 6   VAL A CG1 1 
ATOM   40   C  CG2 . VAL A 1 6   ? 9.812   10.019  2.194   1.00 13.53 ? 6   VAL A CG2 1 
ATOM   41   N  N   . LEU A 1 7   ? 9.070   6.030   -0.367  1.00 9.97  ? 7   LEU A N   1 
ATOM   42   C  CA  . LEU A 1 7   ? 9.383   4.711   -0.897  1.00 10.40 ? 7   LEU A CA  1 
ATOM   43   C  C   . LEU A 1 7   ? 10.774  4.656   -1.524  1.00 10.99 ? 7   LEU A C   1 
ATOM   44   O  O   . LEU A 1 7   ? 11.107  5.451   -2.421  1.00 10.99 ? 7   LEU A O   1 
ATOM   45   C  CB  . LEU A 1 7   ? 8.337   4.292   -1.924  1.00 10.41 ? 7   LEU A CB  1 
ATOM   46   C  CG  . LEU A 1 7   ? 6.877   4.580   -1.586  1.00 11.73 ? 7   LEU A CG  1 
ATOM   47   C  CD1 . LEU A 1 7   ? 6.012   4.060   -2.726  1.00 13.06 ? 7   LEU A CD1 1 
ATOM   48   C  CD2 . LEU A 1 7   ? 6.474   3.925   -0.267  1.00 14.05 ? 7   LEU A CD2 1 
ATOM   49   N  N   . LYS A 1 8   ? 11.584  3.722   -1.038  1.00 10.90 ? 8   LYS A N   1 
ATOM   50   C  CA  . LYS A 1 8   ? 12.940  3.543   -1.537  1.00 11.13 ? 8   LYS A CA  1 
ATOM   51   C  C   . LYS A 1 8   ? 13.225  2.064   -1.715  1.00 11.46 ? 8   LYS A C   1 
ATOM   52   O  O   . LYS A 1 8   ? 12.585  1.211   -1.078  1.00 11.34 ? 8   LYS A O   1 
ATOM   53   C  CB  . LYS A 1 8   ? 13.964  4.115   -0.564  1.00 12.05 ? 8   LYS A CB  1 
ATOM   54   C  CG  . LYS A 1 8   ? 13.838  5.602   -0.349  1.00 14.71 ? 8   LYS A CG  1 
ATOM   55   C  CD  . LYS A 1 8   ? 15.086  6.170   0.326   1.00 16.21 ? 8   LYS A CD  1 
ATOM   56   C  CE  . LYS A 1 8   ? 14.953  7.678   0.534   1.00 19.73 ? 8   LYS A CE  1 
ATOM   57   N  NZ  . LYS A 1 8   ? 16.195  8.321   1.077   1.00 21.45 ? 8   LYS A NZ  1 
ATOM   58   N  N   . GLY A 1 9   ? 14.192  1.773   -2.582  1.00 11.45 ? 9   GLY A N   1 
ATOM   59   C  CA  . GLY A 1 9   ? 14.592  0.405   -2.846  1.00 11.91 ? 9   GLY A CA  1 
ATOM   60   C  C   . GLY A 1 9   ? 15.786  0.415   -3.774  1.00 11.97 ? 9   GLY A C   1 
ATOM   61   O  O   . GLY A 1 9   ? 16.264  1.484   -4.162  1.00 11.68 ? 9   GLY A O   1 
ATOM   62   N  N   . ASP A 1 10  ? 16.256  -0.768  -4.152  1.00 12.29 ? 10  ASP A N   1 
ATOM   63   C  CA  . ASP A 1 10  ? 17.412  -0.888  -5.037  1.00 12.89 ? 10  ASP A CA  1 
ATOM   64   C  C   . ASP A 1 10  ? 17.037  -1.338  -6.441  1.00 12.35 ? 10  ASP A C   1 
ATOM   65   O  O   . ASP A 1 10  ? 17.913  -1.634  -7.247  1.00 12.30 ? 10  ASP A O   1 
ATOM   66   C  CB  . ASP A 1 10  ? 18.428  -1.851  -4.417  1.00 14.64 ? 10  ASP A CB  1 
ATOM   67   C  CG  . ASP A 1 10  ? 18.932  -1.360  -3.062  1.00 19.35 ? 10  ASP A CG  1 
ATOM   68   O  OD1 . ASP A 1 10  ? 19.329  -0.175  -2.954  1.00 20.24 ? 10  ASP A OD1 1 
ATOM   69   O  OD2 . ASP A 1 10  ? 18.899  -2.141  -2.087  1.00 22.92 ? 10  ASP A OD2 1 
ATOM   70   N  N   . ALA A 1 11  ? 15.746  -1.281  -6.748  1.00 12.23 ? 11  ALA A N   1 
ATOM   71   C  CA  . ALA A 1 11  ? 15.213  -1.728  -8.039  1.00 11.80 ? 11  ALA A CA  1 
ATOM   72   C  C   . ALA A 1 11  ? 14.807  -0.639  -9.039  1.00 11.74 ? 11  ALA A C   1 
ATOM   73   O  O   . ALA A 1 11  ? 14.119  -0.933  -10.023 1.00 13.11 ? 11  ALA A O   1 
ATOM   74   C  CB  . ALA A 1 11  ? 14.026  -2.657  -7.796  1.00 12.75 ? 11  ALA A CB  1 
ATOM   75   N  N   . GLY A 1 12  ? 15.198  0.604   -8.781  1.00 10.38 ? 12  GLY A N   1 
ATOM   76   C  CA  . GLY A 1 12  ? 14.854  1.697   -9.675  1.00 11.16 ? 12  GLY A CA  1 
ATOM   77   C  C   . GLY A 1 12  ? 13.516  2.348   -9.359  1.00 11.05 ? 12  GLY A C   1 
ATOM   78   O  O   . GLY A 1 12  ? 13.140  3.344   -9.970  1.00 10.77 ? 12  GLY A O   1 
ATOM   79   N  N   . VAL A 1 13  ? 12.792  1.792   -8.393  1.00 10.89 ? 13  VAL A N   1 
ATOM   80   C  CA  . VAL A 1 13  ? 11.483  2.320   -8.008  1.00 10.71 ? 13  VAL A CA  1 
ATOM   81   C  C   . VAL A 1 13  ? 11.613  3.187   -6.768  1.00 11.03 ? 13  VAL A C   1 
ATOM   82   O  O   . VAL A 1 13  ? 12.296  2.812   -5.828  1.00 10.10 ? 13  VAL A O   1 
ATOM   83   C  CB  . VAL A 1 13  ? 10.491  1.185   -7.701  1.00 10.83 ? 13  VAL A CB  1 
ATOM   84   C  CG1 . VAL A 1 13  ? 9.130   1.761   -7.360  1.00 11.33 ? 13  VAL A CG1 1 
ATOM   85   C  CG2 . VAL A 1 13  ? 10.381  0.231   -8.886  1.00 10.86 ? 13  VAL A CG2 1 
ATOM   86   N  N   . SER A 1 14  ? 10.950  4.339   -6.763  1.00 11.15 ? 14  SER A N   1 
ATOM   87   C  CA  . SER A 1 14  ? 10.985  5.244   -5.616  1.00 11.01 ? 14  SER A CA  1 
ATOM   88   C  C   . SER A 1 14  ? 9.771   6.160   -5.684  1.00 12.09 ? 14  SER A C   1 
ATOM   89   O  O   . SER A 1 14  ? 9.139   6.265   -6.731  1.00 13.10 ? 14  SER A O   1 
ATOM   90   C  CB  . SER A 1 14  ? 12.269  6.074   -5.624  1.00 11.92 ? 14  SER A CB  1 
ATOM   91   O  OG  . SER A 1 14  ? 12.324  6.957   -6.741  1.00 11.68 ? 14  SER A OG  1 
ATOM   92   N  N   . GLY A 1 15  ? 9.424   6.806   -4.579  1.00 11.67 ? 15  GLY A N   1 
ATOM   93   C  CA  . GLY A 1 15  ? 8.277   7.689   -4.609  1.00 11.32 ? 15  GLY A CA  1 
ATOM   94   C  C   . GLY A 1 15  ? 7.887   8.208   -3.251  1.00 10.91 ? 15  GLY A C   1 
ATOM   95   O  O   . GLY A 1 15  ? 8.604   8.011   -2.269  1.00 11.91 ? 15  GLY A O   1 
ATOM   96   N  N   . VAL A 1 16  ? 6.749   8.883   -3.189  1.00 11.44 ? 16  VAL A N   1 
ATOM   97   C  CA  . VAL A 1 16  ? 6.257   9.451   -1.946  1.00 12.80 ? 16  VAL A CA  1 
ATOM   98   C  C   . VAL A 1 16  ? 4.761   9.222   -1.872  1.00 12.48 ? 16  VAL A C   1 
ATOM   99   O  O   . VAL A 1 16  ? 4.054   9.387   -2.872  1.00 11.92 ? 16  VAL A O   1 
ATOM   100  C  CB  . VAL A 1 16  ? 6.537   10.972  -1.878  1.00 12.42 ? 16  VAL A CB  1 
ATOM   101  C  CG1 . VAL A 1 16  ? 5.868   11.586  -0.649  1.00 12.70 ? 16  VAL A CG1 1 
ATOM   102  C  CG2 . VAL A 1 16  ? 8.044   11.226  -1.848  1.00 11.51 ? 16  VAL A CG2 1 
ATOM   103  N  N   . VAL A 1 17  ? 4.294   8.791   -0.704  1.00 12.19 ? 17  VAL A N   1 
ATOM   104  C  CA  . VAL A 1 17  ? 2.872   8.544   -0.480  1.00 11.85 ? 17  VAL A CA  1 
ATOM   105  C  C   . VAL A 1 17  ? 2.466   9.400   0.709   1.00 11.31 ? 17  VAL A C   1 
ATOM   106  O  O   . VAL A 1 17  ? 3.104   9.361   1.763   1.00 11.44 ? 17  VAL A O   1 
ATOM   107  C  CB  . VAL A 1 17  ? 2.572   7.040   -0.199  1.00 12.19 ? 17  VAL A CB  1 
ATOM   108  C  CG1 . VAL A 1 17  ? 1.063   6.806   -0.077  1.00 11.57 ? 17  VAL A CG1 1 
ATOM   109  C  CG2 . VAL A 1 17  ? 3.133   6.165   -1.323  1.00 12.59 ? 17  VAL A CG2 1 
ATOM   110  N  N   . LYS A 1 18  ? 1.459   10.238  0.496   1.00 11.15 ? 18  LYS A N   1 
ATOM   111  C  CA  . LYS A 1 18  ? 0.948   11.130  1.526   1.00 10.76 ? 18  LYS A CA  1 
ATOM   112  C  C   . LYS A 1 18  ? -0.421  10.691  1.988   1.00 10.91 ? 18  LYS A C   1 
ATOM   113  O  O   . LYS A 1 18  ? -1.210  10.186  1.197   1.00 10.59 ? 18  LYS A O   1 
ATOM   114  C  CB  . LYS A 1 18  ? 0.888   12.558  0.995   1.00 11.79 ? 18  LYS A CB  1 
ATOM   115  C  CG  . LYS A 1 18  ? 2.264   13.113  0.717   1.00 13.61 ? 18  LYS A CG  1 
ATOM   116  C  CD  . LYS A 1 18  ? 2.217   14.568  0.320   1.00 15.43 ? 18  LYS A CD  1 
ATOM   117  C  CE  . LYS A 1 18  ? 3.633   15.119  0.206   1.00 19.04 ? 18  LYS A CE  1 
ATOM   118  N  NZ  . LYS A 1 18  ? 3.643   16.528  -0.298  1.00 22.56 ? 18  LYS A NZ  1 
ATOM   119  N  N   . PHE A 1 19  ? -0.697  10.902  3.271   1.00 11.50 ? 19  PHE A N   1 
ATOM   120  C  CA  . PHE A 1 19  ? -1.972  10.523  3.882   1.00 11.66 ? 19  PHE A CA  1 
ATOM   121  C  C   . PHE A 1 19  ? -2.518  11.714  4.638   1.00 11.68 ? 19  PHE A C   1 
ATOM   122  O  O   . PHE A 1 19  ? -1.763  12.435  5.303   1.00 11.80 ? 19  PHE A O   1 
ATOM   123  C  CB  . PHE A 1 19  ? -1.786  9.406   4.937   1.00 12.99 ? 19  PHE A CB  1 
ATOM   124  C  CG  . PHE A 1 19  ? -1.185  8.118   4.400   1.00 14.89 ? 19  PHE A CG  1 
ATOM   125  C  CD1 . PHE A 1 19  ? 0.202   7.979   4.246   1.00 13.35 ? 19  PHE A CD1 1 
ATOM   126  C  CD2 . PHE A 1 19  ? -2.001  7.043   4.049   1.00 14.28 ? 19  PHE A CD2 1 
ATOM   127  C  CE1 . PHE A 1 19  ? 0.761   6.789   3.747   1.00 11.52 ? 19  PHE A CE1 1 
ATOM   128  C  CE2 . PHE A 1 19  ? -1.437  5.852   3.549   1.00 12.58 ? 19  PHE A CE2 1 
ATOM   129  C  CZ  . PHE A 1 19  ? -0.055  5.738   3.402   1.00 11.18 ? 19  PHE A CZ  1 
ATOM   130  N  N   . GLU A 1 20  ? -3.828  11.884  4.581   1.00 11.13 ? 20  GLU A N   1 
ATOM   131  C  CA  . GLU A 1 20  ? -4.472  12.949  5.326   1.00 11.83 ? 20  GLU A CA  1 
ATOM   132  C  C   . GLU A 1 20  ? -5.839  12.489  5.803   1.00 11.75 ? 20  GLU A C   1 
ATOM   133  O  O   . GLU A 1 20  ? -6.618  11.918  5.036   1.00 10.84 ? 20  GLU A O   1 
ATOM   134  C  CB  . GLU A 1 20  ? -4.594  14.224  4.496   1.00 15.63 ? 20  GLU A CB  1 
ATOM   135  C  CG  . GLU A 1 20  ? -5.202  15.354  5.313   1.00 20.00 ? 20  GLU A CG  1 
ATOM   136  C  CD  . GLU A 1 20  ? -4.787  16.739  4.847   1.00 24.73 ? 20  GLU A CD  1 
ATOM   137  O  OE1 . GLU A 1 20  ? -4.809  16.989  3.613   1.00 24.85 ? 20  GLU A OE1 1 
ATOM   138  O  OE2 . GLU A 1 20  ? -4.449  17.572  5.733   1.00 27.11 ? 20  GLU A OE2 1 
ATOM   139  N  N   . GLN A 1 21  ? -6.074  12.639  7.101   1.00 11.24 ? 21  GLN A N   1 
ATOM   140  C  CA  . GLN A 1 21  ? -7.342  12.266  7.722   1.00 11.98 ? 21  GLN A CA  1 
ATOM   141  C  C   . GLN A 1 21  ? -7.722  13.323  8.769   1.00 13.12 ? 21  GLN A C   1 
ATOM   142  O  O   . GLN A 1 21  ? -6.929  13.659  9.656   1.00 13.44 ? 21  GLN A O   1 
ATOM   143  C  CB  . GLN A 1 21  ? -7.270  10.876  8.362   1.00 13.15 ? 21  GLN A CB  1 
ATOM   144  C  CG  . GLN A 1 21  ? -8.641  10.382  8.809   1.00 12.11 ? 21  GLN A CG  1 
ATOM   145  C  CD  . GLN A 1 21  ? -8.601  9.113   9.617   1.00 10.84 ? 21  GLN A CD  1 
ATOM   146  O  OE1 . GLN A 1 21  ? -9.531  8.300   9.573   1.00 12.68 ? 21  GLN A OE1 1 
ATOM   147  N  NE2 . GLN A 1 21  ? -7.555  8.944   10.389  1.00 8.36  ? 21  GLN A NE2 1 
ATOM   148  N  N   . ALA A 1 22  ? -8.931  13.859  8.643   1.00 14.06 ? 22  ALA A N   1 
ATOM   149  C  CA  . ALA A 1 22  ? -9.422  14.897  9.546   1.00 13.83 ? 22  ALA A CA  1 
ATOM   150  C  C   . ALA A 1 22  ? -9.734  14.356  10.935  1.00 13.71 ? 22  ALA A C   1 
ATOM   151  O  O   . ALA A 1 22  ? -9.286  14.898  11.949  1.00 12.72 ? 22  ALA A O   1 
ATOM   152  C  CB  . ALA A 1 22  ? -10.666 15.558  8.936   1.00 14.31 ? 22  ALA A CB  1 
ATOM   153  N  N   . SER A 1 23  ? -10.529 13.298  10.974  1.00 12.76 ? 23  SER A N   1 
ATOM   154  C  CA  . SER A 1 23  ? -10.904 12.679  12.232  1.00 13.73 ? 23  SER A CA  1 
ATOM   155  C  C   . SER A 1 23  ? -11.052 11.192  11.981  1.00 14.15 ? 23  SER A C   1 
ATOM   156  O  O   . SER A 1 23  ? -11.233 10.768  10.836  1.00 15.27 ? 23  SER A O   1 
ATOM   157  C  CB  . SER A 1 23  ? -12.194 13.295  12.792  1.00 14.09 ? 23  SER A CB  1 
ATOM   158  O  OG  . SER A 1 23  ? -13.251 13.223  11.860  1.00 15.25 ? 23  SER A OG  1 
ATOM   159  N  N   . GLU A 1 24  ? -10.999 10.414  13.053  1.00 13.92 ? 24  GLU A N   1 
ATOM   160  C  CA  . GLU A 1 24  ? -11.060 8.963   12.976  1.00 13.92 ? 24  GLU A CA  1 
ATOM   161  C  C   . GLU A 1 24  ? -12.123 8.299   12.100  1.00 14.26 ? 24  GLU A C   1 
ATOM   162  O  O   . GLU A 1 24  ? -11.831 7.328   11.400  1.00 13.33 ? 24  GLU A O   1 
ATOM   163  C  CB  . GLU A 1 24  ? -11.113 8.393   14.391  1.00 14.46 ? 24  GLU A CB  1 
ATOM   164  C  CG  . GLU A 1 24  ? -10.910 6.882   14.480  1.00 16.75 ? 24  GLU A CG  1 
ATOM   165  C  CD  . GLU A 1 24  ? -10.661 6.415   15.904  1.00 19.43 ? 24  GLU A CD  1 
ATOM   166  O  OE1 . GLU A 1 24  ? -10.295 7.255   16.770  1.00 19.92 ? 24  GLU A OE1 1 
ATOM   167  O  OE2 . GLU A 1 24  ? -10.812 5.198   16.158  1.00 20.87 ? 24  GLU A OE2 1 
ATOM   168  N  N   . SER A 1 25  ? -13.350 8.810   12.134  1.00 14.08 ? 25  SER A N   1 
ATOM   169  C  CA  . SER A 1 25  ? -14.441 8.219   11.366  1.00 15.01 ? 25  SER A CA  1 
ATOM   170  C  C   . SER A 1 25  ? -14.478 8.608   9.896   1.00 14.76 ? 25  SER A C   1 
ATOM   171  O  O   . SER A 1 25  ? -15.227 8.017   9.112   1.00 15.09 ? 25  SER A O   1 
ATOM   172  C  CB  . SER A 1 25  ? -15.786 8.601   12.004  1.00 17.45 ? 25  SER A CB  1 
ATOM   173  O  OG  . SER A 1 25  ? -16.008 10.006  11.932  1.00 19.99 ? 25  SER A OG  1 
ATOM   174  N  N   . GLU A 1 26  ? -13.727 9.640   9.541   1.00 14.35 ? 26  GLU A N   1 
ATOM   175  C  CA  . GLU A 1 26  ? -13.692 10.147  8.177   1.00 13.94 ? 26  GLU A CA  1 
ATOM   176  C  C   . GLU A 1 26  ? -12.706 9.405   7.276   1.00 13.13 ? 26  GLU A C   1 
ATOM   177  O  O   . GLU A 1 26  ? -11.776 8.778   7.757   1.00 12.39 ? 26  GLU A O   1 
ATOM   178  C  CB  . GLU A 1 26  ? -13.356 11.643  8.205   1.00 15.18 ? 26  GLU A CB  1 
ATOM   179  C  CG  . GLU A 1 26  ? -14.508 12.509  8.654   1.00 20.03 ? 26  GLU A CG  1 
ATOM   180  C  CD  . GLU A 1 26  ? -15.635 12.509  7.630   1.00 25.89 ? 26  GLU A CD  1 
ATOM   181  O  OE1 . GLU A 1 26  ? -15.534 13.284  6.640   1.00 28.77 ? 26  GLU A OE1 1 
ATOM   182  O  OE2 . GLU A 1 26  ? -16.603 11.717  7.792   1.00 26.97 ? 26  GLU A OE2 1 
ATOM   183  N  N   . PRO A 1 27  ? -12.905 9.480   5.945   1.00 14.30 ? 27  PRO A N   1 
ATOM   184  C  CA  . PRO A 1 27  ? -12.003 8.804   5.014   1.00 13.02 ? 27  PRO A CA  1 
ATOM   185  C  C   . PRO A 1 27  ? -10.622 9.418   5.074   1.00 13.47 ? 27  PRO A C   1 
ATOM   186  O  O   . PRO A 1 27  ? -10.475 10.612  5.367   1.00 14.03 ? 27  PRO A O   1 
ATOM   187  C  CB  . PRO A 1 27  ? -12.615 9.129   3.646   1.00 14.67 ? 27  PRO A CB  1 
ATOM   188  C  CG  . PRO A 1 27  ? -14.051 9.327   3.942   1.00 15.69 ? 27  PRO A CG  1 
ATOM   189  C  CD  . PRO A 1 27  ? -14.010 10.127  5.211   1.00 14.77 ? 27  PRO A CD  1 
ATOM   190  N  N   . THR A 1 28  ? -9.616  8.598   4.813   1.00 12.72 ? 28  THR A N   1 
ATOM   191  C  CA  . THR A 1 28  ? -8.243  9.070   4.740   1.00 12.02 ? 28  THR A CA  1 
ATOM   192  C  C   . THR A 1 28  ? -7.978  9.278   3.235   1.00 12.45 ? 28  THR A C   1 
ATOM   193  O  O   . THR A 1 28  ? -8.398  8.451   2.405   1.00 12.27 ? 28  THR A O   1 
ATOM   194  C  CB  . THR A 1 28  ? -7.250  8.017   5.304   1.00 12.29 ? 28  THR A CB  1 
ATOM   195  O  OG1 . THR A 1 28  ? -7.431  7.887   6.719   1.00 12.06 ? 28  THR A OG1 1 
ATOM   196  C  CG2 . THR A 1 28  ? -5.816  8.423   5.031   1.00 12.11 ? 28  THR A CG2 1 
ATOM   197  N  N   . THR A 1 29  ? -7.404  10.424  2.877   1.00 12.20 ? 29  THR A N   1 
ATOM   198  C  CA  . THR A 1 29  ? -7.059  10.702  1.481   1.00 11.82 ? 29  THR A CA  1 
ATOM   199  C  C   . THR A 1 29  ? -5.618  10.248  1.276   1.00 12.63 ? 29  THR A C   1 
ATOM   200  O  O   . THR A 1 29  ? -4.701  10.721  1.978   1.00 12.03 ? 29  THR A O   1 
ATOM   201  C  CB  . THR A 1 29  ? -7.139  12.221  1.134   1.00 11.69 ? 29  THR A CB  1 
ATOM   202  O  OG1 . THR A 1 29  ? -8.499  12.664  1.209   1.00 12.70 ? 29  THR A OG1 1 
ATOM   203  C  CG2 . THR A 1 29  ? -6.598  12.489  -0.274  1.00 12.77 ? 29  THR A CG2 1 
ATOM   204  N  N   . VAL A 1 30  ? -5.424  9.326   0.340   1.00 12.42 ? 30  VAL A N   1 
ATOM   205  C  CA  . VAL A 1 30  ? -4.099  8.797   0.035   1.00 12.16 ? 30  VAL A CA  1 
ATOM   206  C  C   . VAL A 1 30  ? -3.695  9.318   -1.328  1.00 13.77 ? 30  VAL A C   1 
ATOM   207  O  O   . VAL A 1 30  ? -4.434  9.164   -2.291  1.00 12.66 ? 30  VAL A O   1 
ATOM   208  C  CB  . VAL A 1 30  ? -4.101  7.244   -0.039  1.00 12.00 ? 30  VAL A CB  1 
ATOM   209  C  CG1 . VAL A 1 30  ? -2.699  6.719   -0.325  1.00 11.46 ? 30  VAL A CG1 1 
ATOM   210  C  CG2 . VAL A 1 30  ? -4.669  6.632   1.248   1.00 13.10 ? 30  VAL A CG2 1 
ATOM   211  N  N   . SER A 1 31  ? -2.550  9.977   -1.407  1.00 13.81 ? 31  SER A N   1 
ATOM   212  C  CA  . SER A 1 31  ? -2.053  10.487  -2.682  1.00 14.69 ? 31  SER A CA  1 
ATOM   213  C  C   . SER A 1 31  ? -0.633  9.942   -2.870  1.00 14.85 ? 31  SER A C   1 
ATOM   214  O  O   . SER A 1 31  ? 0.124   9.797   -1.901  1.00 15.53 ? 31  SER A O   1 
ATOM   215  C  CB  . SER A 1 31  ? -2.095  12.015  -2.737  1.00 15.33 ? 31  SER A CB  1 
ATOM   216  O  OG  . SER A 1 31  ? -1.424  12.592  -1.639  1.00 18.77 ? 31  SER A OG  1 
ATOM   217  N  N   . TYR A 1 32  ? -0.265  9.648   -4.107  1.00 13.67 ? 32  TYR A N   1 
ATOM   218  C  CA  . TYR A 1 32  ? 1.031   9.068   -4.356  1.00 13.03 ? 32  TYR A CA  1 
ATOM   219  C  C   . TYR A 1 32  ? 1.604   9.483   -5.683  1.00 12.35 ? 32  TYR A C   1 
ATOM   220  O  O   . TYR A 1 32  ? 0.875   9.859   -6.616  1.00 12.66 ? 32  TYR A O   1 
ATOM   221  C  CB  . TYR A 1 32  ? 0.909   7.542   -4.353  1.00 12.68 ? 32  TYR A CB  1 
ATOM   222  C  CG  . TYR A 1 32  ? -0.112  7.037   -5.350  1.00 11.75 ? 32  TYR A CG  1 
ATOM   223  C  CD1 . TYR A 1 32  ? -1.460  6.946   -5.008  1.00 11.22 ? 32  TYR A CD1 1 
ATOM   224  C  CD2 . TYR A 1 32  ? 0.263   6.706   -6.654  1.00 11.84 ? 32  TYR A CD2 1 
ATOM   225  C  CE1 . TYR A 1 32  ? -2.421  6.543   -5.946  1.00 12.11 ? 32  TYR A CE1 1 
ATOM   226  C  CE2 . TYR A 1 32  ? -0.692  6.303   -7.606  1.00 13.38 ? 32  TYR A CE2 1 
ATOM   227  C  CZ  . TYR A 1 32  ? -2.032  6.229   -7.241  1.00 14.21 ? 32  TYR A CZ  1 
ATOM   228  O  OH  . TYR A 1 32  ? -2.986  5.875   -8.175  1.00 16.63 ? 32  TYR A OH  1 
ATOM   229  N  N   . GLU A 1 33  ? 2.930   9.399   -5.736  1.00 12.53 ? 33  GLU A N   1 
ATOM   230  C  CA  . GLU A 1 33  ? 3.734   9.680   -6.918  1.00 13.81 ? 33  GLU A CA  1 
ATOM   231  C  C   . GLU A 1 33  ? 4.839   8.641   -6.826  1.00 12.61 ? 33  GLU A C   1 
ATOM   232  O  O   . GLU A 1 33  ? 5.617   8.655   -5.879  1.00 12.09 ? 33  GLU A O   1 
ATOM   233  C  CB  . GLU A 1 33  ? 4.357   11.065  -6.850  1.00 15.29 ? 33  GLU A CB  1 
ATOM   234  C  CG  . GLU A 1 33  ? 3.524   12.136  -7.460  1.00 20.19 ? 33  GLU A CG  1 
ATOM   235  C  CD  . GLU A 1 33  ? 4.360   13.341  -7.791  1.00 25.46 ? 33  GLU A CD  1 
ATOM   236  O  OE1 . GLU A 1 33  ? 4.587   14.164  -6.869  1.00 26.88 ? 33  GLU A OE1 1 
ATOM   237  O  OE2 . GLU A 1 33  ? 4.829   13.433  -8.956  1.00 28.27 ? 33  GLU A OE2 1 
ATOM   238  N  N   . ILE A 1 34  ? 4.910   7.739   -7.792  1.00 12.25 ? 34  ILE A N   1 
ATOM   239  C  CA  . ILE A 1 34  ? 5.924   6.687   -7.774  1.00 12.71 ? 34  ILE A CA  1 
ATOM   240  C  C   . ILE A 1 34  ? 6.546   6.586   -9.167  1.00 11.53 ? 34  ILE A C   1 
ATOM   241  O  O   . ILE A 1 34  ? 5.823   6.503   -10.162 1.00 12.47 ? 34  ILE A O   1 
ATOM   242  C  CB  . ILE A 1 34  ? 5.292   5.310   -7.383  1.00 11.46 ? 34  ILE A CB  1 
ATOM   243  C  CG1 . ILE A 1 34  ? 4.391   5.467   -6.145  1.00 12.10 ? 34  ILE A CG1 1 
ATOM   244  C  CG2 . ILE A 1 34  ? 6.390   4.306   -7.066  1.00 12.09 ? 34  ILE A CG2 1 
ATOM   245  C  CD1 . ILE A 1 34  ? 3.568   4.249   -5.832  1.00 11.66 ? 34  ILE A CD1 1 
ATOM   246  N  N   . ALA A 1 35  ? 7.876   6.604   -9.225  1.00 11.87 ? 35  ALA A N   1 
ATOM   247  C  CA  . ALA A 1 35  ? 8.610   6.520   -10.489 1.00 11.93 ? 35  ALA A CA  1 
ATOM   248  C  C   . ALA A 1 35  ? 9.405   5.221   -10.626 1.00 11.27 ? 35  ALA A C   1 
ATOM   249  O  O   . ALA A 1 35  ? 9.649   4.517   -9.646  1.00 11.54 ? 35  ALA A O   1 
ATOM   250  C  CB  . ALA A 1 35  ? 9.569   7.718   -10.616 1.00 12.78 ? 35  ALA A CB  1 
ATOM   251  N  N   . GLY A 1 36  ? 9.816   4.918   -11.852 1.00 11.34 ? 36  GLY A N   1 
ATOM   252  C  CA  . GLY A 1 36  ? 10.631  3.742   -12.104 1.00 11.79 ? 36  GLY A CA  1 
ATOM   253  C  C   . GLY A 1 36  ? 9.938   2.397   -12.256 1.00 11.66 ? 36  GLY A C   1 
ATOM   254  O  O   . GLY A 1 36  ? 10.603  1.357   -12.302 1.00 11.81 ? 36  GLY A O   1 
ATOM   255  N  N   . ASN A 1 37  ? 8.617   2.405   -12.340 1.00 11.38 ? 37  ASN A N   1 
ATOM   256  C  CA  . ASN A 1 37  ? 7.850   1.163   -12.483 1.00 12.17 ? 37  ASN A CA  1 
ATOM   257  C  C   . ASN A 1 37  ? 7.823   0.740   -13.938 1.00 12.30 ? 37  ASN A C   1 
ATOM   258  O  O   . ASN A 1 37  ? 8.232   1.489   -14.819 1.00 12.86 ? 37  ASN A O   1 
ATOM   259  C  CB  . ASN A 1 37  ? 6.382   1.366   -12.064 1.00 12.93 ? 37  ASN A CB  1 
ATOM   260  C  CG  . ASN A 1 37  ? 6.230   1.997   -10.697 1.00 12.05 ? 37  ASN A CG  1 
ATOM   261  O  OD1 . ASN A 1 37  ? 6.321   1.316   -9.672  1.00 13.44 ? 37  ASN A OD1 1 
ATOM   262  N  ND2 . ASN A 1 37  ? 5.988   3.298   -10.672 1.00 10.85 ? 37  ASN A ND2 1 
ATOM   263  N  N   . SER A 1 38  ? 7.332   -0.466  -14.187 1.00 12.60 ? 38  SER A N   1 
ATOM   264  C  CA  . SER A 1 38  ? 7.174   -0.939  -15.552 1.00 13.03 ? 38  SER A CA  1 
ATOM   265  C  C   . SER A 1 38  ? 6.149   0.041   -16.129 1.00 12.66 ? 38  SER A C   1 
ATOM   266  O  O   . SER A 1 38  ? 5.261   0.499   -15.413 1.00 11.37 ? 38  SER A O   1 
ATOM   267  C  CB  . SER A 1 38  ? 6.569   -2.349  -15.562 1.00 13.59 ? 38  SER A CB  1 
ATOM   268  O  OG  . SER A 1 38  ? 7.335   -3.240  -14.773 1.00 14.56 ? 38  SER A OG  1 
ATOM   269  N  N   . PRO A 1 39  ? 6.267   0.390   -17.421 1.00 13.35 ? 39  PRO A N   1 
ATOM   270  C  CA  . PRO A 1 39  ? 5.317   1.328   -18.033 1.00 12.93 ? 39  PRO A CA  1 
ATOM   271  C  C   . PRO A 1 39  ? 4.024   0.656   -18.460 1.00 13.05 ? 39  PRO A C   1 
ATOM   272  O  O   . PRO A 1 39  ? 3.998   -0.556  -18.677 1.00 12.80 ? 39  PRO A O   1 
ATOM   273  C  CB  . PRO A 1 39  ? 6.090   1.846   -19.244 1.00 12.13 ? 39  PRO A CB  1 
ATOM   274  C  CG  . PRO A 1 39  ? 6.877   0.632   -19.668 1.00 13.38 ? 39  PRO A CG  1 
ATOM   275  C  CD  . PRO A 1 39  ? 7.360   0.045   -18.357 1.00 12.83 ? 39  PRO A CD  1 
ATOM   276  N  N   . ASN A 1 40  ? 2.949   1.437   -18.525 1.00 13.44 ? 40  ASN A N   1 
ATOM   277  C  CA  . ASN A 1 40  ? 1.639   0.956   -18.966 1.00 13.89 ? 40  ASN A CA  1 
ATOM   278  C  C   . ASN A 1 40  ? 1.215   -0.304  -18.220 1.00 14.87 ? 40  ASN A C   1 
ATOM   279  O  O   . ASN A 1 40  ? 0.805   -1.293  -18.844 1.00 14.20 ? 40  ASN A O   1 
ATOM   280  C  CB  . ASN A 1 40  ? 1.718   0.652   -20.468 1.00 15.01 ? 40  ASN A CB  1 
ATOM   281  C  CG  . ASN A 1 40  ? 2.328   1.797   -21.270 1.00 16.94 ? 40  ASN A CG  1 
ATOM   282  O  OD1 . ASN A 1 40  ? 1.877   2.943   -21.177 1.00 17.58 ? 40  ASN A OD1 1 
ATOM   283  N  ND2 . ASN A 1 40  ? 3.360   1.491   -22.053 1.00 17.26 ? 40  ASN A ND2 1 
ATOM   284  N  N   . ALA A 1 41  ? 1.272   -0.272  -16.894 1.00 12.55 ? 41  ALA A N   1 
ATOM   285  C  CA  . ALA A 1 41  ? 0.951   -1.463  -16.122 1.00 12.73 ? 41  ALA A CA  1 
ATOM   286  C  C   . ALA A 1 41  ? 0.120   -1.174  -14.890 1.00 12.60 ? 41  ALA A C   1 
ATOM   287  O  O   . ALA A 1 41  ? -0.314  -0.044  -14.681 1.00 14.30 ? 41  ALA A O   1 
ATOM   288  C  CB  . ALA A 1 41  ? 2.259   -2.159  -15.710 1.00 14.12 ? 41  ALA A CB  1 
ATOM   289  N  N   . GLU A 1 42  ? -0.142  -2.224  -14.115 1.00 12.01 ? 42  GLU A N   1 
ATOM   290  C  CA  . GLU A 1 42  ? -0.884  -2.114  -12.855 1.00 12.38 ? 42  GLU A CA  1 
ATOM   291  C  C   . GLU A 1 42  ? -0.028  -2.808  -11.815 1.00 11.59 ? 42  GLU A C   1 
ATOM   292  O  O   . GLU A 1 42  ? 0.419   -3.937  -12.020 1.00 12.51 ? 42  GLU A O   1 
ATOM   293  C  CB  . GLU A 1 42  ? -2.258  -2.764  -12.953 1.00 14.98 ? 42  GLU A CB  1 
ATOM   294  C  CG  . GLU A 1 42  ? -3.239  -1.970  -13.796 1.00 20.06 ? 42  GLU A CG  1 
ATOM   295  C  CD  . GLU A 1 42  ? -4.644  -2.521  -13.714 1.00 27.69 ? 42  GLU A CD  1 
ATOM   296  O  OE1 . GLU A 1 42  ? -4.877  -3.658  -14.202 1.00 29.07 ? 42  GLU A OE1 1 
ATOM   297  O  OE2 . GLU A 1 42  ? -5.511  -1.815  -13.147 1.00 31.98 ? 42  GLU A OE2 1 
ATOM   298  N  N   . ARG A 1 43  ? 0.219   -2.121  -10.711 1.00 10.68 ? 43  ARG A N   1 
ATOM   299  C  CA  . ARG A 1 43  ? 1.082   -2.642  -9.673  1.00 10.32 ? 43  ARG A CA  1 
ATOM   300  C  C   . ARG A 1 43  ? 0.444   -2.647  -8.293  1.00 9.93  ? 43  ARG A C   1 
ATOM   301  O  O   . ARG A 1 43  ? -0.135  -1.638  -7.878  1.00 9.45  ? 43  ARG A O   1 
ATOM   302  C  CB  . ARG A 1 43  ? 2.369   -1.797  -9.658  1.00 10.93 ? 43  ARG A CB  1 
ATOM   303  C  CG  . ARG A 1 43  ? 3.182   -1.899  -10.954 1.00 12.01 ? 43  ARG A CG  1 
ATOM   304  C  CD  . ARG A 1 43  ? 3.667   -3.338  -11.111 1.00 12.65 ? 43  ARG A CD  1 
ATOM   305  N  NE  . ARG A 1 43  ? 4.458   -3.607  -12.307 1.00 12.28 ? 43  ARG A NE  1 
ATOM   306  C  CZ  . ARG A 1 43  ? 4.065   -4.418  -13.279 1.00 12.28 ? 43  ARG A CZ  1 
ATOM   307  N  NH1 . ARG A 1 43  ? 2.886   -5.019  -13.210 1.00 11.77 ? 43  ARG A NH1 1 
ATOM   308  N  NH2 . ARG A 1 43  ? 4.895   -4.729  -14.260 1.00 13.32 ? 43  ARG A NH2 1 
ATOM   309  N  N   . GLY A 1 44  ? 0.578   -3.772  -7.585  1.00 9.41  ? 44  GLY A N   1 
ATOM   310  C  CA  . GLY A 1 44  ? 0.027   -3.912  -6.245  1.00 9.25  ? 44  GLY A CA  1 
ATOM   311  C  C   . GLY A 1 44  ? 0.551   -2.821  -5.322  1.00 10.17 ? 44  GLY A C   1 
ATOM   312  O  O   . GLY A 1 44  ? 1.753   -2.555  -5.291  1.00 9.50  ? 44  GLY A O   1 
ATOM   313  N  N   . PHE A 1 45  ? -0.326  -2.300  -4.469  1.00 10.88 ? 45  PHE A N   1 
ATOM   314  C  CA  . PHE A 1 45  ? 0.004   -1.187  -3.582  1.00 10.79 ? 45  PHE A CA  1 
ATOM   315  C  C   . PHE A 1 45  ? -0.707  -1.436  -2.240  1.00 11.36 ? 45  PHE A C   1 
ATOM   316  O  O   . PHE A 1 45  ? -1.935  -1.524  -2.193  1.00 11.73 ? 45  PHE A O   1 
ATOM   317  C  CB  . PHE A 1 45  ? -0.542  0.064   -4.288  1.00 11.36 ? 45  PHE A CB  1 
ATOM   318  C  CG  . PHE A 1 45  ? -0.176  1.374   -3.649  1.00 11.01 ? 45  PHE A CG  1 
ATOM   319  C  CD1 . PHE A 1 45  ? 1.141   1.681   -3.325  1.00 12.45 ? 45  PHE A CD1 1 
ATOM   320  C  CD2 . PHE A 1 45  ? -1.153  2.340   -3.444  1.00 12.77 ? 45  PHE A CD2 1 
ATOM   321  C  CE1 . PHE A 1 45  ? 1.475   2.943   -2.808  1.00 13.59 ? 45  PHE A CE1 1 
ATOM   322  C  CE2 . PHE A 1 45  ? -0.829  3.603   -2.929  1.00 13.48 ? 45  PHE A CE2 1 
ATOM   323  C  CZ  . PHE A 1 45  ? 0.486   3.903   -2.613  1.00 13.41 ? 45  PHE A CZ  1 
ATOM   324  N  N   . HIS A 1 46  ? 0.038   -1.601  -1.150  1.00 11.23 ? 46  HIS A N   1 
ATOM   325  C  CA  . HIS A 1 46  ? -0.622  -1.875  0.135   1.00 10.86 ? 46  HIS A CA  1 
ATOM   326  C  C   . HIS A 1 46  ? 0.125   -1.350  1.343   1.00 10.29 ? 46  HIS A C   1 
ATOM   327  O  O   . HIS A 1 46  ? 1.306   -1.025  1.268   1.00 9.69  ? 46  HIS A O   1 
ATOM   328  C  CB  . HIS A 1 46  ? -0.771  -3.386  0.397   1.00 11.95 ? 46  HIS A CB  1 
ATOM   329  C  CG  . HIS A 1 46  ? -0.958  -4.215  -0.830  1.00 12.29 ? 46  HIS A CG  1 
ATOM   330  N  ND1 . HIS A 1 46  ? 0.059   -4.973  -1.374  1.00 12.48 ? 46  HIS A ND1 1 
ATOM   331  C  CD2 . HIS A 1 46  ? -2.034  -4.388  -1.633  1.00 12.19 ? 46  HIS A CD2 1 
ATOM   332  C  CE1 . HIS A 1 46  ? -0.387  -5.572  -2.467  1.00 12.99 ? 46  HIS A CE1 1 
ATOM   333  N  NE2 . HIS A 1 46  ? -1.649  -5.231  -2.644  1.00 12.13 ? 46  HIS A NE2 1 
ATOM   334  N  N   . ILE A 1 47  ? -0.576  -1.344  2.467   1.00 10.11 ? 47  ILE A N   1 
ATOM   335  C  CA  . ILE A 1 47  ? 0.018   -0.983  3.734   1.00 10.77 ? 47  ILE A CA  1 
ATOM   336  C  C   . ILE A 1 47  ? 0.318   -2.330  4.403   1.00 11.17 ? 47  ILE A C   1 
ATOM   337  O  O   . ILE A 1 47  ? -0.530  -3.231  4.425   1.00 10.68 ? 47  ILE A O   1 
ATOM   338  C  CB  . ILE A 1 47  ? -0.931  -0.134  4.574   1.00 11.01 ? 47  ILE A CB  1 
ATOM   339  C  CG1 . ILE A 1 47  ? -1.090  1.226   3.884   1.00 13.41 ? 47  ILE A CG1 1 
ATOM   340  C  CG2 . ILE A 1 47  ? -0.369  0.039   5.987   1.00 10.18 ? 47  ILE A CG2 1 
ATOM   341  C  CD1 . ILE A 1 47  ? -2.139  2.099   4.479   1.00 17.96 ? 47  ILE A CD1 1 
ATOM   342  N  N   . HIS A 1 48  ? 1.578   -2.518  4.780   1.00 10.84 ? 48  HIS A N   1 
ATOM   343  C  CA  . HIS A 1 48  ? 2.035   -3.738  5.433   1.00 11.57 ? 48  HIS A CA  1 
ATOM   344  C  C   . HIS A 1 48  ? 2.107   -3.476  6.931   1.00 11.00 ? 48  HIS A C   1 
ATOM   345  O  O   . HIS A 1 48  ? 2.247   -2.324  7.366   1.00 11.72 ? 48  HIS A O   1 
ATOM   346  C  CB  . HIS A 1 48  ? 3.371   -4.218  4.847   1.00 11.28 ? 48  HIS A CB  1 
ATOM   347  C  CG  . HIS A 1 48  ? 3.233   -4.846  3.499   1.00 11.34 ? 48  HIS A CG  1 
ATOM   348  N  ND1 . HIS A 1 48  ? 3.708   -6.104  3.211   1.00 11.25 ? 48  HIS A ND1 1 
ATOM   349  C  CD2 . HIS A 1 48  ? 2.638   -4.406  2.364   1.00 11.56 ? 48  HIS A CD2 1 
ATOM   350  C  CE1 . HIS A 1 48  ? 3.412   -6.419  1.965   1.00 10.09 ? 48  HIS A CE1 1 
ATOM   351  N  NE2 . HIS A 1 48  ? 2.762   -5.404  1.426   1.00 10.92 ? 48  HIS A NE2 1 
ATOM   352  N  N   . GLU A 1 49  ? 2.025   -4.551  7.712   1.00 10.55 ? 49  GLU A N   1 
ATOM   353  C  CA  . GLU A 1 49  ? 1.964   -4.457  9.161   1.00 11.40 ? 49  GLU A CA  1 
ATOM   354  C  C   . GLU A 1 49  ? 3.031   -3.722  9.940   1.00 11.07 ? 49  GLU A C   1 
ATOM   355  O  O   . GLU A 1 49  ? 2.717   -2.974  10.866  1.00 11.64 ? 49  GLU A O   1 
ATOM   356  C  CB  . GLU A 1 49  ? 1.789   -5.858  9.755   1.00 12.15 ? 49  GLU A CB  1 
ATOM   357  C  CG  . GLU A 1 49  ? 1.487   -5.848  11.237  1.00 13.24 ? 49  GLU A CG  1 
ATOM   358  C  CD  . GLU A 1 49  ? 1.092   -7.205  11.771  1.00 15.00 ? 49  GLU A CD  1 
ATOM   359  O  OE1 . GLU A 1 49  ? 1.251   -8.224  11.059  1.00 15.67 ? 49  GLU A OE1 1 
ATOM   360  O  OE2 . GLU A 1 49  ? 0.613   -7.237  12.920  1.00 15.93 ? 49  GLU A OE2 1 
ATOM   361  N  N   . PHE A 1 50  ? 4.285   -3.919  9.575   1.00 11.90 ? 50  PHE A N   1 
ATOM   362  C  CA  . PHE A 1 50  ? 5.364   -3.323  10.348  1.00 12.08 ? 50  PHE A CA  1 
ATOM   363  C  C   . PHE A 1 50  ? 6.142   -2.227  9.652   1.00 11.63 ? 50  PHE A C   1 
ATOM   364  O  O   . PHE A 1 50  ? 6.393   -2.311  8.453   1.00 12.34 ? 50  PHE A O   1 
ATOM   365  C  CB  . PHE A 1 50  ? 6.342   -4.419  10.793  1.00 12.13 ? 50  PHE A CB  1 
ATOM   366  C  CG  . PHE A 1 50  ? 5.683   -5.583  11.485  1.00 13.51 ? 50  PHE A CG  1 
ATOM   367  C  CD1 . PHE A 1 50  ? 5.048   -5.416  12.707  1.00 12.33 ? 50  PHE A CD1 1 
ATOM   368  C  CD2 . PHE A 1 50  ? 5.691   -6.840  10.900  1.00 14.22 ? 50  PHE A CD2 1 
ATOM   369  C  CE1 . PHE A 1 50  ? 4.423   -6.489  13.337  1.00 14.00 ? 50  PHE A CE1 1 
ATOM   370  C  CE2 . PHE A 1 50  ? 5.069   -7.925  11.524  1.00 15.34 ? 50  PHE A CE2 1 
ATOM   371  C  CZ  . PHE A 1 50  ? 4.434   -7.745  12.741  1.00 14.12 ? 50  PHE A CZ  1 
ATOM   372  N  N   . GLY A 1 51  ? 6.558   -1.231  10.436  1.00 10.90 ? 51  GLY A N   1 
ATOM   373  C  CA  . GLY A 1 51  ? 7.363   -0.129  9.937   1.00 11.25 ? 51  GLY A CA  1 
ATOM   374  C  C   . GLY A 1 51  ? 8.788   -0.487  10.297  1.00 11.57 ? 51  GLY A C   1 
ATOM   375  O  O   . GLY A 1 51  ? 9.507   0.288   10.939  1.00 12.21 ? 51  GLY A O   1 
ATOM   376  N  N   . ASP A 1 52  ? 9.177   -1.696  9.914   1.00 11.43 ? 52  ASP A N   1 
ATOM   377  C  CA  . ASP A 1 52  ? 10.501  -2.240  10.207  1.00 10.88 ? 52  ASP A CA  1 
ATOM   378  C  C   . ASP A 1 52  ? 11.306  -2.318  8.900   1.00 11.60 ? 52  ASP A C   1 
ATOM   379  O  O   . ASP A 1 52  ? 10.995  -3.123  8.007   1.00 11.90 ? 52  ASP A O   1 
ATOM   380  C  CB  . ASP A 1 52  ? 10.323  -3.636  10.835  1.00 11.56 ? 52  ASP A CB  1 
ATOM   381  C  CG  . ASP A 1 52  ? 11.628  -4.259  11.305  1.00 11.43 ? 52  ASP A CG  1 
ATOM   382  O  OD1 . ASP A 1 52  ? 12.675  -4.008  10.688  1.00 11.08 ? 52  ASP A OD1 1 
ATOM   383  O  OD2 . ASP A 1 52  ? 11.601  -5.027  12.293  1.00 11.77 ? 52  ASP A OD2 1 
ATOM   384  N  N   . ALA A 1 53  ? 12.351  -1.500  8.798   1.00 11.98 ? 53  ALA A N   1 
ATOM   385  C  CA  . ALA A 1 53  ? 13.181  -1.469  7.597   1.00 11.88 ? 53  ALA A CA  1 
ATOM   386  C  C   . ALA A 1 53  ? 14.542  -2.147  7.776   1.00 12.18 ? 53  ALA A C   1 
ATOM   387  O  O   . ALA A 1 53  ? 15.477  -1.868  7.028   1.00 12.17 ? 53  ALA A O   1 
ATOM   388  C  CB  . ALA A 1 53  ? 13.368  -0.020  7.146   1.00 12.77 ? 53  ALA A CB  1 
ATOM   389  N  N   . THR A 1 54  ? 14.665  -3.037  8.759   1.00 12.25 ? 54  THR A N   1 
ATOM   390  C  CA  . THR A 1 54  ? 15.941  -3.706  9.009   1.00 12.54 ? 54  THR A CA  1 
ATOM   391  C  C   . THR A 1 54  ? 16.341  -4.713  7.956   1.00 12.48 ? 54  THR A C   1 
ATOM   392  O  O   . THR A 1 54  ? 17.518  -5.013  7.821   1.00 13.90 ? 54  THR A O   1 
ATOM   393  C  CB  . THR A 1 54  ? 16.001  -4.384  10.384  1.00 10.98 ? 54  THR A CB  1 
ATOM   394  O  OG1 . THR A 1 54  ? 14.964  -5.364  10.495  1.00 11.69 ? 54  THR A OG1 1 
ATOM   395  C  CG2 . THR A 1 54  ? 15.859  -3.355  11.479  1.00 11.55 ? 54  THR A CG2 1 
ATOM   396  N  N   . ASN A 1 55  ? 15.372  -5.225  7.209   1.00 11.16 ? 55  ASN A N   1 
ATOM   397  C  CA  . ASN A 1 55  ? 15.655  -6.196  6.168   1.00 11.19 ? 55  ASN A CA  1 
ATOM   398  C  C   . ASN A 1 55  ? 14.926  -5.808  4.875   1.00 10.98 ? 55  ASN A C   1 
ATOM   399  O  O   . ASN A 1 55  ? 13.923  -6.413  4.503   1.00 11.26 ? 55  ASN A O   1 
ATOM   400  C  CB  . ASN A 1 55  ? 15.253  -7.597  6.648   1.00 11.84 ? 55  ASN A CB  1 
ATOM   401  C  CG  . ASN A 1 55  ? 15.586  -8.686  5.638   1.00 13.68 ? 55  ASN A CG  1 
ATOM   402  O  OD1 . ASN A 1 55  ? 16.412  -8.491  4.739   1.00 14.60 ? 55  ASN A OD1 1 
ATOM   403  N  ND2 . ASN A 1 55  ? 14.926  -9.835  5.765   1.00 14.24 ? 55  ASN A ND2 1 
ATOM   404  N  N   . GLY A 1 56  ? 15.435  -4.784  4.197   1.00 10.59 ? 56  GLY A N   1 
ATOM   405  C  CA  . GLY A 1 56  ? 14.827  -4.311  2.963   1.00 11.28 ? 56  GLY A CA  1 
ATOM   406  C  C   . GLY A 1 56  ? 13.347  -4.060  3.165   1.00 11.27 ? 56  GLY A C   1 
ATOM   407  O  O   . GLY A 1 56  ? 12.948  -3.410  4.141   1.00 11.51 ? 56  GLY A O   1 
ATOM   408  N  N   . CYS A 1 57  ? 12.538  -4.620  2.266   1.00 10.85 ? 57  CYS A N   1 
ATOM   409  C  CA  . CYS A 1 57  ? 11.083  -4.505  2.328   1.00 11.27 ? 57  CYS A CA  1 
ATOM   410  C  C   . CYS A 1 57  ? 10.459  -5.773  2.901   1.00 10.64 ? 57  CYS A C   1 
ATOM   411  O  O   . CYS A 1 57  ? 9.248   -5.850  3.086   1.00 11.58 ? 57  CYS A O   1 
ATOM   412  C  CB  . CYS A 1 57  ? 10.513  -4.236  0.934   1.00 12.89 ? 57  CYS A CB  1 
ATOM   413  S  SG  . CYS A 1 57  ? 11.010  -2.607  0.297   1.00 11.21 ? 57  CYS A SG  1 
ATOM   414  N  N   . VAL A 1 58  ? 11.304  -6.761  3.177   1.00 11.12 ? 58  VAL A N   1 
ATOM   415  C  CA  . VAL A 1 58  ? 10.869  -8.037  3.721   1.00 10.87 ? 58  VAL A CA  1 
ATOM   416  C  C   . VAL A 1 58  ? 10.338  -7.856  5.144   1.00 10.85 ? 58  VAL A C   1 
ATOM   417  O  O   . VAL A 1 58  ? 9.283   -8.384  5.491   1.00 10.32 ? 58  VAL A O   1 
ATOM   418  C  CB  . VAL A 1 58  ? 12.047  -9.054  3.756   1.00 11.60 ? 58  VAL A CB  1 
ATOM   419  C  CG1 . VAL A 1 58  ? 11.609  -10.379 4.422   1.00 11.43 ? 58  VAL A CG1 1 
ATOM   420  C  CG2 . VAL A 1 58  ? 12.581  -9.303  2.345   1.00 11.35 ? 58  VAL A CG2 1 
ATOM   421  N  N   . SER A 1 59  ? 11.066  -7.082  5.953   1.00 10.98 ? 59  SER A N   1 
ATOM   422  C  CA  . SER A 1 59  ? 10.691  -6.860  7.340   1.00 10.42 ? 59  SER A CA  1 
ATOM   423  C  C   . SER A 1 59  ? 9.397   -6.061  7.573   1.00 11.11 ? 59  SER A C   1 
ATOM   424  O  O   . SER A 1 59  ? 8.947   -5.933  8.715   1.00 12.16 ? 59  SER A O   1 
ATOM   425  C  CB  . SER A 1 59  ? 11.876  -6.310  8.147   1.00 9.40  ? 59  SER A CB  1 
ATOM   426  O  OG  . SER A 1 59  ? 12.571  -5.304  7.443   1.00 10.45 ? 59  SER A OG  1 
ATOM   427  N  N   . ALA A 1 60  ? 8.793   -5.548  6.500   1.00 11.04 ? 60  ALA A N   1 
ATOM   428  C  CA  . ALA A 1 60  ? 7.517   -4.835  6.603   1.00 10.58 ? 60  ALA A CA  1 
ATOM   429  C  C   . ALA A 1 60  ? 6.440   -5.872  6.973   1.00 11.14 ? 60  ALA A C   1 
ATOM   430  O  O   . ALA A 1 60  ? 5.353   -5.538  7.433   1.00 10.98 ? 60  ALA A O   1 
ATOM   431  C  CB  . ALA A 1 60  ? 7.177   -4.168  5.274   1.00 10.77 ? 60  ALA A CB  1 
ATOM   432  N  N   . GLY A 1 61  ? 6.746   -7.142  6.764   1.00 10.93 ? 61  GLY A N   1 
ATOM   433  C  CA  . GLY A 1 61  ? 5.794   -8.169  7.107   1.00 10.75 ? 61  GLY A CA  1 
ATOM   434  C  C   . GLY A 1 61  ? 4.687   -8.299  6.084   1.00 11.64 ? 61  GLY A C   1 
ATOM   435  O  O   . GLY A 1 61  ? 4.834   -7.838  4.952   1.00 11.98 ? 61  GLY A O   1 
ATOM   436  N  N   . PRO A 1 62  ? 3.542   -8.880  6.475   1.00 12.82 ? 62  PRO A N   1 
ATOM   437  C  CA  . PRO A 1 62  ? 2.367   -9.101  5.624   1.00 12.76 ? 62  PRO A CA  1 
ATOM   438  C  C   . PRO A 1 62  ? 1.469   -7.877  5.485   1.00 11.92 ? 62  PRO A C   1 
ATOM   439  O  O   . PRO A 1 62  ? 1.752   -6.832  6.062   1.00 11.55 ? 62  PRO A O   1 
ATOM   440  C  CB  . PRO A 1 62  ? 1.644   -10.224 6.368   1.00 11.57 ? 62  PRO A CB  1 
ATOM   441  C  CG  . PRO A 1 62  ? 1.856   -9.816  7.793   1.00 12.28 ? 62  PRO A CG  1 
ATOM   442  C  CD  . PRO A 1 62  ? 3.323   -9.436  7.824   1.00 12.01 ? 62  PRO A CD  1 
ATOM   443  N  N   . HIS A 1 63  ? 0.404   -7.991  4.697   1.00 10.94 ? 63  HIS A N   1 
ATOM   444  C  CA  . HIS A 1 63  ? -0.534  -6.880  4.540   1.00 10.86 ? 63  HIS A CA  1 
ATOM   445  C  C   . HIS A 1 63  ? -1.141  -6.617  5.913   1.00 11.12 ? 63  HIS A C   1 
ATOM   446  O  O   . HIS A 1 63  ? -1.394  -7.564  6.672   1.00 11.22 ? 63  HIS A O   1 
ATOM   447  C  CB  . HIS A 1 63  ? -1.647  -7.247  3.554   1.00 10.61 ? 63  HIS A CB  1 
ATOM   448  C  CG  . HIS A 1 63  ? -1.152  -7.466  2.168   1.00 11.49 ? 63  HIS A CG  1 
ATOM   449  N  ND1 . HIS A 1 63  ? -1.992  -7.673  1.093   1.00 12.59 ? 63  HIS A ND1 1 
ATOM   450  C  CD2 . HIS A 1 63  ? 0.106   -7.498  1.674   1.00 11.18 ? 63  HIS A CD2 1 
ATOM   451  C  CE1 . HIS A 1 63  ? -1.267  -7.821  -0.003  1.00 11.21 ? 63  HIS A CE1 1 
ATOM   452  N  NE2 . HIS A 1 63  ? 0.007   -7.718  0.324   1.00 11.92 ? 63  HIS A NE2 1 
ATOM   453  N  N   . PHE A 1 64  ? -1.332  -5.346  6.250   1.00 11.74 ? 64  PHE A N   1 
ATOM   454  C  CA  . PHE A 1 64  ? -1.922  -4.983  7.540   1.00 11.37 ? 64  PHE A CA  1 
ATOM   455  C  C   . PHE A 1 64  ? -3.355  -5.535  7.510   1.00 10.46 ? 64  PHE A C   1 
ATOM   456  O  O   . PHE A 1 64  ? -4.161  -5.183  6.638   1.00 9.98  ? 64  PHE A O   1 
ATOM   457  C  CB  . PHE A 1 64  ? -1.879  -3.467  7.718   1.00 11.98 ? 64  PHE A CB  1 
ATOM   458  C  CG  . PHE A 1 64  ? -2.448  -2.991  9.009   1.00 11.71 ? 64  PHE A CG  1 
ATOM   459  C  CD1 . PHE A 1 64  ? -2.195  -3.672  10.188  1.00 11.74 ? 64  PHE A CD1 1 
ATOM   460  C  CD2 . PHE A 1 64  ? -3.253  -1.845  9.045   1.00 13.03 ? 64  PHE A CD2 1 
ATOM   461  C  CE1 . PHE A 1 64  ? -2.735  -3.217  11.396  1.00 13.07 ? 64  PHE A CE1 1 
ATOM   462  C  CE2 . PHE A 1 64  ? -3.797  -1.384  10.248  1.00 12.50 ? 64  PHE A CE2 1 
ATOM   463  C  CZ  . PHE A 1 64  ? -3.538  -2.069  11.422  1.00 12.68 ? 64  PHE A CZ  1 
ATOM   464  N  N   . ASN A 1 65  ? -3.650  -6.421  8.458   1.00 11.40 ? 65  ASN A N   1 
ATOM   465  C  CA  . ASN A 1 65  ? -4.933  -7.120  8.496   1.00 12.12 ? 65  ASN A CA  1 
ATOM   466  C  C   . ASN A 1 65  ? -5.368  -7.406  9.937   1.00 13.32 ? 65  ASN A C   1 
ATOM   467  O  O   . ASN A 1 65  ? -5.510  -8.569  10.333  1.00 12.43 ? 65  ASN A O   1 
ATOM   468  C  CB  . ASN A 1 65  ? -4.728  -8.435  7.723   1.00 12.08 ? 65  ASN A CB  1 
ATOM   469  C  CG  . ASN A 1 65  ? -5.984  -9.252  7.582   1.00 11.06 ? 65  ASN A CG  1 
ATOM   470  O  OD1 . ASN A 1 65  ? -7.094  -8.726  7.593   1.00 12.41 ? 65  ASN A OD1 1 
ATOM   471  N  ND2 . ASN A 1 65  ? -5.810  -10.552 7.371   1.00 9.90  ? 65  ASN A ND2 1 
ATOM   472  N  N   . PRO A 1 66  ? -5.652  -6.349  10.725  1.00 12.84 ? 66  PRO A N   1 
ATOM   473  C  CA  . PRO A 1 66  ? -6.063  -6.561  12.118  1.00 13.08 ? 66  PRO A CA  1 
ATOM   474  C  C   . PRO A 1 66  ? -7.373  -7.334  12.294  1.00 12.26 ? 66  PRO A C   1 
ATOM   475  O  O   . PRO A 1 66  ? -7.549  -8.032  13.290  1.00 11.26 ? 66  PRO A O   1 
ATOM   476  C  CB  . PRO A 1 66  ? -6.154  -5.137  12.666  1.00 13.41 ? 66  PRO A CB  1 
ATOM   477  C  CG  . PRO A 1 66  ? -6.576  -4.341  11.456  1.00 13.87 ? 66  PRO A CG  1 
ATOM   478  C  CD  . PRO A 1 66  ? -5.718  -4.921  10.359  1.00 12.94 ? 66  PRO A CD  1 
ATOM   479  N  N   . PHE A 1 67  ? -8.238  -7.278  11.284  1.00 11.90 ? 67  PHE A N   1 
ATOM   480  C  CA  . PHE A 1 67  ? -9.540  -7.935  11.343  1.00 12.81 ? 67  PHE A CA  1 
ATOM   481  C  C   . PHE A 1 67  ? -9.566  -9.350  10.806  1.00 12.61 ? 67  PHE A C   1 
ATOM   482  O  O   . PHE A 1 67  ? -10.624 -9.985  10.789  1.00 12.71 ? 67  PHE A O   1 
ATOM   483  C  CB  . PHE A 1 67  ? -10.601 -7.058  10.678  1.00 11.18 ? 67  PHE A CB  1 
ATOM   484  C  CG  . PHE A 1 67  ? -10.676 -5.673  11.266  1.00 13.87 ? 67  PHE A CG  1 
ATOM   485  C  CD1 . PHE A 1 67  ? -10.718 -5.495  12.653  1.00 12.41 ? 67  PHE A CD1 1 
ATOM   486  C  CD2 . PHE A 1 67  ? -10.651 -4.558  10.449  1.00 13.68 ? 67  PHE A CD2 1 
ATOM   487  C  CE1 . PHE A 1 67  ? -10.732 -4.226  13.225  1.00 13.97 ? 67  PHE A CE1 1 
ATOM   488  C  CE2 . PHE A 1 67  ? -10.667 -3.279  11.005  1.00 15.94 ? 67  PHE A CE2 1 
ATOM   489  C  CZ  . PHE A 1 67  ? -10.707 -3.114  12.405  1.00 15.34 ? 67  PHE A CZ  1 
ATOM   490  N  N   . LYS A 1 68  ? -8.398  -9.835  10.382  1.00 12.27 ? 68  LYS A N   1 
ATOM   491  C  CA  . LYS A 1 68  ? -8.222  -11.196 9.894   1.00 11.13 ? 68  LYS A CA  1 
ATOM   492  C  C   . LYS A 1 68  ? -9.166  -11.578 8.759   1.00 10.93 ? 68  LYS A C   1 
ATOM   493  O  O   . LYS A 1 68  ? -9.867  -12.602 8.803   1.00 11.47 ? 68  LYS A O   1 
ATOM   494  C  CB  . LYS A 1 68  ? -8.335  -12.181 11.056  1.00 11.83 ? 68  LYS A CB  1 
ATOM   495  C  CG  . LYS A 1 68  ? -7.274  -11.967 12.137  1.00 13.96 ? 68  LYS A CG  1 
ATOM   496  C  CD  . LYS A 1 68  ? -7.235  -13.127 13.143  1.00 17.18 ? 68  LYS A CD  1 
ATOM   497  C  CE  . LYS A 1 68  ? -6.035  -13.033 14.112  1.00 19.18 ? 68  LYS A CE  1 
ATOM   498  N  NZ  . LYS A 1 68  ? -5.939  -14.230 15.027  1.00 20.25 ? 68  LYS A NZ  1 
ATOM   499  N  N   . LYS A 1 69  ? -9.180  -10.733 7.742   1.00 11.13 ? 69  LYS A N   1 
ATOM   500  C  CA  . LYS A 1 69  ? -10.012 -10.954 6.573   1.00 11.57 ? 69  LYS A CA  1 
ATOM   501  C  C   . LYS A 1 69  ? -9.094  -11.424 5.441   1.00 12.18 ? 69  LYS A C   1 
ATOM   502  O  O   . LYS A 1 69  ? -7.868  -11.406 5.586   1.00 11.49 ? 69  LYS A O   1 
ATOM   503  C  CB  . LYS A 1 69  ? -10.703 -9.632  6.174   1.00 14.05 ? 69  LYS A CB  1 
ATOM   504  C  CG  . LYS A 1 69  ? -11.554 -8.951  7.287   1.00 16.01 ? 69  LYS A CG  1 
ATOM   505  C  CD  . LYS A 1 69  ? -12.750 -9.809  7.713   1.00 19.61 ? 69  LYS A CD  1 
ATOM   506  C  CE  . LYS A 1 69  ? -13.680 -9.118  8.739   1.00 22.50 ? 69  LYS A CE  1 
ATOM   507  N  NZ  . LYS A 1 69  ? -13.359 -9.373  10.214  1.00 26.22 ? 69  LYS A NZ  1 
ATOM   508  N  N   . THR A 1 70  ? -9.675  -11.881 4.336   1.00 11.24 ? 70  THR A N   1 
ATOM   509  C  CA  . THR A 1 70  ? -8.871  -12.284 3.196   1.00 11.40 ? 70  THR A CA  1 
ATOM   510  C  C   . THR A 1 70  ? -8.543  -11.042 2.364   1.00 11.83 ? 70  THR A C   1 
ATOM   511  O  O   . THR A 1 70  ? -9.198  -10.001 2.475   1.00 11.35 ? 70  THR A O   1 
ATOM   512  C  CB  . THR A 1 70  ? -9.591  -13.291 2.268   1.00 11.19 ? 70  THR A CB  1 
ATOM   513  O  OG1 . THR A 1 70  ? -10.895 -12.802 1.957   1.00 11.37 ? 70  THR A OG1 1 
ATOM   514  C  CG2 . THR A 1 70  ? -9.675  -14.695 2.917   1.00 12.00 ? 70  THR A CG2 1 
ATOM   515  N  N   . HIS A 1 71  ? -7.521  -11.180 1.523   1.00 11.63 ? 71  HIS A N   1 
ATOM   516  C  CA  . HIS A 1 71  ? -7.066  -10.120 0.633   1.00 11.36 ? 71  HIS A CA  1 
ATOM   517  C  C   . HIS A 1 71  ? -8.144  -9.822  -0.420  1.00 11.05 ? 71  HIS A C   1 
ATOM   518  O  O   . HIS A 1 71  ? -8.705  -10.755 -0.998  1.00 11.87 ? 71  HIS A O   1 
ATOM   519  C  CB  . HIS A 1 71  ? -5.783  -10.583 -0.060  1.00 11.21 ? 71  HIS A CB  1 
ATOM   520  C  CG  . HIS A 1 71  ? -5.269  -9.616  -1.067  1.00 10.84 ? 71  HIS A CG  1 
ATOM   521  N  ND1 . HIS A 1 71  ? -4.550  -8.493  -0.718  1.00 11.24 ? 71  HIS A ND1 1 
ATOM   522  C  CD2 . HIS A 1 71  ? -5.449  -9.556  -2.406  1.00 11.47 ? 71  HIS A CD2 1 
ATOM   523  C  CE1 . HIS A 1 71  ? -4.321  -7.775  -1.805  1.00 12.01 ? 71  HIS A CE1 1 
ATOM   524  N  NE2 . HIS A 1 71  ? -4.860  -8.398  -2.838  1.00 12.29 ? 71  HIS A NE2 1 
ATOM   525  N  N   . GLY A 1 72  ? -8.394  -8.538  -0.689  1.00 11.08 ? 72  GLY A N   1 
ATOM   526  C  CA  . GLY A 1 72  ? -9.387  -8.165  -1.674  1.00 11.32 ? 72  GLY A CA  1 
ATOM   527  C  C   . GLY A 1 72  ? -9.093  -6.835  -2.334  1.00 12.38 ? 72  GLY A C   1 
ATOM   528  O  O   . GLY A 1 72  ? -7.991  -6.300  -2.218  1.00 11.95 ? 72  GLY A O   1 
ATOM   529  N  N   . ALA A 1 73  ? -10.051 -6.359  -3.121  1.00 12.08 ? 73  ALA A N   1 
ATOM   530  C  CA  . ALA A 1 73  ? -9.939  -5.070  -3.788  1.00 11.80 ? 73  ALA A CA  1 
ATOM   531  C  C   . ALA A 1 73  ? -10.345 -4.004  -2.757  1.00 14.51 ? 73  ALA A C   1 
ATOM   532  O  O   . ALA A 1 73  ? -11.063 -4.306  -1.808  1.00 14.56 ? 73  ALA A O   1 
ATOM   533  C  CB  . ALA A 1 73  ? -10.885 -5.025  -4.985  1.00 12.50 ? 73  ALA A CB  1 
ATOM   534  N  N   . PRO A 1 74  ? -9.888  -2.746  -2.927  1.00 14.16 ? 74  PRO A N   1 
ATOM   535  C  CA  . PRO A 1 74  ? -10.232 -1.664  -1.995  1.00 14.98 ? 74  PRO A CA  1 
ATOM   536  C  C   . PRO A 1 74  ? -11.750 -1.493  -1.831  1.00 15.50 ? 74  PRO A C   1 
ATOM   537  O  O   . PRO A 1 74  ? -12.245 -1.165  -0.749  1.00 14.28 ? 74  PRO A O   1 
ATOM   538  C  CB  . PRO A 1 74  ? -9.622  -0.432  -2.666  1.00 15.52 ? 74  PRO A CB  1 
ATOM   539  C  CG  . PRO A 1 74  ? -8.408  -0.986  -3.343  1.00 15.29 ? 74  PRO A CG  1 
ATOM   540  C  CD  . PRO A 1 74  ? -8.927  -2.278  -3.945  1.00 14.89 ? 74  PRO A CD  1 
ATOM   541  N  N   . THR A 1 75  ? -12.487 -1.706  -2.912  1.00 13.90 ? 75  THR A N   1 
ATOM   542  C  CA  . THR A 1 75  ? -13.931 -1.574  -2.841  1.00 15.23 ? 75  THR A CA  1 
ATOM   543  C  C   . THR A 1 75  ? -14.676 -2.799  -2.331  1.00 16.29 ? 75  THR A C   1 
ATOM   544  O  O   . THR A 1 75  ? -15.901 -2.783  -2.285  1.00 17.19 ? 75  THR A O   1 
ATOM   545  C  CB  . THR A 1 75  ? -14.527 -1.146  -4.182  1.00 16.28 ? 75  THR A CB  1 
ATOM   546  O  OG1 . THR A 1 75  ? -14.081 -2.039  -5.208  1.00 18.10 ? 75  THR A OG1 1 
ATOM   547  C  CG2 . THR A 1 75  ? -14.131 0.302   -4.501  1.00 15.01 ? 75  THR A CG2 1 
ATOM   548  N  N   . ASP A 1 76  ? -13.959 -3.879  -2.021  1.00 16.01 ? 76  ASP A N   1 
ATOM   549  C  CA  . ASP A 1 76  ? -14.581 -5.089  -1.477  1.00 15.46 ? 76  ASP A CA  1 
ATOM   550  C  C   . ASP A 1 76  ? -14.847 -4.869  0.023   1.00 15.25 ? 76  ASP A C   1 
ATOM   551  O  O   . ASP A 1 76  ? -14.058 -4.210  0.701   1.00 14.13 ? 76  ASP A O   1 
ATOM   552  C  CB  . ASP A 1 76  ? -13.628 -6.294  -1.588  1.00 14.67 ? 76  ASP A CB  1 
ATOM   553  C  CG  . ASP A 1 76  ? -13.561 -6.888  -2.981  1.00 16.15 ? 76  ASP A CG  1 
ATOM   554  O  OD1 . ASP A 1 76  ? -14.412 -6.572  -3.844  1.00 17.61 ? 76  ASP A OD1 1 
ATOM   555  O  OD2 . ASP A 1 76  ? -12.647 -7.704  -3.197  1.00 15.94 ? 76  ASP A OD2 1 
ATOM   556  N  N   . GLU A 1 77  ? -15.938 -5.424  0.550   1.00 16.56 ? 77  GLU A N   1 
ATOM   557  C  CA  . GLU A 1 77  ? -16.203 -5.305  1.990   1.00 17.55 ? 77  GLU A CA  1 
ATOM   558  C  C   . GLU A 1 77  ? -15.187 -6.200  2.689   1.00 17.18 ? 77  GLU A C   1 
ATOM   559  O  O   . GLU A 1 77  ? -14.674 -5.864  3.759   1.00 18.16 ? 77  GLU A O   1 
ATOM   560  C  CB  . GLU A 1 77  ? -17.618 -5.773  2.357   1.00 19.49 ? 77  GLU A CB  1 
ATOM   561  C  CG  . GLU A 1 77  ? -18.720 -4.738  2.148   1.00 23.16 ? 77  GLU A CG  1 
ATOM   562  C  CD  . GLU A 1 77  ? -20.062 -5.192  2.736   1.00 27.53 ? 77  GLU A CD  1 
ATOM   563  O  OE1 . GLU A 1 77  ? -20.060 -5.713  3.889   1.00 28.21 ? 77  GLU A OE1 1 
ATOM   564  O  OE2 . GLU A 1 77  ? -21.108 -5.031  2.045   1.00 29.93 ? 77  GLU A OE2 1 
ATOM   565  N  N   . VAL A 1 78  ? -14.919 -7.358  2.088   1.00 14.89 ? 78  VAL A N   1 
ATOM   566  C  CA  . VAL A 1 78  ? -13.945 -8.308  2.632   1.00 13.81 ? 78  VAL A CA  1 
ATOM   567  C  C   . VAL A 1 78  ? -12.584 -8.015  1.989   1.00 12.41 ? 78  VAL A C   1 
ATOM   568  O  O   . VAL A 1 78  ? -12.373 -8.269  0.800   1.00 12.37 ? 78  VAL A O   1 
ATOM   569  C  CB  . VAL A 1 78  ? -14.367 -9.787  2.371   1.00 14.41 ? 78  VAL A CB  1 
ATOM   570  C  CG1 . VAL A 1 78  ? -13.383 -10.751 3.028   1.00 14.21 ? 78  VAL A CG1 1 
ATOM   571  C  CG2 . VAL A 1 78  ? -15.781 -10.031 2.912   1.00 15.79 ? 78  VAL A CG2 1 
ATOM   572  N  N   . ARG A 1 79  ? -11.709 -7.391  2.771   1.00 12.48 ? 79  ARG A N   1 
ATOM   573  C  CA  . ARG A 1 79  ? -10.366 -7.026  2.340   1.00 12.51 ? 79  ARG A CA  1 
ATOM   574  C  C   . ARG A 1 79  ? -9.515  -6.789  3.585   1.00 13.37 ? 79  ARG A C   1 
ATOM   575  O  O   . ARG A 1 79  ? -10.025 -6.773  4.714   1.00 13.71 ? 79  ARG A O   1 
ATOM   576  C  CB  . ARG A 1 79  ? -10.390 -5.732  1.513   1.00 12.42 ? 79  ARG A CB  1 
ATOM   577  C  CG  . ARG A 1 79  ? -11.024 -4.555  2.239   1.00 11.99 ? 79  ARG A CG  1 
ATOM   578  C  CD  . ARG A 1 79  ? -10.848 -3.240  1.506   1.00 12.53 ? 79  ARG A CD  1 
ATOM   579  N  NE  . ARG A 1 79  ? -9.720  -2.508  2.047   1.00 11.83 ? 79  ARG A NE  1 
ATOM   580  C  CZ  . ARG A 1 79  ? -9.604  -1.190  2.017   1.00 13.22 ? 79  ARG A CZ  1 
ATOM   581  N  NH1 . ARG A 1 79  ? -10.561 -0.469  1.447   1.00 14.43 ? 79  ARG A NH1 1 
ATOM   582  N  NH2 . ARG A 1 79  ? -8.578  -0.591  2.640   1.00 10.72 ? 79  ARG A NH2 1 
ATOM   583  N  N   . HIS A 1 80  ? -8.206  -6.665  3.381   1.00 12.66 ? 80  HIS A N   1 
ATOM   584  C  CA  . HIS A 1 80  ? -7.285  -6.361  4.476   1.00 11.53 ? 80  HIS A CA  1 
ATOM   585  C  C   . HIS A 1 80  ? -7.388  -4.839  4.621   1.00 10.86 ? 80  HIS A C   1 
ATOM   586  O  O   . HIS A 1 80  ? -7.638  -4.138  3.641   1.00 9.44  ? 80  HIS A O   1 
ATOM   587  C  CB  . HIS A 1 80  ? -5.841  -6.705  4.078   1.00 11.73 ? 80  HIS A CB  1 
ATOM   588  C  CG  . HIS A 1 80  ? -5.598  -8.168  3.889   1.00 13.05 ? 80  HIS A CG  1 
ATOM   589  N  ND1 . HIS A 1 80  ? -4.657  -8.668  3.010   1.00 13.48 ? 80  HIS A ND1 1 
ATOM   590  C  CD2 . HIS A 1 80  ? -6.128  -9.239  4.520   1.00 12.24 ? 80  HIS A CD2 1 
ATOM   591  C  CE1 . HIS A 1 80  ? -4.610  -9.985  3.124   1.00 12.48 ? 80  HIS A CE1 1 
ATOM   592  N  NE2 . HIS A 1 80  ? -5.493  -10.354 4.033   1.00 12.79 ? 80  HIS A NE2 1 
ATOM   593  N  N   . VAL A 1 81  ? -7.237  -4.324  5.834   1.00 10.44 ? 81  VAL A N   1 
ATOM   594  C  CA  . VAL A 1 81  ? -7.265  -2.877  6.010   1.00 10.94 ? 81  VAL A CA  1 
ATOM   595  C  C   . VAL A 1 81  ? -6.252  -2.229  5.043   1.00 11.08 ? 81  VAL A C   1 
ATOM   596  O  O   . VAL A 1 81  ? -6.536  -1.211  4.413   1.00 11.12 ? 81  VAL A O   1 
ATOM   597  C  CB  . VAL A 1 81  ? -6.877  -2.505  7.465   1.00 12.12 ? 81  VAL A CB  1 
ATOM   598  C  CG1 . VAL A 1 81  ? -6.503  -1.008  7.571   1.00 12.63 ? 81  VAL A CG1 1 
ATOM   599  C  CG2 . VAL A 1 81  ? -8.030  -2.870  8.425   1.00 12.92 ? 81  VAL A CG2 1 
ATOM   600  N  N   . GLY A 1 82  ? -5.083  -2.852  4.898   1.00 10.55 ? 82  GLY A N   1 
ATOM   601  C  CA  . GLY A 1 82  ? -4.045  -2.286  4.043   1.00 9.98  ? 82  GLY A CA  1 
ATOM   602  C  C   . GLY A 1 82  ? -4.162  -2.408  2.532   1.00 10.42 ? 82  GLY A C   1 
ATOM   603  O  O   . GLY A 1 82  ? -3.295  -1.911  1.812   1.00 11.07 ? 82  GLY A O   1 
ATOM   604  N  N   . ASP A 1 83  ? -5.210  -3.049  2.039   1.00 10.87 ? 83  ASP A N   1 
ATOM   605  C  CA  . ASP A 1 83  ? -5.382  -3.246  0.610   1.00 11.04 ? 83  ASP A CA  1 
ATOM   606  C  C   . ASP A 1 83  ? -5.737  -1.984  -0.172  1.00 11.89 ? 83  ASP A C   1 
ATOM   607  O  O   . ASP A 1 83  ? -6.840  -1.445  -0.046  1.00 11.11 ? 83  ASP A O   1 
ATOM   608  C  CB  . ASP A 1 83  ? -6.421  -4.345  0.344   1.00 9.69  ? 83  ASP A CB  1 
ATOM   609  C  CG  . ASP A 1 83  ? -5.921  -5.732  0.736   1.00 10.15 ? 83  ASP A CG  1 
ATOM   610  O  OD1 . ASP A 1 83  ? -4.694  -5.938  0.929   1.00 12.33 ? 83  ASP A OD1 1 
ATOM   611  O  OD2 . ASP A 1 83  ? -6.735  -6.667  0.860   1.00 9.44  ? 83  ASP A OD2 1 
ATOM   612  N  N   . MET A 1 84  ? -4.777  -1.506  -0.963  1.00 12.00 ? 84  MET A N   1 
ATOM   613  C  CA  . MET A 1 84  ? -4.978  -0.332  -1.806  1.00 11.45 ? 84  MET A CA  1 
ATOM   614  C  C   . MET A 1 84  ? -5.018  -0.702  -3.310  1.00 12.76 ? 84  MET A C   1 
ATOM   615  O  O   . MET A 1 84  ? -4.901  0.164   -4.179  1.00 13.68 ? 84  MET A O   1 
ATOM   616  C  CB  . MET A 1 84  ? -3.913  0.726   -1.512  1.00 10.71 ? 84  MET A CB  1 
ATOM   617  C  CG  . MET A 1 84  ? -3.890  1.119   -0.043  1.00 9.37  ? 84  MET A CG  1 
ATOM   618  S  SD  . MET A 1 84  ? -2.849  2.550   0.296   1.00 9.65  ? 84  MET A SD  1 
ATOM   619  C  CE  . MET A 1 84  ? -1.200  1.843   0.136   1.00 8.65  ? 84  MET A CE  1 
ATOM   620  N  N   . GLY A 1 85  ? -5.206  -1.989  -3.603  1.00 12.00 ? 85  GLY A N   1 
ATOM   621  C  CA  . GLY A 1 85  ? -5.319  -2.442  -4.976  1.00 11.68 ? 85  GLY A CA  1 
ATOM   622  C  C   . GLY A 1 85  ? -4.099  -2.242  -5.859  1.00 11.83 ? 85  GLY A C   1 
ATOM   623  O  O   . GLY A 1 85  ? -2.974  -2.529  -5.453  1.00 11.83 ? 85  GLY A O   1 
ATOM   624  N  N   . ASN A 1 86  ? -4.351  -1.830  -7.100  1.00 11.79 ? 86  ASN A N   1 
ATOM   625  C  CA  . ASN A 1 86  ? -3.301  -1.579  -8.072  1.00 11.91 ? 86  ASN A CA  1 
ATOM   626  C  C   . ASN A 1 86  ? -3.223  -0.115  -8.391  1.00 12.37 ? 86  ASN A C   1 
ATOM   627  O  O   . ASN A 1 86  ? -4.237  0.593   -8.382  1.00 12.73 ? 86  ASN A O   1 
ATOM   628  C  CB  . ASN A 1 86  ? -3.606  -2.269  -9.401  1.00 11.81 ? 86  ASN A CB  1 
ATOM   629  C  CG  . ASN A 1 86  ? -3.413  -3.747  -9.349  1.00 11.54 ? 86  ASN A CG  1 
ATOM   630  O  OD1 . ASN A 1 86  ? -2.307  -4.229  -9.137  1.00 12.19 ? 86  ASN A OD1 1 
ATOM   631  N  ND2 . ASN A 1 86  ? -4.483  -4.488  -9.565  1.00 11.56 ? 86  ASN A ND2 1 
ATOM   632  N  N   . VAL A 1 87  ? -2.016  0.347   -8.667  1.00 13.11 ? 87  VAL A N   1 
ATOM   633  C  CA  . VAL A 1 87  ? -1.823  1.719   -9.112  1.00 14.19 ? 87  VAL A CA  1 
ATOM   634  C  C   . VAL A 1 87  ? -1.426  1.550   -10.591 1.00 14.22 ? 87  VAL A C   1 
ATOM   635  O  O   . VAL A 1 87  ? -0.726  0.590   -10.939 1.00 15.05 ? 87  VAL A O   1 
ATOM   636  C  CB  . VAL A 1 87  ? -0.718  2.509   -8.306  1.00 14.60 ? 87  VAL A CB  1 
ATOM   637  C  CG1 . VAL A 1 87  ? -1.165  2.751   -6.869  1.00 13.59 ? 87  VAL A CG1 1 
ATOM   638  C  CG2 . VAL A 1 87  ? 0.620   1.800   -8.350  1.00 14.12 ? 87  VAL A CG2 1 
ATOM   639  N  N   . LYS A 1 88  ? -1.989  2.385   -11.459 1.00 14.28 ? 88  LYS A N   1 
ATOM   640  C  CA  . LYS A 1 88  ? -1.691  2.347   -12.890 1.00 13.96 ? 88  LYS A CA  1 
ATOM   641  C  C   . LYS A 1 88  ? -0.445  3.166   -13.199 1.00 13.80 ? 88  LYS A C   1 
ATOM   642  O  O   . LYS A 1 88  ? -0.278  4.272   -12.672 1.00 12.40 ? 88  LYS A O   1 
ATOM   643  C  CB  . LYS A 1 88  ? -2.858  2.933   -13.692 1.00 14.82 ? 88  LYS A CB  1 
ATOM   644  C  CG  . LYS A 1 88  ? -4.152  2.145   -13.561 1.00 18.17 ? 88  LYS A CG  1 
ATOM   645  C  CD  . LYS A 1 88  ? -5.319  2.897   -14.208 1.00 20.79 ? 88  LYS A CD  1 
ATOM   646  C  CE  . LYS A 1 88  ? -6.622  2.088   -14.170 1.00 23.36 ? 88  LYS A CE  1 
ATOM   647  N  NZ  . LYS A 1 88  ? -6.564  0.874   -15.064 1.00 27.19 ? 88  LYS A NZ  1 
ATOM   648  N  N   . THR A 1 89  ? 0.425   2.639   -14.052 1.00 12.51 ? 89  THR A N   1 
ATOM   649  C  CA  . THR A 1 89  ? 1.632   3.361   -14.418 1.00 13.36 ? 89  THR A CA  1 
ATOM   650  C  C   . THR A 1 89  ? 1.496   3.855   -15.853 1.00 12.84 ? 89  THR A C   1 
ATOM   651  O  O   . THR A 1 89  ? 0.833   3.216   -16.691 1.00 12.73 ? 89  THR A O   1 
ATOM   652  C  CB  . THR A 1 89  ? 2.875   2.476   -14.273 1.00 12.52 ? 89  THR A CB  1 
ATOM   653  O  OG1 . THR A 1 89  ? 2.760   1.354   -15.155 1.00 14.07 ? 89  THR A OG1 1 
ATOM   654  C  CG2 . THR A 1 89  ? 3.002   1.975   -12.825 1.00 12.44 ? 89  THR A CG2 1 
ATOM   655  N  N   . ASP A 1 90  ? 2.085   5.000   -16.146 1.00 12.46 ? 90  ASP A N   1 
ATOM   656  C  CA  . ASP A 1 90  ? 1.980   5.525   -17.491 1.00 12.18 ? 90  ASP A CA  1 
ATOM   657  C  C   . ASP A 1 90  ? 3.086   5.008   -18.411 1.00 11.19 ? 90  ASP A C   1 
ATOM   658  O  O   . ASP A 1 90  ? 3.822   4.088   -18.043 1.00 10.38 ? 90  ASP A O   1 
ATOM   659  C  CB  . ASP A 1 90  ? 1.881   7.060   -17.476 1.00 12.51 ? 90  ASP A CB  1 
ATOM   660  C  CG  . ASP A 1 90  ? 3.139   7.748   -16.970 1.00 12.28 ? 90  ASP A CG  1 
ATOM   661  O  OD1 . ASP A 1 90  ? 4.215   7.121   -16.858 1.00 11.62 ? 90  ASP A OD1 1 
ATOM   662  O  OD2 . ASP A 1 90  ? 3.046   8.960   -16.705 1.00 13.44 ? 90  ASP A OD2 1 
ATOM   663  N  N   . GLU A 1 91  ? 3.220   5.611   -19.593 1.00 11.97 ? 91  GLU A N   1 
ATOM   664  C  CA  . GLU A 1 91  ? 4.224   5.185   -20.576 1.00 12.31 ? 91  GLU A CA  1 
ATOM   665  C  C   . GLU A 1 91  ? 5.663   5.421   -20.121 1.00 11.61 ? 91  GLU A C   1 
ATOM   666  O  O   . GLU A 1 91  ? 6.608   4.853   -20.672 1.00 12.69 ? 91  GLU A O   1 
ATOM   667  C  CB  . GLU A 1 91  ? 3.970   5.829   -21.944 1.00 13.48 ? 91  GLU A CB  1 
ATOM   668  C  CG  . GLU A 1 91  ? 4.224   7.328   -22.008 1.00 14.97 ? 91  GLU A CG  1 
ATOM   669  C  CD  . GLU A 1 91  ? 3.045   8.200   -21.570 1.00 16.96 ? 91  GLU A CD  1 
ATOM   670  O  OE1 . GLU A 1 91  ? 2.091   7.705   -20.932 1.00 15.80 ? 91  GLU A OE1 1 
ATOM   671  O  OE2 . GLU A 1 91  ? 3.077   9.411   -21.880 1.00 19.11 ? 91  GLU A OE2 1 
ATOM   672  N  N   . ASN A 1 92  ? 5.815   6.252   -19.101 1.00 11.34 ? 92  ASN A N   1 
ATOM   673  C  CA  . ASN A 1 92  ? 7.119   6.551   -18.524 1.00 11.57 ? 92  ASN A CA  1 
ATOM   674  C  C   . ASN A 1 92  ? 7.364   5.788   -17.211 1.00 10.93 ? 92  ASN A C   1 
ATOM   675  O  O   . ASN A 1 92  ? 8.378   6.007   -16.548 1.00 12.17 ? 92  ASN A O   1 
ATOM   676  C  CB  . ASN A 1 92  ? 7.269   8.063   -18.302 1.00 13.21 ? 92  ASN A CB  1 
ATOM   677  C  CG  . ASN A 1 92  ? 7.209   8.853   -19.606 1.00 14.37 ? 92  ASN A CG  1 
ATOM   678  O  OD1 . ASN A 1 92  ? 6.470   9.836   -19.724 1.00 16.80 ? 92  ASN A OD1 1 
ATOM   679  N  ND2 . ASN A 1 92  ? 7.963   8.406   -20.596 1.00 14.74 ? 92  ASN A ND2 1 
ATOM   680  N  N   . GLY A 1 93  ? 6.445   4.891   -16.850 1.00 10.16 ? 93  GLY A N   1 
ATOM   681  C  CA  . GLY A 1 93  ? 6.591   4.113   -15.632 1.00 10.14 ? 93  GLY A CA  1 
ATOM   682  C  C   . GLY A 1 93  ? 6.197   4.855   -14.368 1.00 10.62 ? 93  GLY A C   1 
ATOM   683  O  O   . GLY A 1 93  ? 6.530   4.434   -13.270 1.00 9.98  ? 93  GLY A O   1 
ATOM   684  N  N   . VAL A 1 94  ? 5.471   5.952   -14.527 1.00 12.06 ? 94  VAL A N   1 
ATOM   685  C  CA  . VAL A 1 94  ? 5.039   6.772   -13.393 1.00 12.28 ? 94  VAL A CA  1 
ATOM   686  C  C   . VAL A 1 94  ? 3.613   6.454   -12.968 1.00 12.05 ? 94  VAL A C   1 
ATOM   687  O  O   . VAL A 1 94  ? 2.736   6.281   -13.813 1.00 12.53 ? 94  VAL A O   1 
ATOM   688  C  CB  . VAL A 1 94  ? 5.110   8.303   -13.729 1.00 13.80 ? 94  VAL A CB  1 
ATOM   689  C  CG1 . VAL A 1 94  ? 4.571   9.151   -12.548 1.00 15.24 ? 94  VAL A CG1 1 
ATOM   690  C  CG2 . VAL A 1 94  ? 6.546   8.716   -14.053 1.00 13.96 ? 94  VAL A CG2 1 
ATOM   691  N  N   . ALA A 1 95  ? 3.406   6.333   -11.661 1.00 11.62 ? 95  ALA A N   1 
ATOM   692  C  CA  . ALA A 1 95  ? 2.078   6.098   -11.101 1.00 13.04 ? 95  ALA A CA  1 
ATOM   693  C  C   . ALA A 1 95  ? 1.827   7.344   -10.268 1.00 14.01 ? 95  ALA A C   1 
ATOM   694  O  O   . ALA A 1 95  ? 2.662   7.711   -9.445  1.00 14.06 ? 95  ALA A O   1 
ATOM   695  C  CB  . ALA A 1 95  ? 2.075   4.877   -10.204 1.00 13.76 ? 95  ALA A CB  1 
ATOM   696  N  N   . LYS A 1 96  ? 0.727   8.038   -10.514 1.00 13.43 ? 96  LYS A N   1 
ATOM   697  C  CA  . LYS A 1 96  ? 0.428   9.237   -9.741  1.00 14.08 ? 96  LYS A CA  1 
ATOM   698  C  C   . LYS A 1 96  ? -1.077  9.296   -9.592  1.00 14.72 ? 96  LYS A C   1 
ATOM   699  O  O   . LYS A 1 96  ? -1.801  8.978   -10.535 1.00 15.95 ? 96  LYS A O   1 
ATOM   700  C  CB  . LYS A 1 96  ? 0.950   10.478  -10.468 1.00 15.39 ? 96  LYS A CB  1 
ATOM   701  C  CG  . LYS A 1 96  ? 0.631   11.815  -9.803  1.00 16.13 ? 96  LYS A CG  1 
ATOM   702  C  CD  . LYS A 1 96  ? 1.122   12.942  -10.700 1.00 18.20 ? 96  LYS A CD  1 
ATOM   703  C  CE  . LYS A 1 96  ? 0.628   14.308  -10.267 1.00 22.04 ? 96  LYS A CE  1 
ATOM   704  N  NZ  . LYS A 1 96  ? 1.133   14.676  -8.912  1.00 26.53 ? 96  LYS A NZ  1 
ATOM   705  N  N   . GLY A 1 97  ? -1.551  9.621   -8.394  1.00 15.15 ? 97  GLY A N   1 
ATOM   706  C  CA  . GLY A 1 97  ? -2.984  9.693   -8.185  1.00 14.66 ? 97  GLY A CA  1 
ATOM   707  C  C   . GLY A 1 97  ? -3.339  9.889   -6.731  1.00 14.37 ? 97  GLY A C   1 
ATOM   708  O  O   . GLY A 1 97  ? -2.470  10.155  -5.907  1.00 13.57 ? 97  GLY A O   1 
ATOM   709  N  N   . SER A 1 98  ? -4.625  9.777   -6.423  1.00 14.92 ? 98  SER A N   1 
ATOM   710  C  CA  . SER A 1 98  ? -5.115  9.923   -5.051  1.00 15.37 ? 98  SER A CA  1 
ATOM   711  C  C   . SER A 1 98  ? -6.502  9.294   -4.955  1.00 14.64 ? 98  SER A C   1 
ATOM   712  O  O   . SER A 1 98  ? -7.218  9.181   -5.955  1.00 16.43 ? 98  SER A O   1 
ATOM   713  C  CB  . SER A 1 98  ? -5.180  11.394  -4.634  1.00 16.41 ? 98  SER A CB  1 
ATOM   714  O  OG  . SER A 1 98  ? -6.163  12.088  -5.380  1.00 19.84 ? 98  SER A OG  1 
ATOM   715  N  N   . PHE A 1 99  ? -6.858  8.839   -3.767  1.00 13.64 ? 99  PHE A N   1 
ATOM   716  C  CA  . PHE A 1 99  ? -8.153  8.223   -3.545  1.00 13.63 ? 99  PHE A CA  1 
ATOM   717  C  C   . PHE A 1 99  ? -8.485  8.351   -2.075  1.00 12.75 ? 99  PHE A C   1 
ATOM   718  O  O   . PHE A 1 99  ? -7.619  8.699   -1.270  1.00 13.17 ? 99  PHE A O   1 
ATOM   719  C  CB  . PHE A 1 99  ? -8.132  6.738   -3.966  1.00 14.43 ? 99  PHE A CB  1 
ATOM   720  C  CG  . PHE A 1 99  ? -7.076  5.907   -3.266  1.00 14.91 ? 99  PHE A CG  1 
ATOM   721  C  CD1 . PHE A 1 99  ? -7.343  5.303   -2.046  1.00 14.72 ? 99  PHE A CD1 1 
ATOM   722  C  CD2 . PHE A 1 99  ? -5.809  5.743   -3.829  1.00 16.16 ? 99  PHE A CD2 1 
ATOM   723  C  CE1 . PHE A 1 99  ? -6.373  4.554   -1.394  1.00 14.08 ? 99  PHE A CE1 1 
ATOM   724  C  CE2 . PHE A 1 99  ? -4.826  4.985   -3.175  1.00 16.23 ? 99  PHE A CE2 1 
ATOM   725  C  CZ  . PHE A 1 99  ? -5.114  4.395   -1.958  1.00 14.02 ? 99  PHE A CZ  1 
ATOM   726  N  N   . LYS A 1 100 ? -9.745  8.112   -1.742  1.00 12.01 ? 100 LYS A N   1 
ATOM   727  C  CA  . LYS A 1 100 ? -10.210 8.168   -0.360  1.00 12.42 ? 100 LYS A CA  1 
ATOM   728  C  C   . LYS A 1 100 ? -10.482 6.759   0.127   1.00 13.00 ? 100 LYS A C   1 
ATOM   729  O  O   . LYS A 1 100 ? -10.921 5.895   -0.640  1.00 13.62 ? 100 LYS A O   1 
ATOM   730  C  CB  . LYS A 1 100 ? -11.478 9.020   -0.228  1.00 13.14 ? 100 LYS A CB  1 
ATOM   731  C  CG  . LYS A 1 100 ? -11.262 10.486  -0.581  1.00 15.61 ? 100 LYS A CG  1 
ATOM   732  C  CD  . LYS A 1 100 ? -12.449 11.347  -0.184  1.00 19.74 ? 100 LYS A CD  1 
ATOM   733  C  CE  . LYS A 1 100 ? -12.453 12.666  -0.952  1.00 22.68 ? 100 LYS A CE  1 
ATOM   734  N  NZ  . LYS A 1 100 ? -11.131 13.380  -0.926  1.00 25.49 ? 100 LYS A NZ  1 
ATOM   735  N  N   . ASP A 1 101 ? -10.188 6.506   1.392   1.00 12.91 ? 101 ASP A N   1 
ATOM   736  C  CA  . ASP A 1 101 ? -10.417 5.186   1.922   1.00 14.30 ? 101 ASP A CA  1 
ATOM   737  C  C   . ASP A 1 101 ? -10.930 5.282   3.341   1.00 14.13 ? 101 ASP A C   1 
ATOM   738  O  O   . ASP A 1 101 ? -10.457 6.096   4.118   1.00 13.87 ? 101 ASP A O   1 
ATOM   739  C  CB  . ASP A 1 101 ? -9.135  4.362   1.849   1.00 14.18 ? 101 ASP A CB  1 
ATOM   740  C  CG  . ASP A 1 101 ? -9.393  2.893   2.030   1.00 14.93 ? 101 ASP A CG  1 
ATOM   741  O  OD1 . ASP A 1 101 ? -9.690  2.212   1.026   1.00 15.97 ? 101 ASP A OD1 1 
ATOM   742  O  OD2 . ASP A 1 101 ? -9.337  2.426   3.182   1.00 13.83 ? 101 ASP A OD2 1 
ATOM   743  N  N   . SER A 1 102 ? -11.924 4.462   3.660   1.00 14.74 ? 102 SER A N   1 
ATOM   744  C  CA  . SER A 1 102 ? -12.524 4.461   4.993   1.00 16.22 ? 102 SER A CA  1 
ATOM   745  C  C   . SER A 1 102 ? -12.019 3.399   5.973   1.00 15.03 ? 102 SER A C   1 
ATOM   746  O  O   . SER A 1 102 ? -12.477 3.358   7.107   1.00 15.55 ? 102 SER A O   1 
ATOM   747  C  CB  . SER A 1 102 ? -14.050 4.400   4.881   1.00 17.66 ? 102 SER A CB  1 
ATOM   748  O  OG  . SER A 1 102 ? -14.557 5.627   4.386   1.00 21.11 ? 102 SER A OG  1 
ATOM   749  N  N   . LEU A 1 103 ? -11.157 2.485   5.522   1.00 15.58 ? 103 LEU A N   1 
ATOM   750  C  CA  . LEU A 1 103 ? -10.584 1.475   6.422   1.00 13.75 ? 103 LEU A CA  1 
ATOM   751  C  C   . LEU A 1 103 ? -9.207  1.930   6.911   1.00 13.47 ? 103 LEU A C   1 
ATOM   752  O  O   . LEU A 1 103 ? -8.830  1.676   8.058   1.00 13.64 ? 103 LEU A O   1 
ATOM   753  C  CB  . LEU A 1 103 ? -10.474 0.100   5.755   1.00 13.87 ? 103 LEU A CB  1 
ATOM   754  C  CG  . LEU A 1 103 ? -11.694 -0.826  5.819   1.00 16.85 ? 103 LEU A CG  1 
ATOM   755  C  CD1 . LEU A 1 103 ? -11.337 -2.170  5.207   1.00 17.16 ? 103 LEU A CD1 1 
ATOM   756  C  CD2 . LEU A 1 103 ? -12.154 -1.031  7.266   1.00 17.28 ? 103 LEU A CD2 1 
ATOM   757  N  N   . ILE A 1 104 ? -8.468  2.609   6.036   1.00 11.98 ? 104 ILE A N   1 
ATOM   758  C  CA  . ILE A 1 104 ? -7.143  3.121   6.361   1.00 12.28 ? 104 ILE A CA  1 
ATOM   759  C  C   . ILE A 1 104 ? -7.328  4.368   7.221   1.00 11.99 ? 104 ILE A C   1 
ATOM   760  O  O   . ILE A 1 104 ? -8.083  5.273   6.850   1.00 13.17 ? 104 ILE A O   1 
ATOM   761  C  CB  . ILE A 1 104 ? -6.344  3.431   5.073   1.00 12.59 ? 104 ILE A CB  1 
ATOM   762  C  CG1 . ILE A 1 104 ? -6.021  2.107   4.354   1.00 12.66 ? 104 ILE A CG1 1 
ATOM   763  C  CG2 . ILE A 1 104 ? -5.078  4.215   5.409   1.00 11.00 ? 104 ILE A CG2 1 
ATOM   764  C  CD1 . ILE A 1 104 ? -5.751  2.248   2.881   1.00 12.74 ? 104 ILE A CD1 1 
ATOM   765  N  N   . LYS A 1 105 ? -6.643  4.414   8.360   1.00 11.92 ? 105 LYS A N   1 
ATOM   766  C  CA  . LYS A 1 105 ? -6.772  5.526   9.289   1.00 11.89 ? 105 LYS A CA  1 
ATOM   767  C  C   . LYS A 1 105 ? -5.431  5.923   9.850   1.00 11.81 ? 105 LYS A C   1 
ATOM   768  O  O   . LYS A 1 105 ? -4.510  5.105   9.911   1.00 11.55 ? 105 LYS A O   1 
ATOM   769  C  CB  . LYS A 1 105 ? -7.696  5.110   10.454  1.00 12.23 ? 105 LYS A CB  1 
ATOM   770  C  CG  . LYS A 1 105 ? -9.080  4.668   9.993   1.00 12.26 ? 105 LYS A CG  1 
ATOM   771  C  CD  . LYS A 1 105 ? -10.006 4.329   11.130  1.00 13.76 ? 105 LYS A CD  1 
ATOM   772  C  CE  . LYS A 1 105 ? -11.373 3.903   10.583  1.00 13.85 ? 105 LYS A CE  1 
ATOM   773  N  NZ  . LYS A 1 105 ? -12.064 5.008   9.835   1.00 15.16 ? 105 LYS A NZ  1 
ATOM   774  N  N   . LEU A 1 106 ? -5.322  7.187   10.240  1.00 12.14 ? 106 LEU A N   1 
ATOM   775  C  CA  . LEU A 1 106 ? -4.108  7.724   10.857  1.00 12.58 ? 106 LEU A CA  1 
ATOM   776  C  C   . LEU A 1 106 ? -4.391  7.994   12.334  1.00 12.56 ? 106 LEU A C   1 
ATOM   777  O  O   . LEU A 1 106 ? -3.549  8.510   13.050  1.00 13.78 ? 106 LEU A O   1 
ATOM   778  C  CB  . LEU A 1 106 ? -3.717  9.055   10.201  1.00 12.62 ? 106 LEU A CB  1 
ATOM   779  C  CG  . LEU A 1 106 ? -3.517  9.068   8.687   1.00 13.58 ? 106 LEU A CG  1 
ATOM   780  C  CD1 . LEU A 1 106 ? -3.199  10.487  8.236   1.00 12.59 ? 106 LEU A CD1 1 
ATOM   781  C  CD2 . LEU A 1 106 ? -2.417  8.069   8.303   1.00 12.29 ? 106 LEU A CD2 1 
ATOM   782  N  N   . ILE A 1 107 ? -5.588  7.633   12.776  1.00 13.36 ? 107 ILE A N   1 
ATOM   783  C  CA  . ILE A 1 107 ? -6.046  7.895   14.142  1.00 13.69 ? 107 ILE A CA  1 
ATOM   784  C  C   . ILE A 1 107 ? -6.706  6.607   14.674  1.00 14.13 ? 107 ILE A C   1 
ATOM   785  O  O   . ILE A 1 107 ? -7.342  5.876   13.908  1.00 13.54 ? 107 ILE A O   1 
ATOM   786  C  CB  . ILE A 1 107 ? -7.130  9.067   14.109  1.00 13.67 ? 107 ILE A CB  1 
ATOM   787  C  CG1 . ILE A 1 107 ? -6.548  10.322  13.430  1.00 14.21 ? 107 ILE A CG1 1 
ATOM   788  C  CG2 . ILE A 1 107 ? -7.639  9.393   15.510  1.00 12.39 ? 107 ILE A CG2 1 
ATOM   789  C  CD1 . ILE A 1 107 ? -7.558  11.267  12.796  1.00 13.19 ? 107 ILE A CD1 1 
ATOM   790  N  N   . GLY A 1 108 ? -6.539  6.322   15.963  1.00 14.06 ? 108 GLY A N   1 
ATOM   791  C  CA  . GLY A 1 108 ? -7.178  5.150   16.537  1.00 13.72 ? 108 GLY A CA  1 
ATOM   792  C  C   . GLY A 1 108 ? -6.353  3.876   16.587  1.00 14.03 ? 108 GLY A C   1 
ATOM   793  O  O   . GLY A 1 108 ? -5.212  3.842   16.124  1.00 15.31 ? 108 GLY A O   1 
ATOM   794  N  N   . PRO A 1 109 ? -6.936  2.781   17.099  1.00 14.23 ? 109 PRO A N   1 
ATOM   795  C  CA  . PRO A 1 109 ? -6.278  1.474   17.229  1.00 13.27 ? 109 PRO A CA  1 
ATOM   796  C  C   . PRO A 1 109 ? -5.809  0.813   15.934  1.00 13.16 ? 109 PRO A C   1 
ATOM   797  O  O   . PRO A 1 109 ? -4.963  -0.080  15.977  1.00 12.96 ? 109 PRO A O   1 
ATOM   798  C  CB  . PRO A 1 109 ? -7.327  0.645   17.963  1.00 14.05 ? 109 PRO A CB  1 
ATOM   799  C  CG  . PRO A 1 109 ? -8.611  1.220   17.472  1.00 15.03 ? 109 PRO A CG  1 
ATOM   800  C  CD  . PRO A 1 109 ? -8.343  2.706   17.534  1.00 14.15 ? 109 PRO A CD  1 
ATOM   801  N  N   . THR A 1 110 ? -6.365  1.218   14.792  1.00 12.05 ? 110 THR A N   1 
ATOM   802  C  CA  . THR A 1 110 ? -5.929  0.660   13.511  1.00 12.48 ? 110 THR A CA  1 
ATOM   803  C  C   . THR A 1 110 ? -5.045  1.642   12.740  1.00 12.19 ? 110 THR A C   1 
ATOM   804  O  O   . THR A 1 110 ? -4.783  1.442   11.557  1.00 12.08 ? 110 THR A O   1 
ATOM   805  C  CB  . THR A 1 110 ? -7.115  0.231   12.588  1.00 11.39 ? 110 THR A CB  1 
ATOM   806  O  OG1 . THR A 1 110 ? -7.841  1.385   12.131  1.00 11.34 ? 110 THR A OG1 1 
ATOM   807  C  CG2 . THR A 1 110 ? -8.048  -0.726  13.331  1.00 10.73 ? 110 THR A CG2 1 
ATOM   808  N  N   . SER A 1 111 ? -4.563  2.686   13.410  1.00 11.79 ? 111 SER A N   1 
ATOM   809  C  CA  . SER A 1 111 ? -3.730  3.668   12.730  1.00 11.25 ? 111 SER A CA  1 
ATOM   810  C  C   . SER A 1 111 ? -2.592  3.004   11.974  1.00 10.92 ? 111 SER A C   1 
ATOM   811  O  O   . SER A 1 111 ? -2.009  2.030   12.446  1.00 10.38 ? 111 SER A O   1 
ATOM   812  C  CB  . SER A 1 111 ? -3.139  4.664   13.720  1.00 11.12 ? 111 SER A CB  1 
ATOM   813  O  OG  . SER A 1 111 ? -2.286  5.568   13.041  1.00 10.40 ? 111 SER A OG  1 
ATOM   814  N  N   . VAL A 1 112 ? -2.293  3.537   10.797  1.00 11.21 ? 112 VAL A N   1 
ATOM   815  C  CA  . VAL A 1 112 ? -1.203  3.015   10.000  1.00 11.56 ? 112 VAL A CA  1 
ATOM   816  C  C   . VAL A 1 112 ? 0.083   3.795   10.249  1.00 10.95 ? 112 VAL A C   1 
ATOM   817  O  O   . VAL A 1 112 ? 1.108   3.500   9.636   1.00 11.34 ? 112 VAL A O   1 
ATOM   818  C  CB  . VAL A 1 112 ? -1.528  2.964   8.483   1.00 11.10 ? 112 VAL A CB  1 
ATOM   819  C  CG1 . VAL A 1 112 ? -2.702  2.027   8.235   1.00 12.02 ? 112 VAL A CG1 1 
ATOM   820  C  CG2 . VAL A 1 112 ? -1.794  4.360   7.942   1.00 11.34 ? 112 VAL A CG2 1 
ATOM   821  N  N   . VAL A 1 113 ? 0.042   4.782   11.146  1.00 11.16 ? 113 VAL A N   1 
ATOM   822  C  CA  . VAL A 1 113 ? 1.253   5.537   11.453  1.00 12.19 ? 113 VAL A CA  1 
ATOM   823  C  C   . VAL A 1 113 ? 2.226   4.533   12.095  1.00 12.54 ? 113 VAL A C   1 
ATOM   824  O  O   . VAL A 1 113 ? 1.844   3.791   12.993  1.00 12.28 ? 113 VAL A O   1 
ATOM   825  C  CB  . VAL A 1 113 ? 0.977   6.699   12.432  1.00 12.76 ? 113 VAL A CB  1 
ATOM   826  C  CG1 . VAL A 1 113 ? 2.288   7.303   12.922  1.00 12.41 ? 113 VAL A CG1 1 
ATOM   827  C  CG2 . VAL A 1 113 ? 0.142   7.777   11.746  1.00 14.01 ? 113 VAL A CG2 1 
ATOM   828  N  N   . GLY A 1 114 ? 3.456   4.471   11.596  1.00 11.98 ? 114 GLY A N   1 
ATOM   829  C  CA  . GLY A 1 114 ? 4.424   3.539   12.144  1.00 10.20 ? 114 GLY A CA  1 
ATOM   830  C  C   . GLY A 1 114 ? 4.440   2.215   11.407  1.00 9.90  ? 114 GLY A C   1 
ATOM   831  O  O   . GLY A 1 114 ? 5.204   1.320   11.771  1.00 10.01 ? 114 GLY A O   1 
ATOM   832  N  N   . ARG A 1 115 ? 3.583   2.066   10.395  1.00 10.07 ? 115 ARG A N   1 
ATOM   833  C  CA  . ARG A 1 115 ? 3.564   0.835   9.596   1.00 10.18 ? 115 ARG A CA  1 
ATOM   834  C  C   . ARG A 1 115 ? 4.295   1.124   8.278   1.00 10.03 ? 115 ARG A C   1 
ATOM   835  O  O   . ARG A 1 115 ? 5.113   2.041   8.243   1.00 9.78  ? 115 ARG A O   1 
ATOM   836  C  CB  . ARG A 1 115 ? 2.137   0.317   9.415   1.00 10.46 ? 115 ARG A CB  1 
ATOM   837  C  CG  . ARG A 1 115 ? 1.428   0.189   10.781  1.00 11.50 ? 115 ARG A CG  1 
ATOM   838  C  CD  . ARG A 1 115 ? 0.164   -0.646  10.752  1.00 10.87 ? 115 ARG A CD  1 
ATOM   839  N  NE  . ARG A 1 115 ? -0.449  -0.678  12.080  1.00 10.72 ? 115 ARG A NE  1 
ATOM   840  C  CZ  . ARG A 1 115 ? -0.277  -1.653  12.972  1.00 11.62 ? 115 ARG A CZ  1 
ATOM   841  N  NH1 . ARG A 1 115 ? 0.490   -2.698  12.692  1.00 10.30 ? 115 ARG A NH1 1 
ATOM   842  N  NH2 . ARG A 1 115 ? -0.887  -1.583  14.154  1.00 11.35 ? 115 ARG A NH2 1 
ATOM   843  N  N   . SER A 1 116 ? 4.066   0.346   7.222   1.00 9.60  ? 116 SER A N   1 
ATOM   844  C  CA  . SER A 1 116 ? 4.792   0.576   5.973   1.00 10.36 ? 116 SER A CA  1 
ATOM   845  C  C   . SER A 1 116 ? 3.909   0.563   4.755   1.00 9.77  ? 116 SER A C   1 
ATOM   846  O  O   . SER A 1 116 ? 2.838   -0.059  4.760   1.00 10.37 ? 116 SER A O   1 
ATOM   847  C  CB  . SER A 1 116 ? 5.860   -0.515  5.747   1.00 10.24 ? 116 SER A CB  1 
ATOM   848  O  OG  . SER A 1 116 ? 6.945   -0.476  6.664   1.00 11.13 ? 116 SER A OG  1 
ATOM   849  N  N   . VAL A 1 117 ? 4.368   1.236   3.703   1.00 9.79  ? 117 VAL A N   1 
ATOM   850  C  CA  . VAL A 1 117 ? 3.662   1.209   2.421   1.00 10.80 ? 117 VAL A CA  1 
ATOM   851  C  C   . VAL A 1 117 ? 4.599   0.423   1.507   1.00 9.82  ? 117 VAL A C   1 
ATOM   852  O  O   . VAL A 1 117 ? 5.809   0.641   1.545   1.00 10.26 ? 117 VAL A O   1 
ATOM   853  C  CB  . VAL A 1 117 ? 3.488   2.605   1.788   1.00 12.16 ? 117 VAL A CB  1 
ATOM   854  C  CG1 . VAL A 1 117 ? 2.903   2.448   0.390   1.00 11.86 ? 117 VAL A CG1 1 
ATOM   855  C  CG2 . VAL A 1 117 ? 2.579   3.466   2.641   1.00 12.84 ? 117 VAL A CG2 1 
ATOM   856  N  N   . VAL A 1 118 ? 4.060   -0.508  0.725   1.00 10.61 ? 118 VAL A N   1 
ATOM   857  C  CA  . VAL A 1 118 ? 4.868   -1.288  -0.202  1.00 11.37 ? 118 VAL A CA  1 
ATOM   858  C  C   . VAL A 1 118 ? 4.267   -1.196  -1.611  1.00 11.21 ? 118 VAL A C   1 
ATOM   859  O  O   . VAL A 1 118 ? 3.034   -1.296  -1.768  1.00 11.16 ? 118 VAL A O   1 
ATOM   860  C  CB  . VAL A 1 118 ? 4.936   -2.784  0.214   1.00 10.96 ? 118 VAL A CB  1 
ATOM   861  C  CG1 . VAL A 1 118 ? 5.561   -3.620  -0.891  1.00 11.39 ? 118 VAL A CG1 1 
ATOM   862  C  CG2 . VAL A 1 118 ? 5.739   -2.949  1.499   1.00 10.01 ? 118 VAL A CG2 1 
ATOM   863  N  N   . ILE A 1 119 ? 5.128   -0.926  -2.601  1.00 10.76 ? 119 ILE A N   1 
ATOM   864  C  CA  . ILE A 1 119 ? 4.724   -0.885  -4.009  1.00 10.74 ? 119 ILE A CA  1 
ATOM   865  C  C   . ILE A 1 119 ? 5.348   -2.152  -4.591  1.00 10.44 ? 119 ILE A C   1 
ATOM   866  O  O   . ILE A 1 119 ? 6.537   -2.426  -4.373  1.00 10.52 ? 119 ILE A O   1 
ATOM   867  C  CB  . ILE A 1 119 ? 5.201   0.401   -4.775  1.00 10.46 ? 119 ILE A CB  1 
ATOM   868  C  CG1 . ILE A 1 119 ? 4.807   0.314   -6.252  1.00 10.53 ? 119 ILE A CG1 1 
ATOM   869  C  CG2 . ILE A 1 119 ? 6.713   0.621   -4.648  1.00 10.19 ? 119 ILE A CG2 1 
ATOM   870  C  CD1 . ILE A 1 119 ? 3.316   0.297   -6.509  1.00 11.43 ? 119 ILE A CD1 1 
ATOM   871  N  N   . HIS A 1 120 ? 4.526   -2.943  -5.275  1.00 10.69 ? 120 HIS A N   1 
ATOM   872  C  CA  . HIS A 1 120 ? 4.951   -4.210  -5.835  1.00 10.82 ? 120 HIS A CA  1 
ATOM   873  C  C   . HIS A 1 120 ? 5.398   -4.182  -7.285  1.00 10.99 ? 120 HIS A C   1 
ATOM   874  O  O   . HIS A 1 120 ? 5.097   -3.246  -8.017  1.00 10.54 ? 120 HIS A O   1 
ATOM   875  C  CB  . HIS A 1 120 ? 3.835   -5.244  -5.666  1.00 11.74 ? 120 HIS A CB  1 
ATOM   876  C  CG  . HIS A 1 120 ? 3.632   -5.666  -4.249  1.00 10.95 ? 120 HIS A CG  1 
ATOM   877  N  ND1 . HIS A 1 120 ? 4.256   -6.766  -3.704  1.00 10.74 ? 120 HIS A ND1 1 
ATOM   878  C  CD2 . HIS A 1 120 ? 2.919   -5.099  -3.246  1.00 10.75 ? 120 HIS A CD2 1 
ATOM   879  C  CE1 . HIS A 1 120 ? 3.947   -6.857  -2.424  1.00 11.14 ? 120 HIS A CE1 1 
ATOM   880  N  NE2 . HIS A 1 120 ? 3.138   -5.857  -2.118  1.00 10.66 ? 120 HIS A NE2 1 
ATOM   881  N  N   . ALA A 1 121 ? 6.122   -5.224  -7.683  1.00 10.81 ? 121 ALA A N   1 
ATOM   882  C  CA  . ALA A 1 121 ? 6.608   -5.342  -9.054  1.00 11.25 ? 121 ALA A CA  1 
ATOM   883  C  C   . ALA A 1 121 ? 5.581   -6.019  -9.972  1.00 11.79 ? 121 ALA A C   1 
ATOM   884  O  O   . ALA A 1 121 ? 5.744   -6.008  -11.196 1.00 11.48 ? 121 ALA A O   1 
ATOM   885  C  CB  . ALA A 1 121 ? 7.916   -6.104  -9.078  1.00 12.64 ? 121 ALA A CB  1 
ATOM   886  N  N   . GLY A 1 122 ? 4.534   -6.597  -9.383  1.00 11.27 ? 122 GLY A N   1 
ATOM   887  C  CA  . GLY A 1 122 ? 3.510   -7.263  -10.169 1.00 11.15 ? 122 GLY A CA  1 
ATOM   888  C  C   . GLY A 1 122 ? 2.117   -6.717  -9.923  1.00 11.48 ? 122 GLY A C   1 
ATOM   889  O  O   . GLY A 1 122 ? 1.911   -5.854  -9.064  1.00 11.74 ? 122 GLY A O   1 
ATOM   890  N  N   . GLN A 1 123 ? 1.160   -7.225  -10.695 1.00 11.96 ? 123 GLN A N   1 
ATOM   891  C  CA  . GLN A 1 123 ? -0.241  -6.836  -10.587 1.00 12.49 ? 123 GLN A CA  1 
ATOM   892  C  C   . GLN A 1 123 ? -0.929  -7.633  -9.478  1.00 13.06 ? 123 GLN A C   1 
ATOM   893  O  O   . GLN A 1 123 ? -0.705  -8.840  -9.311  1.00 12.74 ? 123 GLN A O   1 
ATOM   894  C  CB  . GLN A 1 123 ? -0.973  -7.076  -11.909 1.00 12.98 ? 123 GLN A CB  1 
ATOM   895  C  CG  . GLN A 1 123 ? -2.430  -6.581  -11.912 1.00 15.23 ? 123 GLN A CG  1 
ATOM   896  C  CD  . GLN A 1 123 ? -3.069  -6.576  -13.309 1.00 18.71 ? 123 GLN A CD  1 
ATOM   897  O  OE1 . GLN A 1 123 ? -2.372  -6.598  -14.334 1.00 21.09 ? 123 GLN A OE1 1 
ATOM   898  N  NE2 . GLN A 1 123 ? -4.395  -6.513  -13.351 1.00 18.37 ? 123 GLN A NE2 1 
ATOM   899  N  N   . ASP A 1 124 ? -1.786  -6.945  -8.737  1.00 12.47 ? 124 ASP A N   1 
ATOM   900  C  CA  . ASP A 1 124 ? -2.535  -7.534  -7.642  1.00 11.51 ? 124 ASP A CA  1 
ATOM   901  C  C   . ASP A 1 124 ? -3.788  -8.125  -8.284  1.00 10.83 ? 124 ASP A C   1 
ATOM   902  O  O   . ASP A 1 124 ? -4.509  -7.398  -8.955  1.00 11.90 ? 124 ASP A O   1 
ATOM   903  C  CB  . ASP A 1 124 ? -2.895  -6.399  -6.669  1.00 12.08 ? 124 ASP A CB  1 
ATOM   904  C  CG  . ASP A 1 124 ? -3.619  -6.874  -5.415  1.00 11.01 ? 124 ASP A CG  1 
ATOM   905  O  OD1 . ASP A 1 124 ? -4.280  -7.926  -5.433  1.00 10.47 ? 124 ASP A OD1 1 
ATOM   906  O  OD2 . ASP A 1 124 ? -3.559  -6.141  -4.403  1.00 11.57 ? 124 ASP A OD2 1 
ATOM   907  N  N   . ASP A 1 125 ? -4.036  -9.424  -8.090  1.00 11.72 ? 125 ASP A N   1 
ATOM   908  C  CA  . ASP A 1 125 ? -5.222  -10.076 -8.666  1.00 11.78 ? 125 ASP A CA  1 
ATOM   909  C  C   . ASP A 1 125 ? -6.518  -9.836  -7.865  1.00 12.76 ? 125 ASP A C   1 
ATOM   910  O  O   . ASP A 1 125 ? -7.566  -10.433 -8.132  1.00 11.87 ? 125 ASP A O   1 
ATOM   911  C  CB  . ASP A 1 125 ? -4.984  -11.576 -8.938  1.00 12.20 ? 125 ASP A CB  1 
ATOM   912  C  CG  . ASP A 1 125 ? -4.898  -12.429 -7.673  1.00 13.16 ? 125 ASP A CG  1 
ATOM   913  O  OD1 . ASP A 1 125 ? -5.290  -12.005 -6.577  1.00 13.77 ? 125 ASP A OD1 1 
ATOM   914  O  OD2 . ASP A 1 125 ? -4.446  -13.575 -7.785  1.00 13.50 ? 125 ASP A OD2 1 
ATOM   915  N  N   . LEU A 1 126 ? -6.393  -9.008  -6.835  1.00 12.42 ? 126 LEU A N   1 
ATOM   916  C  CA  . LEU A 1 126 ? -7.497  -8.598  -5.992  1.00 11.75 ? 126 LEU A CA  1 
ATOM   917  C  C   . LEU A 1 126 ? -8.207  -9.719  -5.236  1.00 12.54 ? 126 LEU A C   1 
ATOM   918  O  O   . LEU A 1 126 ? -9.359  -9.561  -4.815  1.00 11.97 ? 126 LEU A O   1 
ATOM   919  C  CB  . LEU A 1 126 ? -8.477  -7.754  -6.814  1.00 12.07 ? 126 LEU A CB  1 
ATOM   920  C  CG  . LEU A 1 126 ? -7.811  -6.625  -7.620  1.00 13.41 ? 126 LEU A CG  1 
ATOM   921  C  CD1 . LEU A 1 126 ? -8.851  -5.868  -8.416  1.00 14.19 ? 126 LEU A CD1 1 
ATOM   922  C  CD2 . LEU A 1 126 ? -7.049  -5.646  -6.707  1.00 12.31 ? 126 LEU A CD2 1 
ATOM   923  N  N   . GLY A 1 127 ? -7.479  -10.804 -4.992  1.00 11.32 ? 127 GLY A N   1 
ATOM   924  C  CA  . GLY A 1 127 ? -8.031  -11.929 -4.264  1.00 12.28 ? 127 GLY A CA  1 
ATOM   925  C  C   . GLY A 1 127 ? -8.951  -12.758 -5.123  1.00 14.30 ? 127 GLY A C   1 
ATOM   926  O  O   . GLY A 1 127 ? -9.648  -13.629 -4.615  1.00 14.56 ? 127 GLY A O   1 
ATOM   927  N  N   . LYS A 1 128 ? -8.925  -12.524 -6.431  1.00 14.28 ? 128 LYS A N   1 
ATOM   928  C  CA  . LYS A 1 128 ? -9.784  -13.257 -7.354  1.00 15.56 ? 128 LYS A CA  1 
ATOM   929  C  C   . LYS A 1 128 ? -9.072  -14.374 -8.132  1.00 16.30 ? 128 LYS A C   1 
ATOM   930  O  O   . LYS A 1 128 ? -9.632  -14.942 -9.074  1.00 17.31 ? 128 LYS A O   1 
ATOM   931  C  CB  . LYS A 1 128 ? -10.484 -12.265 -8.290  1.00 16.76 ? 128 LYS A CB  1 
ATOM   932  C  CG  . LYS A 1 128 ? -11.524 -11.388 -7.564  1.00 19.06 ? 128 LYS A CG  1 
ATOM   933  C  CD  . LYS A 1 128 ? -11.409 -9.882  -7.923  1.00 22.31 ? 128 LYS A CD  1 
ATOM   934  C  CE  . LYS A 1 128 ? -12.331 -8.934  -7.051  1.00 21.71 ? 128 LYS A CE  1 
ATOM   935  N  NZ  . LYS A 1 128 ? -12.006 -8.863  -5.548  1.00 16.65 ? 128 LYS A NZ  1 
ATOM   936  N  N   . GLY A 1 129 ? -7.864  -14.723 -7.700  1.00 16.76 ? 129 GLY A N   1 
ATOM   937  C  CA  . GLY A 1 129 ? -7.114  -15.775 -8.359  1.00 18.46 ? 129 GLY A CA  1 
ATOM   938  C  C   . GLY A 1 129 ? -7.556  -17.160 -7.912  1.00 20.72 ? 129 GLY A C   1 
ATOM   939  O  O   . GLY A 1 129 ? -8.292  -17.323 -6.942  1.00 20.69 ? 129 GLY A O   1 
ATOM   940  N  N   . ASP A 1 130 ? -7.055  -18.183 -8.581  1.00 22.85 ? 130 ASP A N   1 
ATOM   941  C  CA  . ASP A 1 130 ? -7.435  -19.554 -8.238  1.00 24.18 ? 130 ASP A CA  1 
ATOM   942  C  C   . ASP A 1 130 ? -6.644  -20.112 -7.051  1.00 24.73 ? 130 ASP A C   1 
ATOM   943  O  O   . ASP A 1 130 ? -6.710  -21.309 -6.759  1.00 25.99 ? 130 ASP A O   1 
ATOM   944  C  CB  . ASP A 1 130 ? -7.232  -20.461 -9.464  1.00 26.62 ? 130 ASP A CB  1 
ATOM   945  C  CG  . ASP A 1 130 ? -8.082  -21.725 -9.402  1.00 30.46 ? 130 ASP A CG  1 
ATOM   946  O  OD1 . ASP A 1 130 ? -7.690  -22.690 -8.686  1.00 32.39 ? 130 ASP A OD1 1 
ATOM   947  O  OD2 . ASP A 1 130 ? -9.149  -21.749 -10.073 1.00 32.94 ? 130 ASP A OD2 1 
ATOM   948  N  N   . THR A 1 131 ? -5.975  -19.240 -6.304  1.00 24.94 ? 131 THR A N   1 
ATOM   949  C  CA  . THR A 1 131 ? -5.146  -19.712 -5.212  1.00 24.03 ? 131 THR A CA  1 
ATOM   950  C  C   . THR A 1 131 ? -5.360  -19.193 -3.806  1.00 23.33 ? 131 THR A C   1 
ATOM   951  O  O   . THR A 1 131 ? -5.939  -18.129 -3.573  1.00 24.38 ? 131 THR A O   1 
ATOM   952  C  CB  . THR A 1 131 ? -3.665  -19.482 -5.542  1.00 25.38 ? 131 THR A CB  1 
ATOM   953  O  OG1 . THR A 1 131 ? -3.508  -18.198 -6.194  1.00 27.03 ? 131 THR A OG1 1 
ATOM   954  C  CG2 . THR A 1 131 ? -3.151  -20.614 -6.431  1.00 23.52 ? 131 THR A CG2 1 
ATOM   955  N  N   . GLU A 1 132 ? -4.794  -19.953 -2.875  1.00 21.45 ? 132 GLU A N   1 
ATOM   956  C  CA  . GLU A 1 132 ? -4.811  -19.643 -1.461  1.00 19.82 ? 132 GLU A CA  1 
ATOM   957  C  C   . GLU A 1 132 ? -3.932  -18.390 -1.355  1.00 18.60 ? 132 GLU A C   1 
ATOM   958  O  O   . GLU A 1 132 ? -4.176  -17.494 -0.543  1.00 19.11 ? 132 GLU A O   1 
ATOM   959  C  CB  . GLU A 1 132 ? -4.183  -20.814 -0.692  1.00 20.54 ? 132 GLU A CB  1 
ATOM   960  C  CG  . GLU A 1 132 ? -4.852  -22.220 -0.927  1.00 24.21 ? 132 GLU A CG  1 
ATOM   961  C  CD  . GLU A 1 132 ? -4.526  -22.918 -2.286  1.00 27.39 ? 132 GLU A CD  1 
ATOM   962  O  OE1 . GLU A 1 132 ? -3.330  -22.994 -2.664  1.00 31.07 ? 132 GLU A OE1 1 
ATOM   963  O  OE2 . GLU A 1 132 ? -5.461  -23.436 -2.960  1.00 28.20 ? 132 GLU A OE2 1 
ATOM   964  N  N   . GLU A 1 133 ? -2.923  -18.326 -2.220  1.00 17.32 ? 133 GLU A N   1 
ATOM   965  C  CA  . GLU A 1 133 ? -1.998  -17.195 -2.271  1.00 15.75 ? 133 GLU A CA  1 
ATOM   966  C  C   . GLU A 1 133 ? -2.722  -15.915 -2.714  1.00 14.08 ? 133 GLU A C   1 
ATOM   967  O  O   . GLU A 1 133 ? -2.388  -14.816 -2.261  1.00 13.32 ? 133 GLU A O   1 
ATOM   968  C  CB  . GLU A 1 133 ? -0.852  -17.515 -3.232  1.00 16.51 ? 133 GLU A CB  1 
ATOM   969  C  CG  . GLU A 1 133 ? 0.267   -16.481 -3.260  1.00 18.61 ? 133 GLU A CG  1 
ATOM   970  C  CD  . GLU A 1 133 ? 0.962   -16.328 -1.924  1.00 21.06 ? 133 GLU A CD  1 
ATOM   971  O  OE1 . GLU A 1 133 ? 1.046   -17.312 -1.152  1.00 22.76 ? 133 GLU A OE1 1 
ATOM   972  O  OE2 . GLU A 1 133 ? 1.421   -15.206 -1.646  1.00 22.22 ? 133 GLU A OE2 1 
ATOM   973  N  N   . SER A 1 134 ? -3.720  -16.060 -3.585  1.00 12.68 ? 134 SER A N   1 
ATOM   974  C  CA  . SER A 1 134 ? -4.478  -14.912 -4.044  1.00 11.59 ? 134 SER A CA  1 
ATOM   975  C  C   . SER A 1 134 ? -5.150  -14.241 -2.858  1.00 11.22 ? 134 SER A C   1 
ATOM   976  O  O   . SER A 1 134 ? -5.224  -13.013 -2.777  1.00 11.39 ? 134 SER A O   1 
ATOM   977  C  CB  . SER A 1 134 ? -5.543  -15.342 -5.041  1.00 10.73 ? 134 SER A CB  1 
ATOM   978  O  OG  . SER A 1 134 ? -6.319  -14.229 -5.451  1.00 11.02 ? 134 SER A OG  1 
ATOM   979  N  N   . LEU A 1 135 ? -5.638  -15.065 -1.936  1.00 11.88 ? 135 LEU A N   1 
ATOM   980  C  CA  . LEU A 1 135 ? -6.323  -14.585 -0.744  1.00 11.76 ? 135 LEU A CA  1 
ATOM   981  C  C   . LEU A 1 135 ? -5.387  -14.052 0.332   1.00 12.35 ? 135 LEU A C   1 
ATOM   982  O  O   . LEU A 1 135 ? -5.846  -13.564 1.368   1.00 12.30 ? 135 LEU A O   1 
ATOM   983  C  CB  . LEU A 1 135 ? -7.209  -15.687 -0.170  1.00 12.40 ? 135 LEU A CB  1 
ATOM   984  C  CG  . LEU A 1 135 ? -8.312  -16.197 -1.100  1.00 12.83 ? 135 LEU A CG  1 
ATOM   985  C  CD1 . LEU A 1 135 ? -9.060  -17.333 -0.407  1.00 14.18 ? 135 LEU A CD1 1 
ATOM   986  C  CD2 . LEU A 1 135 ? -9.263  -15.081 -1.470  1.00 12.46 ? 135 LEU A CD2 1 
ATOM   987  N  N   . LYS A 1 136 ? -4.085  -14.109 0.078   1.00 11.53 ? 136 LYS A N   1 
ATOM   988  C  CA  . LYS A 1 136 ? -3.103  -13.602 1.036   1.00 11.91 ? 136 LYS A CA  1 
ATOM   989  C  C   . LYS A 1 136 ? -2.386  -12.337 0.569   1.00 11.94 ? 136 LYS A C   1 
ATOM   990  O  O   . LYS A 1 136 ? -2.326  -11.336 1.292   1.00 12.84 ? 136 LYS A O   1 
ATOM   991  C  CB  . LYS A 1 136 ? -2.023  -14.644 1.328   1.00 13.74 ? 136 LYS A CB  1 
ATOM   992  C  CG  . LYS A 1 136 ? -2.511  -15.930 1.934   1.00 17.20 ? 136 LYS A CG  1 
ATOM   993  C  CD  . LYS A 1 136 ? -1.302  -16.753 2.328   1.00 19.90 ? 136 LYS A CD  1 
ATOM   994  C  CE  . LYS A 1 136 ? -1.666  -18.175 2.709   1.00 22.63 ? 136 LYS A CE  1 
ATOM   995  N  NZ  . LYS A 1 136 ? -0.482  -18.842 3.369   1.00 24.77 ? 136 LYS A NZ  1 
ATOM   996  N  N   . THR A 1 137 ? -1.832  -12.399 -0.641  1.00 12.26 ? 137 THR A N   1 
ATOM   997  C  CA  . THR A 1 137 ? -1.051  -11.309 -1.205  1.00 11.66 ? 137 THR A CA  1 
ATOM   998  C  C   . THR A 1 137 ? -1.593  -10.790 -2.528  1.00 12.29 ? 137 THR A C   1 
ATOM   999  O  O   . THR A 1 137 ? -1.100  -9.793  -3.035  1.00 12.40 ? 137 THR A O   1 
ATOM   1000 C  CB  . THR A 1 137 ? 0.382   -11.787 -1.496  1.00 12.05 ? 137 THR A CB  1 
ATOM   1001 O  OG1 . THR A 1 137 ? 0.333   -12.812 -2.499  1.00 13.12 ? 137 THR A OG1 1 
ATOM   1002 C  CG2 . THR A 1 137 ? 1.028   -12.361 -0.267  1.00 11.73 ? 137 THR A CG2 1 
ATOM   1003 N  N   . GLY A 1 138 ? -2.593  -11.466 -3.099  1.00 11.36 ? 138 GLY A N   1 
ATOM   1004 C  CA  . GLY A 1 138 ? -3.114  -11.050 -4.386  1.00 11.97 ? 138 GLY A CA  1 
ATOM   1005 C  C   . GLY A 1 138 ? -2.118  -11.385 -5.489  1.00 12.34 ? 138 GLY A C   1 
ATOM   1006 O  O   . GLY A 1 138 ? -2.253  -10.899 -6.607  1.00 12.61 ? 138 GLY A O   1 
ATOM   1007 N  N   . ASN A 1 139 ? -1.108  -12.199 -5.173  1.00 12.61 ? 139 ASN A N   1 
ATOM   1008 C  CA  . ASN A 1 139 ? -0.085  -12.597 -6.134  1.00 12.89 ? 139 ASN A CA  1 
ATOM   1009 C  C   . ASN A 1 139 ? 0.624   -11.379 -6.743  1.00 13.17 ? 139 ASN A C   1 
ATOM   1010 O  O   . ASN A 1 139 ? 1.065   -11.412 -7.906  1.00 12.85 ? 139 ASN A O   1 
ATOM   1011 C  CB  . ASN A 1 139 ? -0.713  -13.449 -7.244  1.00 14.23 ? 139 ASN A CB  1 
ATOM   1012 C  CG  . ASN A 1 139 ? -1.051  -14.861 -6.782  1.00 15.59 ? 139 ASN A CG  1 
ATOM   1013 O  OD1 . ASN A 1 139 ? -0.159  -15.640 -6.431  1.00 16.28 ? 139 ASN A OD1 1 
ATOM   1014 N  ND2 . ASN A 1 139 ? -2.339  -15.205 -6.791  1.00 15.84 ? 139 ASN A ND2 1 
ATOM   1015 N  N   . ALA A 1 140 ? 0.793   -10.335 -5.935  1.00 13.30 ? 140 ALA A N   1 
ATOM   1016 C  CA  . ALA A 1 140 ? 1.417   -9.105  -6.395  1.00 13.23 ? 140 ALA A CA  1 
ATOM   1017 C  C   . ALA A 1 140 ? 2.926   -9.198  -6.593  1.00 11.96 ? 140 ALA A C   1 
ATOM   1018 O  O   . ALA A 1 140 ? 3.539   -8.290  -7.161  1.00 11.39 ? 140 ALA A O   1 
ATOM   1019 C  CB  . ALA A 1 140 ? 1.048   -7.945  -5.492  1.00 12.85 ? 140 ALA A CB  1 
ATOM   1020 N  N   . GLY A 1 141 ? 3.521   -10.286 -6.120  1.00 11.79 ? 141 GLY A N   1 
ATOM   1021 C  CA  . GLY A 1 141 ? 4.945   -10.484 -6.316  1.00 13.13 ? 141 GLY A CA  1 
ATOM   1022 C  C   . GLY A 1 141 ? 5.913   -9.677  -5.469  1.00 13.06 ? 141 GLY A C   1 
ATOM   1023 O  O   . GLY A 1 141 ? 5.572   -9.230  -4.372  1.00 13.22 ? 141 GLY A O   1 
ATOM   1024 N  N   . PRO A 1 142 ? 7.139   -9.452  -5.976  1.00 13.06 ? 142 PRO A N   1 
ATOM   1025 C  CA  . PRO A 1 142 ? 8.219   -8.707  -5.311  1.00 10.60 ? 142 PRO A CA  1 
ATOM   1026 C  C   . PRO A 1 142 ? 7.857   -7.306  -4.813  1.00 10.77 ? 142 PRO A C   1 
ATOM   1027 O  O   . PRO A 1 142 ? 6.893   -6.694  -5.271  1.00 11.15 ? 142 PRO A O   1 
ATOM   1028 C  CB  . PRO A 1 142 ? 9.317   -8.661  -6.374  1.00 12.19 ? 142 PRO A CB  1 
ATOM   1029 C  CG  . PRO A 1 142 ? 9.068   -9.919  -7.183  1.00 13.27 ? 142 PRO A CG  1 
ATOM   1030 C  CD  . PRO A 1 142 ? 7.559   -9.912  -7.309  1.00 12.32 ? 142 PRO A CD  1 
ATOM   1031 N  N   . ARG A 1 143 ? 8.683   -6.805  -3.894  1.00 11.02 ? 143 ARG A N   1 
ATOM   1032 C  CA  . ARG A 1 143 ? 8.508   -5.504  -3.267  1.00 10.30 ? 143 ARG A CA  1 
ATOM   1033 C  C   . ARG A 1 143 ? 9.719   -4.644  -3.609  1.00 10.72 ? 143 ARG A C   1 
ATOM   1034 O  O   . ARG A 1 143 ? 10.636  -4.506  -2.792  1.00 11.03 ? 143 ARG A O   1 
ATOM   1035 C  CB  . ARG A 1 143 ? 8.453   -5.662  -1.742  1.00 11.53 ? 143 ARG A CB  1 
ATOM   1036 C  CG  . ARG A 1 143 ? 7.498   -6.734  -1.236  1.00 11.66 ? 143 ARG A CG  1 
ATOM   1037 C  CD  . ARG A 1 143 ? 7.606   -6.908  0.273   1.00 11.43 ? 143 ARG A CD  1 
ATOM   1038 N  NE  . ARG A 1 143 ? 6.627   -7.883  0.741   1.00 11.33 ? 143 ARG A NE  1 
ATOM   1039 C  CZ  . ARG A 1 143 ? 6.328   -8.102  2.014   1.00 11.52 ? 143 ARG A CZ  1 
ATOM   1040 N  NH1 . ARG A 1 143 ? 6.940   -7.421  2.984   1.00 10.86 ? 143 ARG A NH1 1 
ATOM   1041 N  NH2 . ARG A 1 143 ? 5.379   -8.985  2.311   1.00 10.98 ? 143 ARG A NH2 1 
ATOM   1042 N  N   . PRO A 1 144 ? 9.730   -4.033  -4.808  1.00 13.09 ? 144 PRO A N   1 
ATOM   1043 C  CA  . PRO A 1 144 ? 10.857  -3.187  -5.220  1.00 11.31 ? 144 PRO A CA  1 
ATOM   1044 C  C   . PRO A 1 144 ? 11.120  -1.966  -4.341  1.00 12.34 ? 144 PRO A C   1 
ATOM   1045 O  O   . PRO A 1 144 ? 12.261  -1.537  -4.225  1.00 11.59 ? 144 PRO A O   1 
ATOM   1046 C  CB  . PRO A 1 144 ? 10.504  -2.813  -6.664  1.00 11.22 ? 144 PRO A CB  1 
ATOM   1047 C  CG  . PRO A 1 144 ? 9.020   -2.909  -6.707  1.00 11.69 ? 144 PRO A CG  1 
ATOM   1048 C  CD  . PRO A 1 144 ? 8.743   -4.144  -5.898  1.00 11.94 ? 144 PRO A CD  1 
ATOM   1049 N  N   . ALA A 1 145 ? 10.088  -1.412  -3.719  1.00 11.27 ? 145 ALA A N   1 
ATOM   1050 C  CA  . ALA A 1 145 ? 10.279  -0.256  -2.856  1.00 10.68 ? 145 ALA A CA  1 
ATOM   1051 C  C   . ALA A 1 145 ? 9.263   -0.227  -1.722  1.00 10.83 ? 145 ALA A C   1 
ATOM   1052 O  O   . ALA A 1 145 ? 8.164   -0.781  -1.834  1.00 10.88 ? 145 ALA A O   1 
ATOM   1053 C  CB  . ALA A 1 145 ? 10.219  1.033   -3.663  1.00 10.93 ? 145 ALA A CB  1 
ATOM   1054 N  N   . CYS A 1 146 ? 9.640   0.437   -0.635  1.00 9.70  ? 146 CYS A N   1 
ATOM   1055 C  CA  . CYS A 1 146 ? 8.791   0.549   0.536   1.00 10.06 ? 146 CYS A CA  1 
ATOM   1056 C  C   . CYS A 1 146 ? 9.280   1.690   1.419   1.00 10.09 ? 146 CYS A C   1 
ATOM   1057 O  O   . CYS A 1 146 ? 10.391  2.186   1.246   1.00 9.54  ? 146 CYS A O   1 
ATOM   1058 C  CB  . CYS A 1 146 ? 8.818   -0.774  1.331   1.00 11.91 ? 146 CYS A CB  1 
ATOM   1059 S  SG  . CYS A 1 146 ? 10.494  -1.341  1.804   1.00 13.16 ? 146 CYS A SG  1 
ATOM   1060 N  N   . GLY A 1 147 ? 8.424   2.116   2.341   1.00 9.61  ? 147 GLY A N   1 
ATOM   1061 C  CA  . GLY A 1 147 ? 8.772   3.179   3.262   1.00 10.56 ? 147 GLY A CA  1 
ATOM   1062 C  C   . GLY A 1 147 ? 7.903   3.132   4.508   1.00 10.47 ? 147 GLY A C   1 
ATOM   1063 O  O   . GLY A 1 147 ? 6.741   2.711   4.456   1.00 10.98 ? 147 GLY A O   1 
ATOM   1064 N  N   . VAL A 1 148 ? 8.490   3.488   5.642   1.00 10.60 ? 148 VAL A N   1 
ATOM   1065 C  CA  . VAL A 1 148 ? 7.765   3.525   6.910   1.00 10.77 ? 148 VAL A CA  1 
ATOM   1066 C  C   . VAL A 1 148 ? 6.889   4.791   6.912   1.00 11.00 ? 148 VAL A C   1 
ATOM   1067 O  O   . VAL A 1 148 ? 7.330   5.865   6.482   1.00 11.57 ? 148 VAL A O   1 
ATOM   1068 C  CB  . VAL A 1 148 ? 8.765   3.562   8.124   1.00 11.82 ? 148 VAL A CB  1 
ATOM   1069 C  CG1 . VAL A 1 148 ? 8.009   3.662   9.448   1.00 10.89 ? 148 VAL A CG1 1 
ATOM   1070 C  CG2 . VAL A 1 148 ? 9.650   2.310   8.123   1.00 11.80 ? 148 VAL A CG2 1 
ATOM   1071 N  N   . ILE A 1 149 ? 5.653   4.661   7.384   1.00 10.57 ? 149 ILE A N   1 
ATOM   1072 C  CA  . ILE A 1 149 ? 4.715   5.782   7.460   1.00 10.57 ? 149 ILE A CA  1 
ATOM   1073 C  C   . ILE A 1 149 ? 4.976   6.620   8.727   1.00 11.32 ? 149 ILE A C   1 
ATOM   1074 O  O   . ILE A 1 149 ? 4.811   6.141   9.855   1.00 11.53 ? 149 ILE A O   1 
ATOM   1075 C  CB  . ILE A 1 149 ? 3.256   5.277   7.478   1.00 12.02 ? 149 ILE A CB  1 
ATOM   1076 C  CG1 . ILE A 1 149 ? 2.999   4.366   6.264   1.00 11.63 ? 149 ILE A CG1 1 
ATOM   1077 C  CG2 . ILE A 1 149 ? 2.285   6.460   7.496   1.00 10.26 ? 149 ILE A CG2 1 
ATOM   1078 C  CD1 . ILE A 1 149 ? 1.673   3.613   6.308   1.00 11.24 ? 149 ILE A CD1 1 
ATOM   1079 N  N   . GLY A 1 150 ? 5.363   7.874   8.526   1.00 11.13 ? 150 GLY A N   1 
ATOM   1080 C  CA  . GLY A 1 150 ? 5.643   8.751   9.640   1.00 11.34 ? 150 GLY A CA  1 
ATOM   1081 C  C   . GLY A 1 150 ? 4.666   9.903   9.722   1.00 11.49 ? 150 GLY A C   1 
ATOM   1082 O  O   . GLY A 1 150 ? 4.015   10.292  8.752   1.00 11.36 ? 150 GLY A O   1 
ATOM   1083 N  N   . LEU A 1 151 ? 4.546   10.434  10.926  1.00 12.17 ? 151 LEU A N   1 
ATOM   1084 C  CA  . LEU A 1 151 ? 3.665   11.554  11.208  1.00 13.64 ? 151 LEU A CA  1 
ATOM   1085 C  C   . LEU A 1 151 ? 4.355   12.842  10.720  1.00 14.31 ? 151 LEU A C   1 
ATOM   1086 O  O   . LEU A 1 151 ? 5.576   12.996  10.830  1.00 14.23 ? 151 LEU A O   1 
ATOM   1087 C  CB  . LEU A 1 151 ? 3.392   11.578  12.733  1.00 16.20 ? 151 LEU A CB  1 
ATOM   1088 C  CG  . LEU A 1 151 ? 2.263   12.307  13.472  1.00 19.11 ? 151 LEU A CG  1 
ATOM   1089 C  CD1 . LEU A 1 151 ? 2.727   13.691  13.901  1.00 20.74 ? 151 LEU A CD1 1 
ATOM   1090 C  CD2 . LEU A 1 151 ? 0.964   12.348  12.643  1.00 17.46 ? 151 LEU A CD2 1 
ATOM   1091 N  N   . THR A 1 152 ? 3.590   13.725  10.098  1.00 14.17 ? 152 THR A N   1 
ATOM   1092 C  CA  . THR A 1 152 ? 4.147   14.981  9.641   1.00 14.88 ? 152 THR A CA  1 
ATOM   1093 C  C   . THR A 1 152 ? 3.099   16.059  9.880   1.00 16.86 ? 152 THR A C   1 
ATOM   1094 O  O   . THR A 1 152 ? 2.199   15.876  10.697  1.00 17.13 ? 152 THR A O   1 
ATOM   1095 C  CB  . THR A 1 152 ? 4.583   14.905  8.151   1.00 14.08 ? 152 THR A CB  1 
ATOM   1096 O  OG1 . THR A 1 152 ? 5.343   16.078  7.824   1.00 16.77 ? 152 THR A OG1 1 
ATOM   1097 C  CG2 . THR A 1 152 ? 3.383   14.771  7.202   1.00 14.04 ? 152 THR A CG2 1 
ATOM   1098 N  N   . ASN A 1 153 ? 3.260   17.208  9.246   1.00 18.69 ? 153 ASN A N   1 
ATOM   1099 C  CA  . ASN A 1 153 ? 2.288   18.290  9.374   1.00 20.72 ? 153 ASN A CA  1 
ATOM   1100 C  C   . ASN A 1 153 ? 2.256   19.074  8.065   1.00 23.16 ? 153 ASN A C   1 
ATOM   1101 O  O   . ASN A 1 153 ? 1.897   20.275  8.091   1.00 26.66 ? 153 ASN A O   1 
ATOM   1102 C  CB  . ASN A 1 153 ? 2.613   19.198  10.573  1.00 20.14 ? 153 ASN A CB  1 
ATOM   1103 C  CG  . ASN A 1 153 ? 3.899   20.005  10.392  1.00 21.56 ? 153 ASN A CG  1 
ATOM   1104 O  OD1 . ASN A 1 153 ? 4.226   20.848  11.250  1.00 26.45 ? 153 ASN A OD1 1 
ATOM   1105 N  ND2 . ASN A 1 153 ? 4.643   19.758  9.309   1.00 21.16 ? 153 ASN A ND2 1 
ATOM   1106 O  OXT . ASN A 1 153 ? 2.639   18.481  7.023   1.00 26.92 ? 153 ASN A OXT 1 
HETATM 1107 CU CU  . CU  B 2 .   ? 1.931   -5.334  -0.466  1.00 18.85 ? 154 CU  A CU  1 
HETATM 1108 ZN ZN  . ZN  C 3 .   ? -4.025  -7.720  1.162   1.00 16.43 ? 155 ZN  A ZN  1 
HETATM 1109 O  O   . HOH D 4 .   ? 5.112   10.630  -17.205 1.00 17.35 ? 201 HOH A O   1 
HETATM 1110 O  O   . HOH D 4 .   ? -3.769  4.556   -10.374 1.00 24.11 ? 202 HOH A O   1 
HETATM 1111 O  O   . HOH D 4 .   ? -3.663  -10.694 11.014  1.00 24.86 ? 203 HOH A O   1 
HETATM 1112 O  O   . HOH D 4 .   ? -2.034  -7.147  10.516  1.00 18.16 ? 204 HOH A O   1 
HETATM 1113 O  O   . HOH D 4 .   ? -1.614  -11.053 -10.549 1.00 23.09 ? 205 HOH A O   1 
HETATM 1114 O  O   . HOH D 4 .   ? 3.460   -10.071 -2.690  1.00 13.33 ? 206 HOH A O   1 
HETATM 1115 O  O   . HOH D 4 .   ? 6.772   -9.363  -11.190 1.00 22.71 ? 207 HOH A O   1 
HETATM 1116 O  O   . HOH D 4 .   ? -12.345 -13.456 5.428   1.00 12.16 ? 208 HOH A O   1 
HETATM 1117 O  O   . HOH D 4 .   ? 2.544   -15.283 -6.221  1.00 22.66 ? 209 HOH A O   1 
HETATM 1118 O  O   . HOH D 4 .   ? 11.105  -8.009  -0.533  1.00 22.10 ? 210 HOH A O   1 
HETATM 1119 O  O   . HOH D 4 .   ? -6.114  -7.387  -11.257 1.00 20.80 ? 211 HOH A O   1 
HETATM 1120 O  O   . HOH D 4 .   ? 3.061   -12.977 -4.981  1.00 19.57 ? 212 HOH A O   1 
HETATM 1121 O  O   . HOH D 4 .   ? -1.971  1.150   15.113  1.00 22.04 ? 213 HOH A O   1 
HETATM 1122 O  O   . HOH D 4 .   ? -1.068  -3.778  16.244  1.00 16.07 ? 214 HOH A O   1 
HETATM 1123 O  O   . HOH D 4 .   ? -4.900  -2.557  14.701  1.00 12.95 ? 215 HOH A O   1 
HETATM 1124 O  O   . HOH D 4 .   ? -13.889 1.855   8.874   1.00 26.55 ? 216 HOH A O   1 
HETATM 1125 O  O   . HOH D 4 .   ? 7.680   12.089  -21.894 1.00 19.82 ? 217 HOH A O   1 
HETATM 1126 O  O   . HOH D 4 .   ? -11.870 8.016   -4.090  1.00 23.01 ? 218 HOH A O   1 
HETATM 1127 O  O   . HOH D 4 .   ? -5.827  1.907   -6.307  1.00 24.64 ? 219 HOH A O   1 
HETATM 1128 O  O   . HOH D 4 .   ? -9.723  0.559   10.341  1.00 12.78 ? 220 HOH A O   1 
HETATM 1129 O  O   . HOH D 4 .   ? -7.316  -1.730  -7.870  1.00 18.62 ? 221 HOH A O   1 
HETATM 1130 O  O   . HOH D 4 .   ? 6.986   -2.291  -11.919 1.00 13.36 ? 222 HOH A O   1 
HETATM 1131 O  O   . HOH D 4 .   ? -6.192  1.876   9.258   1.00 6.57  ? 223 HOH A O   1 
HETATM 1132 O  O   . HOH D 4 .   ? -8.265  3.353   14.000  1.00 11.75 ? 224 HOH A O   1 
HETATM 1133 O  O   . HOH D 4 .   ? -11.206 -11.715 -0.508  1.00 18.83 ? 225 HOH A O   1 
HETATM 1134 O  O   . HOH D 4 .   ? -13.054 -9.841  -1.225  1.00 16.01 ? 226 HOH A O   1 
HETATM 1135 O  O   . HOH D 4 .   ? -10.290 -5.557  7.055   1.00 11.98 ? 227 HOH A O   1 
HETATM 1136 O  O   . HOH D 4 .   ? -6.546  -13.736 8.455   1.00 18.98 ? 228 HOH A O   1 
HETATM 1137 O  O   . HOH D 4 .   ? 6.156   2.930   -22.662 1.00 14.80 ? 229 HOH A O   1 
HETATM 1138 O  O   . HOH D 4 .   ? -5.426  -13.059 4.084   1.00 13.95 ? 230 HOH A O   1 
HETATM 1139 O  O   . HOH D 4 .   ? -12.984 -5.281  7.708   1.00 18.53 ? 231 HOH A O   1 
HETATM 1140 O  O   . HOH D 4 .   ? -8.024  -6.320  8.334   1.00 10.80 ? 233 HOH A O   1 
HETATM 1141 O  O   . HOH D 4 .   ? -0.654  -10.567 3.236   1.00 13.50 ? 234 HOH A O   1 
HETATM 1142 O  O   . HOH D 4 .   ? 0.952   -4.943  14.573  1.00 14.96 ? 237 HOH A O   1 
HETATM 1143 O  O   . HOH D 4 .   ? 13.280  -4.310  -1.941  1.00 19.62 ? 239 HOH A O   1 
HETATM 1144 O  O   . HOH D 4 .   ? 13.494  -6.391  0.126   1.00 14.20 ? 241 HOH A O   1 
HETATM 1145 O  O   . HOH D 4 .   ? 1.958   -9.305  -12.597 1.00 20.78 ? 243 HOH A O   1 
HETATM 1146 O  O   . HOH D 4 .   ? -5.613  -4.881  -2.804  1.00 12.36 ? 244 HOH A O   1 
HETATM 1147 O  O   . HOH D 4 .   ? -1.209  15.166  2.926   1.00 23.89 ? 245 HOH A O   1 
HETATM 1148 O  O   . HOH D 4 .   ? -0.072  -4.791  -15.434 1.00 21.27 ? 246 HOH A O   1 
HETATM 1149 O  O   . HOH D 4 .   ? 9.415   -3.978  -17.398 1.00 22.09 ? 247 HOH A O   1 
HETATM 1150 O  O   . HOH D 4 .   ? 10.838  -1.362  -12.715 1.00 23.36 ? 248 HOH A O   1 
HETATM 1151 O  O   . HOH D 4 .   ? 13.446  5.686   -8.827  1.00 19.66 ? 249 HOH A O   1 
HETATM 1152 O  O   . HOH D 4 .   ? 9.377   6.664   -14.040 1.00 12.62 ? 250 HOH A O   1 
HETATM 1153 O  O   . HOH D 4 .   ? 6.820   -1.409  -9.420  1.00 11.44 ? 251 HOH A O   1 
HETATM 1154 O  O   . HOH D 4 .   ? -10.893 6.153   7.352   1.00 14.52 ? 252 HOH A O   1 
HETATM 1155 O  O   . HOH D 4 .   ? -10.743 11.648  15.607  1.00 21.55 ? 253 HOH A O   1 
HETATM 1156 O  O   . HOH D 4 .   ? -15.449 7.256   6.427   1.00 26.15 ? 254 HOH A O   1 
HETATM 1157 O  O   . HOH D 4 .   ? 15.143  4.523   -3.980  1.00 13.53 ? 256 HOH A O   1 
HETATM 1158 O  O   . HOH D 4 .   ? -10.099 12.476  3.416   1.00 21.11 ? 257 HOH A O   1 
HETATM 1159 O  O   . HOH D 4 .   ? -3.069  12.987  0.983   1.00 18.16 ? 258 HOH A O   1 
HETATM 1160 O  O   . HOH D 4 .   ? 16.672  2.131   -6.851  1.00 15.65 ? 259 HOH A O   1 
HETATM 1161 O  O   . HOH D 4 .   ? 15.011  -3.267  -3.642  1.00 20.55 ? 260 HOH A O   1 
HETATM 1162 O  O   . HOH D 4 .   ? 10.455  -2.913  5.319   1.00 8.84  ? 261 HOH A O   1 
HETATM 1163 O  O   . HOH D 4 .   ? 11.494  3.679   5.544   1.00 15.90 ? 262 HOH A O   1 
HETATM 1164 O  O   . HOH D 4 .   ? 13.443  0.311   -5.874  1.00 7.29  ? 263 HOH A O   1 
HETATM 1165 O  O   . HOH D 4 .   ? 9.314   -0.344  5.014   1.00 11.56 ? 264 HOH A O   1 
HETATM 1166 O  O   . HOH D 4 .   ? 11.894  6.496   5.200   1.00 15.23 ? 265 HOH A O   1 
HETATM 1167 O  O   . HOH D 4 .   ? 9.267   7.231   5.115   1.00 7.50  ? 266 HOH A O   1 
HETATM 1168 O  O   . HOH D 4 .   ? 8.648   9.875   5.781   1.00 14.87 ? 267 HOH A O   1 
HETATM 1169 O  O   . HOH D 4 .   ? -0.448  15.711  11.376  1.00 15.13 ? 268 HOH A O   1 
HETATM 1170 O  O   . HOH D 4 .   ? 3.249   12.210  -3.040  1.00 18.44 ? 269 HOH A O   1 
HETATM 1171 O  O   . HOH D 4 .   ? -14.268 10.830  14.422  1.00 23.43 ? 270 HOH A O   1 
HETATM 1172 O  O   . HOH D 4 .   ? 15.260  -8.017  10.246  1.00 24.37 ? 271 HOH A O   1 
HETATM 1173 O  O   . HOH D 4 .   ? -12.055 9.059   17.651  1.00 22.36 ? 272 HOH A O   1 
HETATM 1174 O  O   . HOH D 4 .   ? -9.055  6.710   19.215  1.00 22.76 ? 274 HOH A O   1 
HETATM 1175 O  O   . HOH D 4 .   ? -11.198 2.942   14.354  1.00 24.41 ? 275 HOH A O   1 
HETATM 1176 O  O   . HOH D 4 .   ? -6.156  9.178   -8.937  1.00 21.51 ? 277 HOH A O   1 
HETATM 1177 O  O   . HOH D 4 .   ? 2.870   -6.984  -16.489 1.00 24.13 ? 278 HOH A O   1 
HETATM 1178 O  O   . HOH D 4 .   ? 4.483   -1.275  -22.302 1.00 28.03 ? 279 HOH A O   1 
HETATM 1179 O  O   . HOH D 4 .   ? -2.169  -6.383  13.304  1.00 11.39 ? 280 HOH A O   1 
HETATM 1180 O  O   . HOH D 4 .   ? -3.450  -4.845  15.363  1.00 13.35 ? 281 HOH A O   1 
HETATM 1181 O  O   . HOH D 4 .   ? 2.536   -10.723 -10.147 1.00 16.83 ? 282 HOH A O   1 
HETATM 1182 O  O   . HOH D 4 .   ? -3.938  -14.651 -10.257 1.00 22.42 ? 283 HOH A O   1 
HETATM 1183 O  O   . HOH D 4 .   ? 11.518  1.259   4.429   1.00 14.03 ? 284 HOH A O   1 
HETATM 1184 O  O   . HOH D 4 .   ? 14.010  -0.027  1.050   1.00 21.68 ? 285 HOH A O   1 
HETATM 1185 O  O   . HOH D 4 .   ? 4.323   -12.650 -2.558  1.00 17.70 ? 286 HOH A O   1 
HETATM 1186 O  O   . HOH D 4 .   ? -1.827  1.228   -16.961 1.00 26.82 ? 287 HOH A O   1 
HETATM 1187 O  O   . HOH D 4 .   ? 8.150   1.103   -23.120 1.00 22.87 ? 288 HOH A O   1 
HETATM 1188 O  O   . HOH D 4 .   ? 11.183  -1.839  -15.460 1.00 21.72 ? 289 HOH A O   1 
HETATM 1189 O  O   . HOH D 4 .   ? 10.868  -8.662  -3.146  1.00 20.52 ? 290 HOH A O   1 
HETATM 1190 O  O   . HOH D 4 .   ? 12.514  -2.773  -11.316 1.00 24.27 ? 291 HOH A O   1 
HETATM 1191 O  O   . HOH D 4 .   ? 8.768   10.958  -12.122 1.00 16.78 ? 292 HOH A O   1 
HETATM 1192 O  O   . HOH D 4 .   ? 10.754  9.436   -7.143  1.00 23.35 ? 293 HOH A O   1 
HETATM 1193 O  O   . HOH D 4 .   ? 12.262  8.322   -2.685  1.00 21.10 ? 294 HOH A O   1 
HETATM 1194 O  O   . HOH D 4 .   ? 13.321  1.462   -13.097 1.00 15.60 ? 295 HOH A O   1 
HETATM 1195 O  O   . HOH D 4 .   ? 10.965  -4.492  -9.857  1.00 21.47 ? 296 HOH A O   1 
HETATM 1196 O  O   . HOH D 4 .   ? -12.364 0.276   11.084  1.00 22.36 ? 297 HOH A O   1 
HETATM 1197 O  O   . HOH D 4 .   ? -16.374 -8.329  -0.276  1.00 21.74 ? 300 HOH A O   1 
HETATM 1198 O  O   . HOH D 4 .   ? 3.927   -14.909 -1.089  1.00 18.93 ? 301 HOH A O   1 
HETATM 1199 O  O   . HOH D 4 .   ? 8.214   9.958   -7.722  1.00 20.51 ? 302 HOH A O   1 
HETATM 1200 O  O   . HOH D 4 .   ? 15.524  -5.285  -5.428  1.00 17.43 ? 304 HOH A O   1 
HETATM 1201 O  O   . HOH D 4 .   ? 15.907  6.130   4.685   1.00 17.44 ? 305 HOH A O   1 
HETATM 1202 O  O   . HOH D 4 .   ? 13.852  7.335   3.553   1.00 17.50 ? 306 HOH A O   1 
HETATM 1203 O  O   . HOH D 4 .   ? 13.813  -5.165  14.142  1.00 19.31 ? 308 HOH A O   1 
HETATM 1204 O  O   . HOH D 4 .   ? 6.065   -10.115 -1.224  1.00 21.51 ? 310 HOH A O   1 
HETATM 1205 O  O   . HOH D 4 .   ? 15.148  7.258   -3.702  1.00 21.20 ? 311 HOH A O   1 
HETATM 1206 O  O   . HOH D 4 .   ? 0.195   7.590   -13.885 1.00 22.89 ? 313 HOH A O   1 
HETATM 1207 O  O   . HOH D 4 .   ? -10.522 3.462   -1.587  1.00 26.25 ? 314 HOH A O   1 
HETATM 1208 O  O   . HOH D 4 .   ? -4.490  7.762   17.453  1.00 24.43 ? 315 HOH A O   1 
HETATM 1209 O  O   . HOH D 4 .   ? 15.964  -0.091  4.874   1.00 17.26 ? 316 HOH A O   1 
HETATM 1210 O  O   . HOH D 4 .   ? -2.845  10.067  15.163  1.00 26.36 ? 317 HOH A O   1 
HETATM 1211 O  O   . HOH D 4 .   ? 7.858   -10.675 4.626   1.00 17.52 ? 318 HOH A O   1 
HETATM 1212 O  O   . HOH D 4 .   ? -7.564  1.268   -0.324  1.00 16.46 ? 319 HOH A O   1 
HETATM 1213 O  O   . HOH D 4 .   ? 13.473  -0.482  3.711   1.00 18.36 ? 320 HOH A O   1 
HETATM 1214 O  O   . HOH D 4 .   ? -1.528  7.020   15.390  1.00 22.28 ? 322 HOH A O   1 
HETATM 1215 O  O   . HOH D 4 .   ? -10.808 13.006  6.653   1.00 20.52 ? 324 HOH A O   1 
HETATM 1216 O  O   . HOH D 4 .   ? -0.735  14.560  16.645  1.00 21.51 ? 325 HOH A O   1 
HETATM 1217 O  O   . HOH D 4 .   ? -5.973  19.439  15.397  1.00 14.46 ? 326 HOH A O   1 
HETATM 1218 O  O   . HOH D 4 .   ? 12.582  -9.949  7.759   1.00 15.33 ? 327 HOH A O   1 
HETATM 1219 O  O   . HOH D 4 .   ? 12.725  -6.217  -6.288  1.00 25.53 ? 328 HOH A O   1 
HETATM 1220 O  O   . HOH D 4 .   ? -5.092  16.479  15.247  1.00 16.60 ? 329 HOH A O   1 
HETATM 1221 O  O   . HOH D 4 .   ? 9.127   -8.135  10.396  1.00 24.14 ? 330 HOH A O   1 
HETATM 1222 O  O   . HOH D 4 .   ? -14.592 -1.159  9.519   1.00 25.93 ? 331 HOH A O   1 
HETATM 1223 O  O   . HOH D 4 .   ? 3.061   -5.279  16.388  1.00 21.56 ? 332 HOH A O   1 
HETATM 1224 O  O   . HOH D 4 .   ? -4.519  17.162  12.670  1.00 27.90 ? 334 HOH A O   1 
HETATM 1225 O  O   . HOH D 4 .   ? 17.546  3.777   -2.842  1.00 23.04 ? 335 HOH A O   1 
HETATM 1226 O  O   . HOH D 4 .   ? 21.113  -0.139  -6.737  1.00 24.82 ? 402 HOH A O   1 
HETATM 1227 O  O   . HOH D 4 .   ? 8.195   18.452  5.647   1.00 28.07 ? 403 HOH A O   1 
HETATM 1228 O  O   . HOH D 4 .   ? 0.919   13.287  -3.632  1.00 22.55 ? 405 HOH A O   1 
HETATM 1229 O  O   . HOH D 4 .   ? 7.030   10.281  -10.260 1.00 18.42 ? 406 HOH A O   1 
HETATM 1230 O  O   . HOH D 4 .   ? -6.922  -3.061  -10.234 1.00 20.69 ? 407 HOH A O   1 
HETATM 1231 O  O   . HOH D 4 .   ? 14.996  -12.369 4.226   1.00 25.97 ? 408 HOH A O   1 
HETATM 1232 O  O   . HOH D 4 .   ? 17.682  -3.321  4.827   1.00 26.75 ? 409 HOH A O   1 
HETATM 1233 O  O   . HOH D 4 .   ? 17.876  -1.533  2.605   1.00 27.34 ? 410 HOH A O   1 
HETATM 1234 O  O   . HOH D 4 .   ? 16.584  2.982   1.829   1.00 24.36 ? 411 HOH A O   1 
HETATM 1235 O  O   . HOH D 4 .   ? -1.559  -10.143 7.528   1.00 22.90 ? 412 HOH A O   1 
HETATM 1236 O  O   . HOH D 4 .   ? -3.300  -12.046 7.227   1.00 24.33 ? 413 HOH A O   1 
HETATM 1237 O  O   . HOH D 4 .   ? -12.966 -14.440 2.726   1.00 22.41 ? 414 HOH A O   1 
HETATM 1238 O  O   . HOH D 4 .   ? -12.616 13.268  2.940   1.00 23.63 ? 415 HOH A O   1 
HETATM 1239 O  O   . HOH D 4 .   ? -4.318  17.588  8.836   1.00 22.18 ? 416 HOH A O   1 
HETATM 1240 O  O   . HOH D 4 .   ? -0.074  12.470  -6.177  1.00 22.05 ? 417 HOH A O   1 
HETATM 1241 O  O   . HOH D 4 .   ? -11.485 -1.491  -5.816  1.00 23.87 ? 418 HOH A O   1 
HETATM 1242 O  O   . HOH D 4 .   ? -5.899  1.229   -10.601 1.00 26.37 ? 419 HOH A O   1 
HETATM 1243 O  O   . HOH D 4 .   ? -13.703 2.359   1.951   1.00 28.96 ? 420 HOH A O   1 
HETATM 1244 O  O   . HOH D 4 .   ? -14.232 6.179   1.602   1.00 26.72 ? 421 HOH A O   1 
HETATM 1245 O  O   . HOH D 4 .   ? 0.262   3.426   15.137  1.00 25.94 ? 422 HOH A O   1 
HETATM 1246 O  O   . HOH D 4 .   ? 5.291   -8.206  -13.378 1.00 23.75 ? 423 HOH A O   1 
HETATM 1247 O  O   . HOH D 4 .   ? -11.921 -13.207 -3.003  1.00 18.38 ? 424 HOH A O   1 
HETATM 1248 O  O   . HOH D 4 .   ? -10.171 -16.244 -5.020  1.00 24.68 ? 425 HOH A O   1 
HETATM 1249 O  O   . HOH D 4 .   ? 1.056   -8.515  -2.114  1.00 19.89 ? 426 HOH A O   1 
HETATM 1250 O  O   . HOH D 4 .   ? 12.220  4.243   2.585   1.00 23.23 ? 427 HOH A O   1 
HETATM 1251 O  O   . HOH D 4 .   ? 17.193  -4.369  -1.610  1.00 28.04 ? 428 HOH A O   1 
HETATM 1252 O  O   . HOH D 4 .   ? -7.966  -10.972 -10.775 1.00 27.31 ? 429 HOH A O   1 
HETATM 1253 O  O   . HOH D 4 .   ? 2.983   -8.936  -0.086  1.00 16.30 ? 430 HOH A O   1 
HETATM 1254 O  O   . HOH D 4 .   ? 4.887   -12.713 6.903   1.00 23.76 ? 431 HOH A O   1 
HETATM 1255 O  O   . HOH D 4 .   ? 2.081   -10.028 2.109   1.00 14.41 ? 432 HOH A O   1 
HETATM 1256 O  O   . HOH D 4 .   ? 1.062   14.332  4.226   1.00 13.66 ? 433 HOH A O   1 
HETATM 1257 O  O   . HOH D 4 .   ? 1.993   18.383  1.798   1.00 28.93 ? 435 HOH A O   1 
HETATM 1258 O  O   . HOH D 4 .   ? -1.186  -9.646  10.266  1.00 26.55 ? 436 HOH A O   1 
HETATM 1259 O  O   . HOH D 4 .   ? -1.338  18.385  10.279  1.00 23.40 ? 437 HOH A O   1 
HETATM 1260 O  O   . HOH D 4 .   ? -7.128  16.608  11.826  1.00 27.46 ? 438 HOH A O   1 
HETATM 1261 O  O   . HOH D 4 .   ? -0.521  15.926  14.075  1.00 24.62 ? 439 HOH A O   1 
HETATM 1262 O  O   . HOH D 4 .   ? -1.880  18.767  14.349  1.00 24.78 ? 440 HOH A O   1 
HETATM 1263 O  O   . HOH D 4 .   ? 3.027   16.051  3.649   1.00 22.68 ? 441 HOH A O   1 
HETATM 1264 O  O   . HOH D 4 .   ? 15.431  4.648   -6.843  1.00 23.12 ? 442 HOH A O   1 
HETATM 1265 O  O   . HOH D 4 .   ? 18.601  7.701   -1.708  1.00 31.69 ? 443 HOH A O   1 
HETATM 1266 O  O   . HOH D 4 .   ? 14.573  -2.560  -0.130  1.00 21.35 ? 444 HOH A O   1 
HETATM 1267 O  O   . HOH D 4 .   ? -8.693  15.149  4.778   1.00 27.35 ? 445 HOH A O   1 
HETATM 1268 O  O   . HOH D 4 .   ? 9.871   9.337   -13.963 1.00 19.26 ? 446 HOH A O   1 
HETATM 1269 O  O   . HOH D 4 .   ? 7.076   12.712  -13.683 1.00 20.12 ? 447 HOH A O   1 
HETATM 1270 O  O   . HOH D 4 .   ? 2.396   12.225  -14.177 1.00 27.25 ? 448 HOH A O   1 
HETATM 1271 O  O   . HOH D 4 .   ? 4.539   12.889  -12.754 1.00 22.22 ? 449 HOH A O   1 
HETATM 1272 O  O   . HOH D 4 .   ? 15.662  12.421  -8.100  1.00 31.90 ? 450 HOH A O   1 
HETATM 1273 O  O   . HOH D 4 .   ? 10.570  12.025  -10.522 1.00 27.98 ? 451 HOH A O   1 
HETATM 1274 O  O   . HOH D 4 .   ? 14.650  -0.889  -13.016 1.00 20.29 ? 452 HOH A O   1 
HETATM 1275 O  O   . HOH D 4 .   ? 18.439  -1.760  6.677   1.00 27.72 ? 453 HOH A O   1 
HETATM 1276 O  O   . HOH D 4 .   ? 19.582  -2.749  8.937   1.00 26.62 ? 454 HOH A O   1 
HETATM 1277 O  O   . HOH D 4 .   ? 19.857  -4.541  10.913  1.00 29.73 ? 455 HOH A O   1 
HETATM 1278 O  O   . HOH D 4 .   ? 5.270   -11.199 4.822   1.00 21.40 ? 456 HOH A O   1 
HETATM 1279 O  O   . HOH D 4 .   ? 3.690   -12.125 2.698   1.00 20.81 ? 457 HOH A O   1 
HETATM 1280 O  O   . HOH D 4 .   ? 1.717   -13.993 3.012   1.00 23.24 ? 458 HOH A O   1 
HETATM 1281 O  O   . HOH D 4 .   ? -0.446  -12.967 4.520   1.00 21.02 ? 459 HOH A O   1 
HETATM 1282 O  O   . HOH D 4 .   ? -3.064  -13.751 5.240   1.00 19.26 ? 460 HOH A O   1 
HETATM 1283 O  O   . HOH D 4 .   ? 1.827   -15.973 1.210   1.00 28.01 ? 461 HOH A O   1 
HETATM 1284 O  O   . HOH D 4 .   ? -10.572 1.093   -6.090  1.00 22.47 ? 462 HOH A O   1 
HETATM 1285 O  O   . HOH D 4 .   ? -9.603  2.816   -4.227  1.00 23.79 ? 463 HOH A O   1 
HETATM 1286 O  O   . HOH D 4 .   ? -4.642  14.476  -2.883  1.00 28.35 ? 464 HOH A O   1 
HETATM 1287 O  O   . HOH D 4 .   ? -8.484  11.915  -3.564  1.00 25.75 ? 465 HOH A O   1 
HETATM 1288 O  O   . HOH D 4 .   ? -5.008  11.742  16.662  1.00 25.27 ? 466 HOH A O   1 
HETATM 1289 O  O   . HOH D 4 .   ? 9.300   -9.979  0.096   1.00 22.39 ? 467 HOH A O   1 
HETATM 1290 O  O   . HOH D 4 .   ? -3.762  -10.094 -11.926 1.00 30.53 ? 468 HOH A O   1 
HETATM 1291 O  O   . HOH D 4 .   ? 4.510   22.201  13.757  1.00 32.45 ? 469 HOH A O   1 
# 
